data_6YSG
#
_entry.id   6YSG
#
_cell.length_a   321.119
_cell.length_b   321.119
_cell.length_c   104.966
_cell.angle_alpha   90.000
_cell.angle_beta   90.000
_cell.angle_gamma   120.000
#
_symmetry.space_group_name_H-M   'H 3'
#
loop_
_entity.id
_entity.type
_entity.pdbx_description
1 polymer 'Mg-chelatase subunit ChlH'
2 non-polymer 'CITRIC ACID'
3 water water
#
_entity_poly.entity_id   1
_entity_poly.type   'polypeptide(L)'
_entity_poly.pdbx_seq_one_letter_code
;MGSSHHHHHHSSGLVPRGSHMFTNVKSTIRRVDPEALNGRQLLKVVYVVLESQYQSALSAAVRNINRTNSSLAIQLTGYL
IEELRDPENYANFKHDVSEANLFIASLIFIEDLADKVVEAVTPYRDNLDAAIVFPSMPQVMRLNKMGSFSMAQLGQSKSA
IAQFMKKRKENSSGAGFQDAMLKLLRTLPTVLKYLPVEKAQDARNFMLSFQYWLGGSQENLENFLLMLTDKYVYPDLGLD
KLVNYQEPVVYPDMGIWHPLSMQMFENVKDYLEWYNQRPDISEDLKDPLAPCIGLIMQRTHLVTGDDAHYVGMVQELEAM
GARVICVFSGGLDFSKPVNEYFWDKSVNGVEPLPIVDAVVSLTGFALVGGPARQDHPRAIESLKKLNRPYMCALPLVFQT
TEEWEASDLGLHPIQVALQIAIPELDGAIEPIILSGRDGSTGRAIALQDRLEAIAQRAMKWANLRKKPKLDKKVAITVFS
FPPDKGNVGTAAYLDVFGSIYEVMKGLQGNGYDVQDLPGSAKELMEAVIHDAQAQYNSPELNIAHRMSVEQYERLTPYSV
RLEENWGKPPGHLNSDGQNLLIYGKEFGNVFIGVQPTFGYEGDPMRLLFSRSASPHHGFAAYYTYLNHIWKADAVLHFGT
HGSLEFMPGKQMGMSGECYPDNLIGTIPNLYYYAANNPSEATIAKRRGYASTISYLTPPAENAGLYKGLQELNELIGSYQ
TLKDSGRGIQIVNTIMDQARICNLDQDVNLPDINAEEMDQGQRDTIVGSVYRKLMEIESRLLPCGLHVIGQPPSAEEAIA
TLVNIASLDREDEGIWALPTLIAESIGRNMEEIYRNSDKGILADVELLQDITLATRAAVAALVQEQINADGRVSFVSKLN
FFKIGKKAPWVKSLCDSGYPNVNEEKLKPLFEYLEFCLEQVCADNEFGGLLQALEGEYVLPGPGGDPIRNPNVLPTGKNI
HALDPQSIPTLAAVQSAKVVVDRLLERQRAENGGNYPETIASVLWGTDNIKTYGESLAQIMWMVGAKPVPDALGRVNKIE
LVPLEELGRPRIDVVVNCSGVFRDLFINQMNLLDQAVKLAAEADEPLEMNFVRKHALEQAEEMGIGVREAATRIFSNASG
SYSSNVNLAVENSSWEDESELQEMYLKRKSFAFNSDNPGMMDQNRDMFERALKTADATFQNLDSSEISLTDVSHYFDSDP
TKLISTLRDDGKAPAAYIADTTTANAQVRTLSETVRLDARTKLLNPKWYEGMLSHGYEGVRELSKRLVNTMGWSATAGAV
DNWVYEDANSTFIKDEEMCKRLMDLNPNSFRRMVSTLLEVNGRGYWETSDENLERLQELYQEVEDRIEGVE
;
_entity_poly.pdbx_strand_id   A,B
#
loop_
_chem_comp.id
_chem_comp.type
_chem_comp.name
_chem_comp.formula
CIT non-polymer 'CITRIC ACID' 'C6 H8 O7'
#
# COMPACT_ATOMS: atom_id res chain seq x y z
N MET A 21 -9.98 -32.25 -36.07
CA MET A 21 -11.23 -32.59 -35.21
C MET A 21 -10.83 -33.57 -34.09
N PHE A 22 -10.28 -34.72 -34.50
CA PHE A 22 -9.72 -35.79 -33.63
C PHE A 22 -8.57 -35.21 -32.80
N THR A 23 -7.82 -34.26 -33.34
CA THR A 23 -6.59 -33.74 -32.66
C THR A 23 -6.81 -32.32 -32.11
N ASN A 24 -7.87 -31.63 -32.54
CA ASN A 24 -8.23 -30.25 -32.09
C ASN A 24 -9.69 -30.20 -31.67
N VAL A 25 -9.97 -29.96 -30.39
CA VAL A 25 -11.37 -29.79 -29.86
C VAL A 25 -11.95 -28.49 -30.39
N LYS A 26 -13.03 -28.56 -31.17
CA LYS A 26 -13.70 -27.40 -31.82
C LYS A 26 -15.15 -27.34 -31.32
N SER A 27 -15.73 -26.15 -31.27
CA SER A 27 -17.10 -25.89 -30.74
C SER A 27 -18.07 -25.63 -31.89
N THR A 28 -19.33 -26.04 -31.71
CA THR A 28 -20.45 -25.74 -32.63
C THR A 28 -21.08 -24.40 -32.25
N ILE A 29 -20.67 -23.79 -31.13
CA ILE A 29 -21.26 -22.50 -30.66
C ILE A 29 -20.40 -21.31 -31.10
N ARG A 30 -21.04 -20.30 -31.68
CA ARG A 30 -20.46 -19.01 -32.16
C ARG A 30 -20.88 -17.87 -31.21
N ARG A 31 -21.94 -18.09 -30.45
CA ARG A 31 -22.71 -17.05 -29.73
C ARG A 31 -22.75 -17.40 -28.25
N VAL A 32 -22.22 -16.52 -27.40
CA VAL A 32 -22.34 -16.64 -25.91
C VAL A 32 -23.18 -15.46 -25.42
N ASP A 33 -24.25 -15.76 -24.67
CA ASP A 33 -25.17 -14.76 -24.06
C ASP A 33 -25.19 -14.96 -22.56
N PRO A 34 -25.29 -13.87 -21.79
CA PRO A 34 -25.38 -14.01 -20.33
C PRO A 34 -26.75 -14.63 -20.11
N GLU A 35 -26.89 -15.50 -19.10
CA GLU A 35 -28.16 -16.22 -18.87
C GLU A 35 -29.21 -15.24 -18.33
N ALA A 36 -28.76 -14.20 -17.63
CA ALA A 36 -29.63 -13.16 -17.02
C ALA A 36 -28.80 -11.91 -16.70
N LEU A 37 -29.14 -10.77 -17.32
CA LEU A 37 -28.51 -9.45 -17.06
C LEU A 37 -28.54 -9.10 -15.57
N ASN A 38 -29.71 -9.18 -14.92
CA ASN A 38 -29.95 -8.63 -13.55
C ASN A 38 -29.71 -7.11 -13.62
N GLY A 39 -28.90 -6.53 -12.72
CA GLY A 39 -28.66 -5.07 -12.65
C GLY A 39 -27.65 -4.60 -13.70
N ARG A 40 -26.87 -5.52 -14.25
CA ARG A 40 -25.53 -5.27 -14.86
C ARG A 40 -25.66 -4.57 -16.22
N GLN A 41 -24.60 -3.85 -16.60
CA GLN A 41 -24.39 -3.27 -17.95
C GLN A 41 -24.09 -4.39 -18.96
N LEU A 42 -24.62 -4.29 -20.19
CA LEU A 42 -24.29 -5.23 -21.31
C LEU A 42 -23.20 -4.65 -22.23
N LEU A 43 -22.11 -5.40 -22.45
CA LEU A 43 -21.09 -5.13 -23.50
C LEU A 43 -21.33 -6.06 -24.69
N LYS A 44 -21.30 -5.53 -25.91
CA LYS A 44 -21.60 -6.33 -27.12
C LYS A 44 -20.33 -6.45 -27.96
N VAL A 45 -19.91 -7.68 -28.20
CA VAL A 45 -18.61 -7.97 -28.87
C VAL A 45 -18.91 -8.88 -30.05
N VAL A 46 -18.49 -8.43 -31.21
CA VAL A 46 -18.41 -9.25 -32.44
C VAL A 46 -16.94 -9.52 -32.70
N TYR A 47 -16.59 -10.74 -33.13
CA TYR A 47 -15.21 -11.09 -33.54
C TYR A 47 -15.24 -11.83 -34.89
N VAL A 48 -14.21 -11.64 -35.68
CA VAL A 48 -13.90 -12.39 -36.93
C VAL A 48 -12.48 -12.91 -36.77
N VAL A 49 -12.26 -14.23 -36.91
CA VAL A 49 -10.95 -14.84 -36.59
C VAL A 49 -10.77 -16.09 -37.45
N LEU A 50 -9.54 -16.62 -37.56
CA LEU A 50 -9.21 -17.84 -38.34
C LEU A 50 -8.88 -19.02 -37.40
N GLU A 51 -8.43 -18.73 -36.16
CA GLU A 51 -8.01 -19.73 -35.13
C GLU A 51 -9.20 -20.15 -34.26
N SER A 52 -9.47 -21.46 -34.18
CA SER A 52 -10.50 -22.11 -33.32
C SER A 52 -10.19 -21.85 -31.84
N GLN A 53 -8.90 -21.73 -31.48
CA GLN A 53 -8.45 -21.61 -30.07
C GLN A 53 -8.83 -20.23 -29.53
N TYR A 54 -8.63 -19.17 -30.32
CA TYR A 54 -9.02 -17.78 -29.95
C TYR A 54 -10.54 -17.66 -29.89
N GLN A 55 -11.27 -18.35 -30.78
CA GLN A 55 -12.76 -18.42 -30.70
C GLN A 55 -13.16 -18.96 -29.33
N SER A 56 -12.66 -20.14 -28.98
CA SER A 56 -13.09 -20.86 -27.75
C SER A 56 -12.53 -20.15 -26.51
N ALA A 57 -11.38 -19.47 -26.58
CA ALA A 57 -10.77 -18.78 -25.42
C ALA A 57 -11.62 -17.54 -25.06
N LEU A 58 -12.00 -16.74 -26.06
CA LEU A 58 -12.96 -15.62 -25.91
C LEU A 58 -14.25 -16.15 -25.26
N SER A 59 -14.86 -17.19 -25.81
CA SER A 59 -16.06 -17.83 -25.21
C SER A 59 -15.83 -18.13 -23.74
N ALA A 60 -14.67 -18.70 -23.41
CA ALA A 60 -14.39 -19.15 -22.04
C ALA A 60 -14.25 -17.92 -21.15
N ALA A 61 -13.61 -16.88 -21.68
CA ALA A 61 -13.36 -15.58 -21.03
C ALA A 61 -14.71 -14.89 -20.78
N VAL A 62 -15.48 -14.66 -21.84
CA VAL A 62 -16.85 -14.05 -21.76
C VAL A 62 -17.69 -14.83 -20.74
N ARG A 63 -17.70 -16.15 -20.86
CA ARG A 63 -18.56 -17.07 -20.09
C ARG A 63 -18.17 -16.98 -18.60
N ASN A 64 -16.89 -16.79 -18.27
CA ASN A 64 -16.42 -16.64 -16.87
C ASN A 64 -16.88 -15.29 -16.30
N ILE A 65 -16.70 -14.21 -17.08
CA ILE A 65 -17.11 -12.85 -16.68
C ILE A 65 -18.62 -12.86 -16.37
N ASN A 66 -19.44 -13.46 -17.24
CA ASN A 66 -20.92 -13.50 -17.10
C ASN A 66 -21.28 -14.16 -15.76
N ARG A 67 -20.55 -15.18 -15.28
CA ARG A 67 -20.97 -15.98 -14.11
C ARG A 67 -20.42 -15.40 -12.81
N THR A 68 -19.36 -14.56 -12.84
CA THR A 68 -18.64 -14.07 -11.62
C THR A 68 -18.90 -12.57 -11.35
N ASN A 69 -18.84 -11.73 -12.38
CA ASN A 69 -18.75 -10.25 -12.24
C ASN A 69 -20.17 -9.68 -12.12
N SER A 70 -20.40 -8.75 -11.19
CA SER A 70 -21.75 -8.35 -10.70
C SER A 70 -22.18 -6.95 -11.19
N SER A 71 -21.39 -6.28 -12.02
CA SER A 71 -21.80 -5.02 -12.70
C SER A 71 -21.77 -5.16 -14.22
N LEU A 72 -20.98 -6.11 -14.76
CA LEU A 72 -20.75 -6.28 -16.22
C LEU A 72 -21.26 -7.66 -16.69
N ALA A 73 -21.92 -7.69 -17.85
CA ALA A 73 -22.25 -8.91 -18.63
C ALA A 73 -21.86 -8.66 -20.08
N ILE A 74 -21.46 -9.72 -20.80
CA ILE A 74 -20.96 -9.63 -22.20
C ILE A 74 -21.79 -10.59 -23.06
N GLN A 75 -22.25 -10.06 -24.20
CA GLN A 75 -22.75 -10.83 -25.36
C GLN A 75 -21.61 -10.90 -26.36
N LEU A 76 -21.32 -12.11 -26.87
CA LEU A 76 -20.24 -12.40 -27.85
C LEU A 76 -20.87 -13.10 -29.05
N THR A 77 -20.70 -12.54 -30.24
CA THR A 77 -21.15 -13.18 -31.50
C THR A 77 -19.93 -13.16 -32.38
N GLY A 78 -19.73 -14.17 -33.20
CA GLY A 78 -18.58 -14.19 -34.11
C GLY A 78 -18.62 -15.35 -35.07
N TYR A 79 -17.81 -15.23 -36.11
CA TYR A 79 -17.67 -16.22 -37.19
C TYR A 79 -16.17 -16.42 -37.38
N LEU A 80 -15.76 -17.66 -37.63
CA LEU A 80 -14.50 -17.96 -38.33
C LEU A 80 -14.64 -17.29 -39.71
N ILE A 81 -13.55 -16.75 -40.28
CA ILE A 81 -13.65 -15.81 -41.44
C ILE A 81 -14.44 -16.48 -42.58
N GLU A 82 -14.12 -17.75 -42.88
CA GLU A 82 -14.70 -18.61 -43.95
C GLU A 82 -16.23 -18.63 -43.85
N GLU A 83 -16.80 -18.57 -42.66
CA GLU A 83 -18.27 -18.69 -42.44
C GLU A 83 -19.01 -17.48 -43.05
N LEU A 84 -18.29 -16.39 -43.39
CA LEU A 84 -18.95 -15.17 -43.96
C LEU A 84 -19.25 -15.38 -45.46
N ARG A 85 -18.79 -16.50 -46.06
CA ARG A 85 -19.04 -16.89 -47.48
C ARG A 85 -20.56 -17.03 -47.72
N ASP A 86 -21.27 -17.73 -46.84
CA ASP A 86 -22.76 -17.85 -46.86
C ASP A 86 -23.40 -16.49 -46.59
N PRO A 87 -24.58 -16.18 -47.18
CA PRO A 87 -25.27 -14.92 -46.91
C PRO A 87 -26.15 -15.02 -45.65
N GLU A 88 -26.51 -16.25 -45.28
CA GLU A 88 -27.14 -16.60 -43.97
C GLU A 88 -26.33 -15.92 -42.86
N ASN A 89 -25.04 -16.25 -42.80
CA ASN A 89 -24.07 -15.75 -41.80
C ASN A 89 -23.86 -14.24 -42.02
N TYR A 90 -23.27 -13.84 -43.15
CA TYR A 90 -22.85 -12.44 -43.44
C TYR A 90 -23.93 -11.42 -43.00
N ALA A 91 -25.20 -11.81 -43.01
CA ALA A 91 -26.35 -10.91 -42.75
C ALA A 91 -26.48 -10.61 -41.25
N ASN A 92 -26.42 -11.65 -40.42
CA ASN A 92 -26.42 -11.56 -38.93
C ASN A 92 -25.16 -10.82 -38.46
N PHE A 93 -24.01 -11.09 -39.09
CA PHE A 93 -22.72 -10.39 -38.85
C PHE A 93 -22.93 -8.88 -38.96
N LYS A 94 -23.43 -8.42 -40.12
CA LYS A 94 -23.76 -6.98 -40.38
C LYS A 94 -24.61 -6.43 -39.23
N HIS A 95 -25.67 -7.15 -38.85
CA HIS A 95 -26.64 -6.70 -37.81
C HIS A 95 -25.96 -6.66 -36.42
N ASP A 96 -25.04 -7.60 -36.18
CA ASP A 96 -24.28 -7.71 -34.90
C ASP A 96 -23.29 -6.55 -34.81
N VAL A 97 -22.59 -6.26 -35.91
CA VAL A 97 -21.66 -5.09 -36.03
C VAL A 97 -22.42 -3.79 -35.71
N SER A 98 -23.66 -3.67 -36.21
CA SER A 98 -24.60 -2.53 -35.99
C SER A 98 -24.78 -2.21 -34.51
N GLU A 99 -24.92 -3.24 -33.65
CA GLU A 99 -25.25 -3.12 -32.19
C GLU A 99 -23.97 -3.18 -31.33
N ALA A 100 -22.80 -3.48 -31.90
CA ALA A 100 -21.56 -3.84 -31.16
C ALA A 100 -20.96 -2.60 -30.48
N ASN A 101 -20.47 -2.77 -29.26
CA ASN A 101 -19.48 -1.88 -28.61
C ASN A 101 -18.08 -2.17 -29.17
N LEU A 102 -17.63 -3.43 -29.10
CA LEU A 102 -16.27 -3.86 -29.55
C LEU A 102 -16.38 -4.70 -30.81
N PHE A 103 -15.56 -4.38 -31.81
CA PHE A 103 -15.29 -5.27 -32.96
C PHE A 103 -13.86 -5.79 -32.81
N ILE A 104 -13.65 -7.10 -33.00
CA ILE A 104 -12.31 -7.74 -32.99
C ILE A 104 -12.18 -8.55 -34.28
N ALA A 105 -10.99 -8.50 -34.88
CA ALA A 105 -10.55 -9.25 -36.09
C ALA A 105 -9.08 -9.64 -35.92
N SER A 106 -8.68 -10.81 -36.40
CA SER A 106 -7.27 -11.29 -36.29
C SER A 106 -7.03 -12.42 -37.27
N LEU A 107 -6.02 -12.25 -38.14
CA LEU A 107 -5.52 -13.28 -39.09
C LEU A 107 -6.52 -13.40 -40.25
N ILE A 108 -6.94 -12.27 -40.81
CA ILE A 108 -7.90 -12.17 -41.95
C ILE A 108 -7.11 -11.85 -43.22
N PHE A 109 -6.76 -12.91 -43.96
CA PHE A 109 -5.87 -12.94 -45.15
C PHE A 109 -6.56 -13.68 -46.33
N ILE A 110 -7.74 -13.16 -46.73
CA ILE A 110 -8.52 -13.56 -47.95
C ILE A 110 -9.15 -12.30 -48.53
N GLU A 111 -8.74 -11.92 -49.76
CA GLU A 111 -9.16 -10.64 -50.44
C GLU A 111 -10.69 -10.52 -50.40
N ASP A 112 -11.37 -11.63 -50.70
CA ASP A 112 -12.84 -11.75 -50.87
C ASP A 112 -13.55 -11.15 -49.65
N LEU A 113 -13.38 -11.77 -48.49
CA LEU A 113 -14.19 -11.55 -47.26
C LEU A 113 -13.72 -10.26 -46.58
N ALA A 114 -12.41 -10.06 -46.51
CA ALA A 114 -11.74 -8.79 -46.13
C ALA A 114 -12.68 -7.61 -46.43
N ASP A 115 -13.16 -7.52 -47.68
CA ASP A 115 -13.94 -6.38 -48.20
C ASP A 115 -15.38 -6.41 -47.66
N LYS A 116 -15.94 -7.60 -47.49
CA LYS A 116 -17.26 -7.79 -46.83
C LYS A 116 -17.19 -7.19 -45.43
N VAL A 117 -16.11 -7.53 -44.70
CA VAL A 117 -15.83 -7.03 -43.31
C VAL A 117 -15.72 -5.50 -43.35
N VAL A 118 -14.92 -4.93 -44.27
CA VAL A 118 -14.72 -3.45 -44.37
C VAL A 118 -16.10 -2.79 -44.56
N GLU A 119 -16.88 -3.28 -45.53
CA GLU A 119 -18.22 -2.72 -45.89
C GLU A 119 -19.11 -2.74 -44.62
N ALA A 120 -19.12 -3.88 -43.93
CA ALA A 120 -19.95 -4.15 -42.73
C ALA A 120 -19.60 -3.17 -41.61
N VAL A 121 -18.30 -2.93 -41.38
CA VAL A 121 -17.78 -2.22 -40.18
C VAL A 121 -17.74 -0.71 -40.45
N THR A 122 -17.27 -0.31 -41.64
CA THR A 122 -16.96 1.10 -42.05
C THR A 122 -18.05 2.08 -41.61
N PRO A 123 -19.36 1.80 -41.85
CA PRO A 123 -20.45 2.66 -41.36
C PRO A 123 -20.46 2.97 -39.85
N TYR A 124 -20.15 1.98 -39.03
CA TYR A 124 -20.33 2.01 -37.56
C TYR A 124 -19.03 2.43 -36.86
N ARG A 125 -17.96 2.71 -37.61
CA ARG A 125 -16.68 3.23 -37.08
C ARG A 125 -16.92 4.20 -35.91
N ASP A 126 -17.88 5.11 -36.04
CA ASP A 126 -18.20 6.13 -34.99
C ASP A 126 -19.06 5.51 -33.87
N ASN A 127 -19.93 4.55 -34.20
CA ASN A 127 -20.77 3.82 -33.20
C ASN A 127 -19.85 3.14 -32.18
N LEU A 128 -18.94 2.27 -32.69
CA LEU A 128 -18.06 1.37 -31.90
C LEU A 128 -17.26 2.17 -30.87
N ASP A 129 -17.37 1.80 -29.60
CA ASP A 129 -16.47 2.33 -28.54
C ASP A 129 -15.02 1.94 -28.83
N ALA A 130 -14.79 0.98 -29.75
CA ALA A 130 -13.43 0.59 -30.21
C ALA A 130 -13.51 -0.50 -31.30
N ALA A 131 -12.51 -0.57 -32.19
CA ALA A 131 -12.33 -1.64 -33.21
C ALA A 131 -10.88 -2.10 -33.24
N ILE A 132 -10.65 -3.36 -32.85
CA ILE A 132 -9.29 -3.94 -32.66
C ILE A 132 -9.05 -4.99 -33.75
N VAL A 133 -8.13 -4.71 -34.67
CA VAL A 133 -7.73 -5.63 -35.77
C VAL A 133 -6.24 -5.95 -35.60
N PHE A 134 -5.96 -7.20 -35.25
CA PHE A 134 -4.61 -7.80 -35.18
C PHE A 134 -4.24 -8.31 -36.57
N PRO A 135 -2.94 -8.35 -36.93
CA PRO A 135 -2.46 -8.73 -38.26
C PRO A 135 -3.46 -9.36 -39.26
N SER A 136 -4.00 -8.51 -40.13
CA SER A 136 -4.84 -8.85 -41.29
C SER A 136 -4.34 -8.09 -42.52
N MET A 137 -4.91 -8.35 -43.69
CA MET A 137 -4.67 -7.57 -44.94
C MET A 137 -4.86 -6.09 -44.61
N PRO A 138 -4.11 -5.17 -45.27
CA PRO A 138 -4.16 -3.74 -44.95
C PRO A 138 -5.56 -3.10 -44.88
N GLN A 139 -6.50 -3.55 -45.71
CA GLN A 139 -7.88 -2.97 -45.81
C GLN A 139 -8.58 -3.05 -44.44
N VAL A 140 -8.37 -4.17 -43.74
CA VAL A 140 -9.03 -4.51 -42.45
C VAL A 140 -8.30 -3.77 -41.32
N MET A 141 -6.97 -3.76 -41.36
CA MET A 141 -6.10 -3.13 -40.34
C MET A 141 -6.46 -1.63 -40.22
N ARG A 142 -6.93 -1.00 -41.31
CA ARG A 142 -7.38 0.43 -41.29
C ARG A 142 -8.69 0.58 -40.50
N LEU A 143 -9.37 -0.49 -40.12
CA LEU A 143 -10.58 -0.41 -39.24
C LEU A 143 -10.16 -0.09 -37.79
N ASN A 144 -8.93 -0.43 -37.41
CA ASN A 144 -8.34 -0.17 -36.07
C ASN A 144 -8.65 1.26 -35.63
N LYS A 145 -9.36 1.37 -34.51
CA LYS A 145 -9.79 2.64 -33.88
C LYS A 145 -9.89 2.39 -32.37
N MET A 146 -9.04 3.05 -31.58
CA MET A 146 -9.08 3.02 -30.09
C MET A 146 -8.90 4.45 -29.58
N GLY A 147 -9.98 5.08 -29.12
CA GLY A 147 -10.06 6.55 -29.00
C GLY A 147 -9.38 7.22 -30.19
N SER A 148 -8.42 8.09 -29.92
CA SER A 148 -7.64 8.90 -30.90
C SER A 148 -6.68 8.06 -31.75
N PHE A 149 -6.40 6.81 -31.39
CA PHE A 149 -5.34 6.01 -32.06
C PHE A 149 -5.96 5.22 -33.22
N SER A 150 -5.29 5.23 -34.38
CA SER A 150 -5.55 4.37 -35.57
C SER A 150 -4.21 3.95 -36.19
N MET A 151 -4.21 3.22 -37.31
CA MET A 151 -2.97 2.82 -38.05
C MET A 151 -2.28 4.04 -38.65
N ALA A 152 -3.01 5.15 -38.84
CA ALA A 152 -2.50 6.43 -39.38
C ALA A 152 -1.35 6.92 -38.50
N GLN A 153 -1.54 6.91 -37.18
CA GLN A 153 -0.59 7.44 -36.16
C GLN A 153 0.44 6.36 -35.78
N LEU A 154 1.21 5.88 -36.76
CA LEU A 154 2.42 5.04 -36.55
C LEU A 154 3.65 5.81 -37.06
N GLY A 155 3.72 7.12 -36.78
CA GLY A 155 4.81 8.03 -37.22
C GLY A 155 5.18 7.79 -38.67
N GLN A 156 6.29 7.05 -38.91
CA GLN A 156 6.73 6.58 -40.26
C GLN A 156 6.96 5.05 -40.24
N SER A 157 6.55 4.37 -39.16
CA SER A 157 6.51 2.89 -39.02
C SER A 157 5.10 2.34 -39.32
N LYS A 158 4.23 3.19 -39.87
CA LYS A 158 2.98 2.78 -40.58
C LYS A 158 3.38 2.09 -41.90
N SER A 159 4.35 2.68 -42.60
CA SER A 159 4.91 2.24 -43.90
C SER A 159 5.51 0.83 -43.78
N ALA A 160 6.34 0.61 -42.76
CA ALA A 160 7.13 -0.63 -42.51
C ALA A 160 6.20 -1.82 -42.29
N ILE A 161 5.33 -1.75 -41.27
CA ILE A 161 4.44 -2.87 -40.82
C ILE A 161 3.37 -3.15 -41.87
N ALA A 162 2.76 -2.11 -42.46
CA ALA A 162 1.69 -2.21 -43.49
C ALA A 162 2.08 -3.24 -44.56
N GLN A 163 3.37 -3.24 -44.95
CA GLN A 163 3.91 -3.99 -46.13
C GLN A 163 4.56 -5.31 -45.70
N PHE A 164 4.97 -5.47 -44.43
CA PHE A 164 5.41 -6.76 -43.83
C PHE A 164 4.19 -7.69 -43.70
N MET A 165 3.03 -7.08 -43.38
CA MET A 165 1.71 -7.76 -43.26
C MET A 165 1.30 -8.32 -44.63
N LYS A 166 1.20 -7.45 -45.66
CA LYS A 166 0.87 -7.82 -47.06
C LYS A 166 1.51 -9.20 -47.37
N LYS A 167 2.75 -9.43 -46.95
CA LYS A 167 3.48 -10.71 -47.10
C LYS A 167 3.04 -11.69 -45.98
N GLN A 178 2.94 -15.27 -36.56
CA GLN A 178 3.44 -15.10 -35.15
C GLN A 178 4.60 -14.10 -35.12
N ASP A 179 5.51 -14.17 -36.10
CA ASP A 179 6.57 -13.16 -36.31
C ASP A 179 5.89 -11.79 -36.50
N ALA A 180 4.97 -11.72 -37.46
CA ALA A 180 4.13 -10.55 -37.79
C ALA A 180 3.56 -9.94 -36.51
N MET A 181 3.05 -10.78 -35.61
CA MET A 181 2.44 -10.30 -34.34
C MET A 181 3.51 -9.55 -33.53
N LEU A 182 4.75 -10.05 -33.54
CA LEU A 182 5.87 -9.53 -32.71
C LEU A 182 6.45 -8.26 -33.34
N LYS A 183 6.55 -8.20 -34.67
CA LYS A 183 7.10 -7.01 -35.37
C LYS A 183 6.27 -5.79 -34.98
N LEU A 184 4.93 -5.89 -34.99
CA LEU A 184 3.99 -4.79 -34.66
C LEU A 184 4.05 -4.45 -33.16
N LEU A 185 4.21 -5.45 -32.31
CA LEU A 185 4.32 -5.28 -30.83
C LEU A 185 5.54 -4.42 -30.50
N ARG A 186 6.71 -4.75 -31.06
CA ARG A 186 8.02 -4.14 -30.71
C ARG A 186 8.16 -2.77 -31.35
N THR A 187 7.42 -2.54 -32.46
CA THR A 187 7.26 -1.22 -33.14
C THR A 187 6.53 -0.21 -32.22
N LEU A 188 5.58 -0.65 -31.41
CA LEU A 188 4.56 0.27 -30.80
C LEU A 188 5.21 1.26 -29.84
N PRO A 189 6.17 0.83 -28.97
CA PRO A 189 6.89 1.78 -28.12
C PRO A 189 7.69 2.85 -28.88
N THR A 190 8.15 2.55 -30.09
CA THR A 190 8.99 3.48 -30.90
C THR A 190 8.16 4.67 -31.38
N VAL A 191 6.83 4.53 -31.36
CA VAL A 191 5.80 5.44 -31.97
C VAL A 191 5.29 6.43 -30.92
N LEU A 192 5.20 6.00 -29.64
CA LEU A 192 4.63 6.79 -28.51
C LEU A 192 5.27 8.17 -28.41
N LYS A 193 6.57 8.28 -28.70
CA LYS A 193 7.32 9.54 -28.45
C LYS A 193 6.81 10.62 -29.40
N TYR A 194 6.44 10.26 -30.63
CA TYR A 194 6.02 11.22 -31.69
C TYR A 194 4.56 11.65 -31.49
N LEU A 195 3.88 11.15 -30.45
CA LEU A 195 2.44 11.48 -30.16
C LEU A 195 2.34 12.35 -28.90
N PRO A 196 1.31 13.24 -28.81
CA PRO A 196 0.93 13.85 -27.54
C PRO A 196 0.41 12.77 -26.58
N VAL A 197 0.28 13.09 -25.28
CA VAL A 197 0.30 12.07 -24.19
C VAL A 197 -0.98 11.21 -24.28
N GLU A 198 -2.15 11.82 -24.47
CA GLU A 198 -3.45 11.08 -24.54
C GLU A 198 -3.45 10.13 -25.74
N LYS A 199 -2.89 10.57 -26.87
CA LYS A 199 -2.89 9.80 -28.14
C LYS A 199 -1.81 8.72 -28.04
N ALA A 200 -0.89 8.88 -27.09
CA ALA A 200 0.15 7.90 -26.75
C ALA A 200 -0.44 6.86 -25.79
N GLN A 201 -1.22 7.26 -24.77
CA GLN A 201 -1.88 6.27 -23.88
C GLN A 201 -2.84 5.40 -24.71
N ASP A 202 -3.50 5.97 -25.72
CA ASP A 202 -4.44 5.20 -26.58
C ASP A 202 -3.60 4.18 -27.35
N ALA A 203 -2.43 4.57 -27.87
CA ALA A 203 -1.51 3.66 -28.60
C ALA A 203 -0.99 2.59 -27.64
N ARG A 204 -0.69 2.98 -26.40
CA ARG A 204 -0.20 2.03 -25.38
C ARG A 204 -1.32 1.04 -25.08
N ASN A 205 -2.55 1.53 -24.86
CA ASN A 205 -3.77 0.70 -24.57
C ASN A 205 -3.94 -0.38 -25.65
N PHE A 206 -3.68 0.00 -26.90
CA PHE A 206 -3.68 -0.89 -28.07
C PHE A 206 -2.61 -1.97 -27.87
N MET A 207 -1.39 -1.51 -27.60
CA MET A 207 -0.21 -2.39 -27.40
C MET A 207 -0.51 -3.38 -26.27
N LEU A 208 -1.04 -2.91 -25.13
CA LEU A 208 -1.48 -3.77 -23.98
C LEU A 208 -2.45 -4.84 -24.49
N SER A 209 -3.40 -4.44 -25.33
CA SER A 209 -4.54 -5.30 -25.73
C SER A 209 -4.00 -6.34 -26.72
N PHE A 210 -2.97 -5.97 -27.45
CA PHE A 210 -2.29 -6.87 -28.41
C PHE A 210 -1.44 -7.87 -27.61
N GLN A 211 -0.96 -7.45 -26.44
CA GLN A 211 -0.01 -8.24 -25.61
C GLN A 211 -0.82 -9.34 -24.94
N TYR A 212 -1.97 -8.94 -24.41
CA TYR A 212 -3.01 -9.84 -23.87
C TYR A 212 -3.44 -10.85 -24.92
N TRP A 213 -3.70 -10.39 -26.14
CA TRP A 213 -4.22 -11.27 -27.22
C TRP A 213 -3.17 -12.36 -27.48
N LEU A 214 -1.93 -11.95 -27.73
CA LEU A 214 -0.78 -12.88 -27.93
C LEU A 214 -0.61 -13.80 -26.72
N GLY A 215 -0.76 -13.29 -25.51
CA GLY A 215 -0.90 -14.14 -24.31
C GLY A 215 -1.83 -15.29 -24.64
N GLY A 216 -3.08 -14.97 -24.98
CA GLY A 216 -4.07 -15.93 -25.50
C GLY A 216 -4.70 -16.76 -24.41
N SER A 217 -4.23 -16.66 -23.16
CA SER A 217 -4.81 -17.44 -22.03
C SER A 217 -6.24 -16.94 -21.76
N GLN A 218 -7.03 -17.71 -21.02
CA GLN A 218 -8.41 -17.30 -20.69
C GLN A 218 -8.32 -15.96 -19.93
N GLU A 219 -7.51 -15.88 -18.87
CA GLU A 219 -7.54 -14.66 -18.00
C GLU A 219 -6.86 -13.53 -18.78
N ASN A 220 -5.93 -13.83 -19.70
CA ASN A 220 -5.41 -12.80 -20.66
C ASN A 220 -6.60 -12.09 -21.32
N LEU A 221 -7.50 -12.88 -21.89
CA LEU A 221 -8.63 -12.34 -22.70
C LEU A 221 -9.71 -11.79 -21.78
N GLU A 222 -9.88 -12.31 -20.57
CA GLU A 222 -10.74 -11.64 -19.56
C GLU A 222 -10.26 -10.19 -19.36
N ASN A 223 -8.96 -9.99 -19.06
CA ASN A 223 -8.40 -8.65 -18.74
C ASN A 223 -8.54 -7.73 -19.97
N PHE A 224 -8.18 -8.25 -21.14
CA PHE A 224 -8.43 -7.64 -22.48
C PHE A 224 -9.83 -6.99 -22.56
N LEU A 225 -10.88 -7.69 -22.14
CA LEU A 225 -12.28 -7.22 -22.33
C LEU A 225 -12.64 -6.24 -21.21
N LEU A 226 -12.14 -6.49 -19.99
CA LEU A 226 -12.31 -5.57 -18.85
C LEU A 226 -11.47 -4.29 -19.06
N MET A 227 -10.28 -4.40 -19.66
CA MET A 227 -9.46 -3.19 -19.96
C MET A 227 -10.22 -2.30 -20.96
N LEU A 228 -10.67 -2.88 -22.08
CA LEU A 228 -11.33 -2.09 -23.16
C LEU A 228 -12.68 -1.58 -22.63
N THR A 229 -13.34 -2.32 -21.75
CA THR A 229 -14.67 -1.91 -21.22
C THR A 229 -14.46 -0.70 -20.32
N ASP A 230 -13.43 -0.77 -19.50
CA ASP A 230 -13.13 0.23 -18.45
C ASP A 230 -12.80 1.57 -19.11
N LYS A 231 -11.98 1.51 -20.16
CA LYS A 231 -11.25 2.70 -20.68
C LYS A 231 -12.08 3.31 -21.82
N TYR A 232 -12.89 2.53 -22.52
CA TYR A 232 -13.49 2.98 -23.80
C TYR A 232 -15.00 2.74 -23.88
N VAL A 233 -15.66 2.17 -22.86
CA VAL A 233 -17.11 1.76 -22.93
C VAL A 233 -17.91 2.19 -21.67
N TYR A 234 -17.39 2.02 -20.44
CA TYR A 234 -18.10 2.28 -19.15
C TYR A 234 -17.10 2.69 -18.08
N PRO A 235 -16.67 3.97 -18.04
CA PRO A 235 -15.77 4.43 -16.97
C PRO A 235 -16.42 4.58 -15.58
N PRO A 252 2.66 -7.31 -6.39
CA PRO A 252 3.84 -7.37 -5.52
C PRO A 252 4.23 -5.97 -5.03
N ASP A 253 4.58 -5.82 -3.75
CA ASP A 253 4.78 -4.49 -3.07
C ASP A 253 5.87 -3.68 -3.82
N MET A 254 6.87 -4.35 -4.40
CA MET A 254 7.96 -3.71 -5.19
C MET A 254 8.53 -4.69 -6.21
N GLY A 255 9.31 -4.24 -7.18
CA GLY A 255 9.90 -5.16 -8.16
C GLY A 255 10.44 -4.47 -9.39
N ILE A 256 10.76 -5.26 -10.42
CA ILE A 256 11.33 -4.78 -11.70
C ILE A 256 10.31 -5.04 -12.80
N TRP A 257 10.23 -4.12 -13.73
CA TRP A 257 9.18 -4.06 -14.78
C TRP A 257 9.86 -3.71 -16.08
N HIS A 258 9.48 -4.39 -17.14
CA HIS A 258 9.80 -4.03 -18.53
C HIS A 258 8.50 -4.06 -19.32
N PRO A 259 8.22 -3.05 -20.15
CA PRO A 259 6.97 -3.03 -20.91
C PRO A 259 6.74 -4.32 -21.72
N LEU A 260 7.81 -4.88 -22.30
CA LEU A 260 7.76 -6.08 -23.19
C LEU A 260 7.77 -7.39 -22.40
N SER A 261 7.61 -7.39 -21.08
CA SER A 261 7.45 -8.64 -20.29
C SER A 261 6.10 -8.62 -19.58
N MET A 262 5.32 -9.69 -19.75
CA MET A 262 3.93 -9.78 -19.21
C MET A 262 4.01 -9.89 -17.68
N GLN A 263 5.14 -10.36 -17.15
CA GLN A 263 5.36 -10.66 -15.71
C GLN A 263 6.31 -9.62 -15.09
N MET A 264 6.04 -9.19 -13.86
CA MET A 264 6.99 -8.40 -13.02
C MET A 264 8.14 -9.35 -12.68
N PHE A 265 9.28 -8.85 -12.20
CA PHE A 265 10.36 -9.67 -11.62
C PHE A 265 10.64 -9.21 -10.19
N GLU A 266 10.84 -10.14 -9.27
CA GLU A 266 11.00 -9.87 -7.82
C GLU A 266 12.49 -9.91 -7.44
N ASN A 267 13.37 -10.15 -8.41
CA ASN A 267 14.84 -10.07 -8.22
C ASN A 267 15.54 -9.80 -9.55
N VAL A 268 16.82 -9.45 -9.48
CA VAL A 268 17.66 -8.96 -10.62
C VAL A 268 18.02 -10.13 -11.53
N LYS A 269 18.29 -11.31 -10.93
CA LYS A 269 18.80 -12.52 -11.65
C LYS A 269 17.77 -12.93 -12.72
N ASP A 270 16.50 -13.02 -12.34
CA ASP A 270 15.37 -13.43 -13.23
C ASP A 270 15.24 -12.40 -14.35
N TYR A 271 15.24 -11.11 -13.99
CA TYR A 271 15.09 -9.96 -14.91
C TYR A 271 16.15 -10.09 -16.00
N LEU A 272 17.41 -10.27 -15.62
CA LEU A 272 18.55 -10.16 -16.56
C LEU A 272 18.57 -11.38 -17.46
N GLU A 273 18.29 -12.54 -16.87
CA GLU A 273 18.17 -13.84 -17.58
C GLU A 273 17.12 -13.64 -18.67
N TRP A 274 15.98 -13.04 -18.32
CA TRP A 274 14.90 -12.67 -19.29
C TRP A 274 15.50 -11.72 -20.33
N TYR A 275 16.19 -10.65 -19.87
CA TYR A 275 16.72 -9.55 -20.70
C TYR A 275 17.63 -10.13 -21.79
N ASN A 276 18.54 -11.03 -21.41
CA ASN A 276 19.59 -11.58 -22.31
C ASN A 276 18.98 -12.47 -23.40
N GLN A 277 17.93 -13.20 -23.06
CA GLN A 277 17.15 -14.03 -24.00
C GLN A 277 16.30 -13.16 -24.92
N ARG A 278 16.12 -11.87 -24.64
CA ARG A 278 15.33 -11.03 -25.58
C ARG A 278 15.97 -11.16 -26.96
N PRO A 279 15.21 -11.46 -28.03
CA PRO A 279 15.71 -11.33 -29.40
C PRO A 279 15.56 -9.96 -30.10
N ASP A 280 14.84 -9.00 -29.51
CA ASP A 280 14.51 -7.73 -30.22
C ASP A 280 15.63 -6.68 -30.05
N ILE A 281 16.67 -6.98 -29.28
CA ILE A 281 17.72 -5.97 -28.87
C ILE A 281 19.08 -6.41 -29.39
N SER A 282 19.89 -5.45 -29.84
CA SER A 282 21.32 -5.66 -30.19
C SER A 282 22.01 -6.36 -29.00
N GLU A 283 23.02 -7.18 -29.30
CA GLU A 283 23.87 -7.88 -28.30
C GLU A 283 24.51 -6.78 -27.43
N ASP A 284 24.82 -5.63 -28.04
CA ASP A 284 25.46 -4.46 -27.36
C ASP A 284 24.83 -4.28 -25.97
N LEU A 285 23.50 -4.26 -25.88
CA LEU A 285 22.71 -4.06 -24.63
C LEU A 285 22.87 -5.20 -23.60
N LYS A 286 23.25 -6.41 -24.01
CA LYS A 286 23.49 -7.56 -23.09
C LYS A 286 24.89 -7.50 -22.46
N ASP A 287 25.86 -6.90 -23.17
CA ASP A 287 27.24 -6.61 -22.68
C ASP A 287 27.15 -6.05 -21.27
N PRO A 288 27.91 -6.56 -20.27
CA PRO A 288 27.87 -5.99 -18.92
C PRO A 288 28.53 -4.60 -18.86
N LEU A 289 29.30 -4.24 -19.90
CA LEU A 289 29.97 -2.93 -20.06
C LEU A 289 29.03 -1.92 -20.73
N ALA A 290 27.82 -2.33 -21.08
CA ALA A 290 26.82 -1.41 -21.67
C ALA A 290 26.38 -0.42 -20.60
N PRO A 291 26.16 0.87 -20.95
CA PRO A 291 25.60 1.83 -20.02
C PRO A 291 24.25 1.32 -19.53
N CYS A 292 24.03 1.35 -18.22
CA CYS A 292 22.80 0.81 -17.59
C CYS A 292 22.17 1.89 -16.73
N ILE A 293 20.92 2.20 -17.01
CA ILE A 293 20.19 3.30 -16.32
C ILE A 293 19.03 2.74 -15.51
N GLY A 294 19.02 3.08 -14.22
CA GLY A 294 17.90 2.78 -13.31
C GLY A 294 16.79 3.81 -13.48
N LEU A 295 15.55 3.34 -13.64
CA LEU A 295 14.34 4.18 -13.57
C LEU A 295 13.57 3.84 -12.29
N ILE A 296 13.02 4.84 -11.60
CA ILE A 296 12.15 4.59 -10.43
C ILE A 296 10.74 5.08 -10.77
N MET A 297 9.71 4.27 -10.53
CA MET A 297 8.31 4.67 -10.83
C MET A 297 7.35 4.09 -9.82
N GLN A 298 6.10 4.54 -9.90
CA GLN A 298 5.06 4.14 -8.92
C GLN A 298 4.33 2.95 -9.53
N ARG A 299 4.19 1.88 -8.76
CA ARG A 299 3.37 0.71 -9.12
C ARG A 299 1.99 1.15 -9.64
N THR A 300 1.36 2.15 -9.01
CA THR A 300 0.02 2.69 -9.37
C THR A 300 -0.15 2.60 -10.88
N HIS A 301 0.77 3.25 -11.61
CA HIS A 301 0.66 3.51 -13.06
C HIS A 301 0.87 2.20 -13.83
N LEU A 302 1.53 1.21 -13.23
CA LEU A 302 1.74 -0.10 -13.89
C LEU A 302 0.46 -0.94 -13.72
N VAL A 303 -0.20 -0.81 -12.57
CA VAL A 303 -1.53 -1.43 -12.27
C VAL A 303 -2.60 -0.82 -13.18
N THR A 304 -2.74 0.51 -13.18
CA THR A 304 -3.67 1.33 -14.01
C THR A 304 -3.53 1.02 -15.51
N GLY A 305 -2.31 0.70 -15.97
CA GLY A 305 -1.93 0.66 -17.39
C GLY A 305 -1.66 2.05 -17.97
N ASP A 306 -1.64 3.09 -17.12
CA ASP A 306 -1.40 4.51 -17.49
C ASP A 306 0.11 4.80 -17.41
N ASP A 307 0.87 4.24 -18.35
CA ASP A 307 2.35 4.03 -18.27
C ASP A 307 3.00 4.46 -19.59
N ALA A 308 2.26 5.09 -20.49
CA ALA A 308 2.70 5.45 -21.84
C ALA A 308 4.08 6.14 -21.81
N HIS A 309 4.24 7.12 -20.94
CA HIS A 309 5.49 7.94 -20.87
C HIS A 309 6.63 7.06 -20.31
N TYR A 310 6.32 6.18 -19.37
CA TYR A 310 7.25 5.17 -18.80
C TYR A 310 7.73 4.24 -19.92
N VAL A 311 6.82 3.77 -20.77
CA VAL A 311 7.17 2.87 -21.91
C VAL A 311 8.12 3.63 -22.84
N GLY A 312 7.74 4.85 -23.24
CA GLY A 312 8.48 5.70 -24.20
C GLY A 312 9.88 6.05 -23.71
N MET A 313 10.03 6.19 -22.39
CA MET A 313 11.32 6.43 -21.72
C MET A 313 12.22 5.20 -21.93
N VAL A 314 11.74 4.03 -21.54
CA VAL A 314 12.45 2.72 -21.72
C VAL A 314 12.90 2.55 -23.17
N GLN A 315 12.05 2.86 -24.17
CA GLN A 315 12.42 2.69 -25.60
C GLN A 315 13.51 3.70 -25.97
N GLU A 316 13.35 4.97 -25.58
CA GLU A 316 14.35 6.03 -25.86
C GLU A 316 15.70 5.52 -25.36
N LEU A 317 15.77 5.08 -24.12
CA LEU A 317 17.07 4.67 -23.52
C LEU A 317 17.60 3.45 -24.26
N GLU A 318 16.75 2.48 -24.57
CA GLU A 318 17.20 1.26 -25.30
C GLU A 318 17.68 1.66 -26.69
N ALA A 319 16.99 2.56 -27.38
CA ALA A 319 17.39 3.00 -28.74
C ALA A 319 18.77 3.62 -28.69
N MET A 320 19.13 4.24 -27.56
CA MET A 320 20.43 4.91 -27.38
C MET A 320 21.54 3.92 -26.98
N GLY A 321 21.19 2.67 -26.70
CA GLY A 321 22.14 1.59 -26.41
C GLY A 321 22.35 1.40 -24.92
N ALA A 322 21.32 1.71 -24.13
CA ALA A 322 21.35 1.60 -22.66
C ALA A 322 20.52 0.40 -22.25
N ARG A 323 21.11 -0.46 -21.42
CA ARG A 323 20.36 -1.47 -20.63
C ARG A 323 19.58 -0.71 -19.56
N VAL A 324 18.35 -1.12 -19.30
CA VAL A 324 17.40 -0.39 -18.41
C VAL A 324 16.94 -1.34 -17.29
N ILE A 325 16.91 -0.85 -16.06
CA ILE A 325 16.27 -1.52 -14.89
C ILE A 325 15.23 -0.58 -14.27
N CYS A 326 13.94 -0.79 -14.57
CA CYS A 326 12.81 0.00 -13.99
C CYS A 326 12.25 -0.67 -12.75
N VAL A 327 12.53 -0.09 -11.60
CA VAL A 327 11.97 -0.53 -10.30
C VAL A 327 10.72 0.29 -10.04
N PHE A 328 9.79 -0.28 -9.28
CA PHE A 328 8.56 0.38 -8.80
C PHE A 328 8.36 0.01 -7.35
N SER A 329 7.50 0.73 -6.64
CA SER A 329 6.97 0.29 -5.33
C SER A 329 5.57 0.89 -5.14
N GLY A 330 4.76 0.18 -4.38
CA GLY A 330 3.40 0.61 -4.00
C GLY A 330 3.45 1.46 -2.76
N GLY A 331 4.60 1.45 -2.06
CA GLY A 331 4.86 2.23 -0.84
C GLY A 331 5.59 3.52 -1.15
N LEU A 332 5.98 4.29 -0.13
CA LEU A 332 6.57 5.65 -0.29
C LEU A 332 8.09 5.60 -0.08
N ASP A 333 8.62 4.42 0.28
CA ASP A 333 10.06 4.13 0.49
C ASP A 333 10.64 3.43 -0.75
N PHE A 334 11.21 4.22 -1.65
CA PHE A 334 11.90 3.76 -2.89
C PHE A 334 13.37 3.46 -2.58
N SER A 335 13.84 3.68 -1.35
CA SER A 335 15.17 3.13 -0.96
C SER A 335 15.12 1.58 -1.01
N LYS A 336 13.99 0.93 -0.70
CA LYS A 336 13.88 -0.56 -0.74
C LYS A 336 14.30 -1.07 -2.12
N PRO A 337 13.57 -0.77 -3.21
CA PRO A 337 13.91 -1.29 -4.52
C PRO A 337 15.29 -0.80 -5.03
N VAL A 338 15.66 0.45 -4.76
CA VAL A 338 17.03 0.97 -5.13
C VAL A 338 18.06 -0.02 -4.55
N ASN A 339 17.86 -0.41 -3.28
CA ASN A 339 18.84 -1.20 -2.51
C ASN A 339 18.79 -2.66 -2.95
N GLU A 340 17.61 -3.17 -3.31
CA GLU A 340 17.43 -4.56 -3.76
C GLU A 340 17.85 -4.74 -5.23
N TYR A 341 17.60 -3.78 -6.12
CA TYR A 341 17.62 -4.08 -7.58
C TYR A 341 18.71 -3.32 -8.35
N PHE A 342 19.31 -2.29 -7.77
CA PHE A 342 20.40 -1.53 -8.44
C PHE A 342 21.76 -2.06 -7.97
N TRP A 343 21.75 -3.12 -7.15
CA TRP A 343 22.92 -3.91 -6.70
C TRP A 343 22.78 -5.35 -7.17
N ASP A 344 23.85 -6.14 -7.06
CA ASP A 344 23.75 -7.63 -7.09
C ASP A 344 24.36 -8.17 -5.79
N PRO A 352 29.34 -7.21 -3.34
CA PRO A 352 28.18 -6.65 -4.05
C PRO A 352 28.45 -5.21 -4.56
N LEU A 353 28.06 -4.97 -5.82
CA LEU A 353 28.40 -3.75 -6.57
C LEU A 353 27.14 -3.19 -7.24
N PRO A 354 27.06 -1.86 -7.42
CA PRO A 354 26.02 -1.27 -8.24
C PRO A 354 26.04 -1.82 -9.68
N ILE A 355 24.87 -2.08 -10.28
CA ILE A 355 24.75 -2.57 -11.68
C ILE A 355 24.03 -1.51 -12.54
N VAL A 356 24.13 -0.25 -12.09
CA VAL A 356 23.52 0.97 -12.70
C VAL A 356 24.59 2.07 -12.72
N ASP A 357 24.67 2.83 -13.81
CA ASP A 357 25.61 3.97 -13.99
C ASP A 357 25.00 5.32 -13.56
N ALA A 358 23.67 5.42 -13.54
CA ALA A 358 22.89 6.64 -13.22
C ALA A 358 21.45 6.21 -12.97
N VAL A 359 20.76 6.90 -12.04
CA VAL A 359 19.33 6.66 -11.70
C VAL A 359 18.49 7.85 -12.17
N VAL A 360 17.29 7.59 -12.72
CA VAL A 360 16.26 8.64 -13.00
C VAL A 360 14.97 8.32 -12.25
N SER A 361 14.61 9.17 -11.29
CA SER A 361 13.28 9.12 -10.62
C SER A 361 12.23 9.76 -11.53
N LEU A 362 11.17 9.00 -11.80
CA LEU A 362 9.97 9.49 -12.54
C LEU A 362 8.78 9.62 -11.57
N THR A 363 9.00 9.55 -10.25
CA THR A 363 7.90 9.57 -9.25
C THR A 363 7.54 11.01 -8.86
N GLY A 364 8.48 11.93 -8.93
CA GLY A 364 8.33 13.33 -8.45
C GLY A 364 8.10 13.41 -6.95
N PHE A 365 8.65 12.45 -6.20
CA PHE A 365 8.53 12.33 -4.73
C PHE A 365 9.93 12.26 -4.11
N ALA A 366 10.02 12.56 -2.82
CA ALA A 366 11.16 12.13 -1.98
C ALA A 366 11.39 10.65 -2.28
N LEU A 367 12.64 10.22 -2.31
CA LEU A 367 13.01 8.78 -2.44
C LEU A 367 12.46 8.01 -1.22
N VAL A 368 12.41 8.63 -0.04
CA VAL A 368 11.90 8.00 1.22
C VAL A 368 10.86 8.90 1.90
N GLY A 369 9.61 8.41 2.03
CA GLY A 369 8.47 9.02 2.75
C GLY A 369 7.41 9.52 1.78
N ARG A 373 5.71 12.33 6.55
CA ARG A 373 7.14 12.61 6.87
C ARG A 373 8.03 12.01 5.78
N GLN A 374 8.59 12.89 4.93
CA GLN A 374 9.74 12.63 4.01
C GLN A 374 11.03 12.50 4.84
N ASP A 375 11.84 11.46 4.59
CA ASP A 375 13.05 11.12 5.39
C ASP A 375 14.31 11.26 4.52
N HIS A 376 14.94 12.44 4.55
CA HIS A 376 16.14 12.81 3.74
C HIS A 376 17.38 12.04 4.24
N PRO A 377 17.72 11.96 5.55
CA PRO A 377 18.93 11.21 5.96
C PRO A 377 19.08 9.78 5.38
N ARG A 378 18.02 8.96 5.42
CA ARG A 378 18.03 7.55 4.92
C ARG A 378 18.10 7.55 3.39
N ALA A 379 17.34 8.43 2.74
CA ALA A 379 17.45 8.67 1.28
C ALA A 379 18.91 8.91 0.91
N ILE A 380 19.62 9.77 1.66
CA ILE A 380 21.00 10.21 1.30
C ILE A 380 21.97 9.05 1.60
N GLU A 381 21.77 8.35 2.71
CA GLU A 381 22.61 7.18 3.06
C GLU A 381 22.53 6.23 1.86
N SER A 382 21.33 5.95 1.39
CA SER A 382 21.01 4.95 0.33
C SER A 382 21.51 5.42 -1.03
N LEU A 383 21.44 6.71 -1.31
CA LEU A 383 21.88 7.26 -2.61
C LEU A 383 23.41 7.39 -2.61
N LYS A 384 24.03 7.62 -1.44
CA LYS A 384 25.50 7.77 -1.30
C LYS A 384 26.21 6.41 -1.41
N LYS A 385 25.65 5.35 -0.82
CA LYS A 385 26.16 3.96 -1.00
C LYS A 385 26.12 3.63 -2.48
N LEU A 386 24.99 3.83 -3.16
CA LEU A 386 24.88 3.55 -4.60
C LEU A 386 25.99 4.33 -5.34
N ASN A 387 26.15 5.58 -4.93
CA ASN A 387 27.18 6.51 -5.40
C ASN A 387 27.09 6.68 -6.92
N ARG A 388 25.87 6.96 -7.42
CA ARG A 388 25.61 7.37 -8.82
C ARG A 388 24.85 8.69 -8.92
N PRO A 389 24.94 9.35 -10.09
CA PRO A 389 24.06 10.48 -10.42
C PRO A 389 22.57 10.10 -10.29
N TYR A 390 21.86 10.87 -9.49
CA TYR A 390 20.40 10.78 -9.19
C TYR A 390 19.69 11.97 -9.83
N MET A 391 18.90 11.68 -10.87
CA MET A 391 18.09 12.69 -11.59
C MET A 391 16.63 12.47 -11.21
N CYS A 392 15.86 13.53 -11.06
CA CYS A 392 14.40 13.42 -10.88
C CYS A 392 13.71 14.28 -11.95
N ALA A 393 12.70 13.73 -12.63
CA ALA A 393 11.77 14.46 -13.51
C ALA A 393 10.34 14.28 -12.98
N LEU A 394 9.67 15.35 -12.59
CA LEU A 394 8.29 15.30 -12.05
C LEU A 394 7.35 14.74 -13.10
N PRO A 395 6.42 13.83 -12.73
CA PRO A 395 5.35 13.41 -13.64
C PRO A 395 4.71 14.59 -14.38
N LEU A 396 4.42 15.71 -13.70
CA LEU A 396 3.78 16.92 -14.28
C LEU A 396 4.33 17.25 -15.66
N VAL A 397 5.60 16.96 -15.89
CA VAL A 397 6.28 17.18 -17.20
C VAL A 397 5.47 16.54 -18.33
N PHE A 398 4.79 15.42 -18.05
CA PHE A 398 4.16 14.54 -19.07
C PHE A 398 2.64 14.83 -19.15
N GLN A 399 1.89 14.41 -18.11
CA GLN A 399 0.40 14.52 -17.99
C GLN A 399 -0.18 15.49 -19.05
N HIS A 412 -2.35 25.12 -9.97
CA HIS A 412 -1.29 24.18 -10.43
C HIS A 412 0.13 24.74 -10.20
N PRO A 413 0.44 26.07 -10.24
CA PRO A 413 1.83 26.52 -10.07
C PRO A 413 2.32 26.42 -8.61
N ILE A 414 1.38 26.48 -7.65
CA ILE A 414 1.64 26.23 -6.21
C ILE A 414 2.06 24.76 -6.00
N GLN A 415 1.47 23.80 -6.73
CA GLN A 415 1.83 22.36 -6.63
C GLN A 415 3.21 22.12 -7.29
N VAL A 416 3.49 22.72 -8.46
CA VAL A 416 4.85 22.63 -9.10
C VAL A 416 5.93 23.07 -8.11
N ALA A 417 5.73 24.20 -7.42
CA ALA A 417 6.73 24.79 -6.50
C ALA A 417 6.95 23.87 -5.29
N LEU A 418 5.89 23.33 -4.70
CA LEU A 418 5.98 22.49 -3.48
C LEU A 418 6.62 21.15 -3.83
N GLN A 419 6.41 20.65 -5.04
CA GLN A 419 6.85 19.30 -5.48
C GLN A 419 8.33 19.37 -5.86
N ILE A 420 8.68 20.29 -6.74
CA ILE A 420 10.05 20.36 -7.34
C ILE A 420 11.10 20.55 -6.23
N ALA A 421 10.75 21.21 -5.13
CA ALA A 421 11.61 21.45 -3.95
C ALA A 421 12.01 20.13 -3.27
N ILE A 422 11.18 19.10 -3.30
CA ILE A 422 11.42 17.91 -2.44
C ILE A 422 12.61 17.09 -2.95
N PRO A 423 12.69 16.69 -4.25
CA PRO A 423 13.78 15.85 -4.72
C PRO A 423 15.13 16.58 -4.64
N GLU A 424 15.13 17.91 -4.68
CA GLU A 424 16.36 18.75 -4.55
C GLU A 424 17.01 18.50 -3.18
N LEU A 425 16.20 18.15 -2.18
CA LEU A 425 16.67 17.85 -0.81
C LEU A 425 17.31 16.45 -0.74
N ASP A 426 17.03 15.57 -1.71
CA ASP A 426 17.71 14.27 -1.95
C ASP A 426 18.91 14.43 -2.92
N GLY A 427 19.24 15.65 -3.33
CA GLY A 427 20.40 15.92 -4.20
C GLY A 427 20.13 15.57 -5.65
N ALA A 428 18.88 15.64 -6.08
CA ALA A 428 18.50 15.35 -7.48
C ALA A 428 19.08 16.44 -8.37
N ILE A 429 19.42 16.03 -9.60
CA ILE A 429 19.65 16.86 -10.80
C ILE A 429 18.38 16.81 -11.66
N GLU A 430 18.00 17.93 -12.28
CA GLU A 430 16.74 18.03 -13.07
C GLU A 430 17.14 18.01 -14.53
N PRO A 431 16.96 16.88 -15.24
CA PRO A 431 17.24 16.82 -16.66
C PRO A 431 16.18 17.54 -17.50
N ILE A 432 15.16 18.14 -16.87
CA ILE A 432 14.16 18.95 -17.61
C ILE A 432 13.98 20.31 -16.94
N ILE A 433 13.98 21.39 -17.75
CA ILE A 433 13.59 22.76 -17.34
C ILE A 433 12.06 22.89 -17.33
N LEU A 434 11.54 23.85 -16.55
CA LEU A 434 10.12 24.32 -16.60
C LEU A 434 10.08 25.85 -16.65
N ALA A 444 -1.00 18.69 -27.21
CA ALA A 444 -0.71 19.44 -28.45
C ALA A 444 0.72 19.10 -28.96
N ILE A 445 1.74 19.25 -28.09
CA ILE A 445 3.18 18.91 -28.36
C ILE A 445 3.44 17.46 -27.93
N ALA A 446 4.25 16.73 -28.70
CA ALA A 446 4.62 15.31 -28.49
C ALA A 446 5.64 15.15 -27.35
N LEU A 447 5.70 13.95 -26.76
CA LEU A 447 6.62 13.54 -25.65
C LEU A 447 8.09 13.64 -26.06
N GLN A 448 8.37 13.62 -27.38
CA GLN A 448 9.71 13.44 -27.99
C GLN A 448 10.78 14.25 -27.26
N ASP A 449 10.58 15.55 -27.13
CA ASP A 449 11.62 16.49 -26.59
C ASP A 449 11.85 16.18 -25.11
N ARG A 450 10.79 15.95 -24.34
CA ARG A 450 10.92 15.70 -22.89
C ARG A 450 11.66 14.38 -22.69
N LEU A 451 11.32 13.36 -23.48
CA LEU A 451 11.87 11.98 -23.33
C LEU A 451 13.33 12.02 -23.80
N GLU A 452 13.59 12.64 -24.97
CA GLU A 452 14.95 12.80 -25.52
C GLU A 452 15.84 13.54 -24.48
N ALA A 453 15.37 14.66 -23.94
CA ALA A 453 16.13 15.44 -22.95
C ALA A 453 16.57 14.51 -21.82
N ILE A 454 15.61 13.85 -21.19
CA ILE A 454 15.92 13.04 -19.96
C ILE A 454 16.94 11.97 -20.36
N ALA A 455 16.67 11.22 -21.42
CA ALA A 455 17.48 10.09 -21.92
C ALA A 455 18.89 10.58 -22.26
N GLN A 456 19.02 11.61 -23.12
CA GLN A 456 20.32 12.16 -23.57
C GLN A 456 21.16 12.59 -22.37
N ARG A 457 20.59 13.36 -21.45
CA ARG A 457 21.31 13.82 -20.22
C ARG A 457 21.62 12.63 -19.31
N ALA A 458 20.76 11.62 -19.20
CA ALA A 458 21.03 10.42 -18.37
C ALA A 458 22.20 9.65 -18.97
N MET A 459 22.28 9.60 -20.30
CA MET A 459 23.34 8.85 -21.03
C MET A 459 24.70 9.56 -20.88
N LYS A 460 24.73 10.89 -20.82
CA LYS A 460 25.98 11.67 -20.69
C LYS A 460 26.53 11.57 -19.25
N TRP A 461 25.66 11.43 -18.23
CA TRP A 461 26.08 11.15 -16.83
C TRP A 461 26.65 9.73 -16.77
N ALA A 462 26.02 8.77 -17.45
CA ALA A 462 26.53 7.39 -17.59
C ALA A 462 27.93 7.42 -18.21
N ASN A 463 28.06 8.12 -19.34
CA ASN A 463 29.30 8.20 -20.14
C ASN A 463 30.46 8.66 -19.26
N LEU A 464 30.15 9.56 -18.34
CA LEU A 464 31.13 10.24 -17.47
C LEU A 464 31.72 9.20 -16.52
N ARG A 465 30.85 8.33 -16.00
CA ARG A 465 31.16 7.20 -15.08
C ARG A 465 31.95 6.10 -15.80
N LYS A 466 31.82 5.99 -17.13
CA LYS A 466 32.42 4.88 -17.94
C LYS A 466 33.73 5.33 -18.58
N LYS A 467 33.70 6.45 -19.30
CA LYS A 467 34.85 7.01 -20.04
C LYS A 467 36.05 7.07 -19.11
N PRO A 468 37.24 6.59 -19.54
CA PRO A 468 38.44 6.67 -18.70
C PRO A 468 38.94 8.11 -18.51
N LYS A 469 39.56 8.32 -17.35
CA LYS A 469 39.99 9.64 -16.83
C LYS A 469 40.91 10.36 -17.83
N LEU A 470 41.77 9.63 -18.54
CA LEU A 470 42.81 10.26 -19.43
C LEU A 470 42.14 10.71 -20.74
N ASP A 471 40.89 10.31 -20.95
CA ASP A 471 40.12 10.70 -22.16
C ASP A 471 39.09 11.78 -21.82
N LYS A 472 38.82 12.04 -20.53
CA LYS A 472 37.75 12.98 -20.08
C LYS A 472 38.12 14.44 -20.39
N LYS A 473 37.24 15.13 -21.13
CA LYS A 473 37.37 16.55 -21.53
C LYS A 473 36.43 17.41 -20.67
N VAL A 474 37.01 18.33 -19.90
CA VAL A 474 36.33 19.21 -18.90
C VAL A 474 36.51 20.65 -19.39
N ALA A 475 35.43 21.28 -19.85
CA ALA A 475 35.38 22.72 -20.21
C ALA A 475 35.07 23.47 -18.92
N ILE A 476 35.74 24.60 -18.69
CA ILE A 476 35.51 25.52 -17.54
C ILE A 476 35.15 26.88 -18.12
N THR A 477 33.92 27.34 -17.86
CA THR A 477 33.38 28.58 -18.49
C THR A 477 33.42 29.73 -17.48
N VAL A 478 33.97 30.84 -17.93
CA VAL A 478 34.18 32.09 -17.17
C VAL A 478 33.32 33.14 -17.85
N PHE A 479 32.57 33.91 -17.06
CA PHE A 479 31.73 35.03 -17.56
C PHE A 479 32.41 36.34 -17.19
N SER A 480 32.26 37.35 -18.04
CA SER A 480 32.54 38.78 -17.76
C SER A 480 34.03 38.97 -17.43
N PHE A 481 34.90 38.45 -18.30
CA PHE A 481 36.29 38.93 -18.41
C PHE A 481 36.47 39.51 -19.81
N PRO A 482 37.14 40.65 -19.96
CA PRO A 482 37.44 41.52 -18.81
C PRO A 482 36.21 42.13 -18.15
N PRO A 483 36.26 42.45 -16.85
CA PRO A 483 35.12 42.99 -16.14
C PRO A 483 34.92 44.50 -16.37
N ASP A 484 34.31 44.86 -17.51
CA ASP A 484 33.90 46.26 -17.83
C ASP A 484 32.68 46.65 -16.98
N LYS A 485 31.79 45.72 -16.68
CA LYS A 485 30.49 46.00 -15.99
C LYS A 485 30.57 45.58 -14.51
N GLY A 486 29.77 46.22 -13.65
CA GLY A 486 29.79 46.02 -12.18
C GLY A 486 28.47 45.50 -11.62
N ASN A 487 27.32 46.00 -12.09
CA ASN A 487 26.00 45.80 -11.43
C ASN A 487 25.62 44.32 -11.38
N VAL A 488 25.19 43.78 -12.53
CA VAL A 488 24.96 42.31 -12.78
C VAL A 488 26.13 41.54 -12.16
N GLY A 489 25.80 40.51 -11.38
CA GLY A 489 26.76 39.79 -10.53
C GLY A 489 26.21 39.49 -9.15
N THR A 490 26.31 38.22 -8.77
CA THR A 490 26.29 37.82 -7.34
C THR A 490 27.50 38.47 -6.67
N ALA A 491 27.43 38.66 -5.35
CA ALA A 491 28.61 38.76 -4.46
C ALA A 491 29.18 37.35 -4.26
N ALA A 492 29.85 36.82 -5.29
CA ALA A 492 30.50 35.48 -5.35
C ALA A 492 31.70 35.40 -4.41
N TYR A 493 32.42 36.51 -4.21
CA TYR A 493 33.67 36.60 -3.40
C TYR A 493 34.67 35.54 -3.88
N LEU A 494 34.80 35.40 -5.21
CA LEU A 494 35.58 34.34 -5.87
C LEU A 494 36.77 34.96 -6.62
N ASP A 495 37.99 34.57 -6.23
CA ASP A 495 39.20 34.65 -7.09
C ASP A 495 39.03 33.60 -8.20
N VAL A 496 38.55 34.01 -9.36
CA VAL A 496 38.14 33.10 -10.45
C VAL A 496 39.39 32.43 -11.04
N PHE A 497 40.37 33.18 -11.53
CA PHE A 497 41.58 32.58 -12.16
C PHE A 497 42.45 31.90 -11.08
N GLY A 498 42.36 32.37 -9.83
CA GLY A 498 42.92 31.64 -8.69
C GLY A 498 42.31 30.26 -8.59
N SER A 499 40.98 30.21 -8.71
CA SER A 499 40.16 29.01 -8.44
C SER A 499 40.33 28.04 -9.60
N ILE A 500 40.30 28.54 -10.82
CA ILE A 500 40.52 27.65 -12.00
C ILE A 500 41.89 26.99 -11.87
N TYR A 501 42.95 27.79 -11.61
CA TYR A 501 44.36 27.34 -11.47
C TYR A 501 44.44 26.16 -10.48
N GLU A 502 43.88 26.30 -9.28
CA GLU A 502 43.89 25.20 -8.30
C GLU A 502 43.12 24.01 -8.88
N VAL A 503 41.96 24.25 -9.51
CA VAL A 503 41.20 23.14 -10.13
C VAL A 503 42.13 22.47 -11.16
N MET A 504 42.85 23.22 -12.00
CA MET A 504 43.64 22.56 -13.09
C MET A 504 44.76 21.71 -12.49
N LYS A 505 45.55 22.26 -11.56
CA LYS A 505 46.52 21.48 -10.75
C LYS A 505 45.84 20.22 -10.20
N GLY A 506 44.76 20.38 -9.43
CA GLY A 506 44.04 19.27 -8.82
C GLY A 506 43.68 18.20 -9.83
N LEU A 507 43.34 18.60 -11.06
CA LEU A 507 42.84 17.65 -12.09
C LEU A 507 44.03 16.85 -12.61
N GLN A 508 45.12 17.54 -12.96
CA GLN A 508 46.36 16.91 -13.47
C GLN A 508 46.88 15.88 -12.45
N GLY A 509 46.93 16.28 -11.17
CA GLY A 509 47.40 15.44 -10.05
C GLY A 509 46.51 14.24 -9.78
N ASN A 510 45.31 14.17 -10.39
CA ASN A 510 44.32 13.07 -10.19
C ASN A 510 44.18 12.21 -11.45
N GLY A 511 44.90 12.53 -12.53
CA GLY A 511 45.03 11.64 -13.69
C GLY A 511 44.29 12.15 -14.90
N TYR A 512 43.92 13.45 -14.91
CA TYR A 512 43.34 14.12 -16.11
C TYR A 512 44.53 14.58 -16.95
N ASP A 513 44.36 14.56 -18.27
CA ASP A 513 45.35 15.00 -19.27
C ASP A 513 45.29 16.54 -19.37
N VAL A 514 46.09 17.20 -18.53
CA VAL A 514 46.27 18.68 -18.56
C VAL A 514 47.62 19.01 -19.20
N GLN A 515 47.64 19.42 -20.46
CA GLN A 515 48.89 19.88 -21.12
C GLN A 515 49.13 21.35 -20.76
N ASP A 516 50.41 21.72 -20.66
CA ASP A 516 50.91 23.12 -20.71
C ASP A 516 50.30 23.92 -19.55
N LEU A 517 50.16 23.27 -18.40
CA LEU A 517 49.72 23.94 -17.15
C LEU A 517 50.67 25.10 -16.91
N PRO A 518 50.18 26.35 -16.83
CA PRO A 518 51.04 27.48 -16.49
C PRO A 518 51.59 27.40 -15.06
N GLY A 519 52.60 28.21 -14.75
CA GLY A 519 53.29 28.14 -13.45
C GLY A 519 52.59 28.92 -12.35
N SER A 520 51.54 29.68 -12.68
CA SER A 520 50.82 30.57 -11.73
C SER A 520 49.44 30.95 -12.29
N ALA A 521 48.51 31.28 -11.38
CA ALA A 521 47.20 31.90 -11.70
C ALA A 521 47.40 33.07 -12.68
N LYS A 522 48.37 33.97 -12.39
CA LYS A 522 48.66 35.16 -13.23
C LYS A 522 49.00 34.70 -14.67
N GLU A 523 49.84 33.69 -14.82
CA GLU A 523 50.25 33.20 -16.16
C GLU A 523 49.06 32.52 -16.83
N LEU A 524 48.20 31.86 -16.05
CA LEU A 524 46.92 31.32 -16.58
C LEU A 524 46.03 32.46 -17.07
N MET A 525 45.89 33.52 -16.27
CA MET A 525 45.03 34.65 -16.71
C MET A 525 45.64 35.20 -18.01
N GLU A 526 46.98 35.20 -18.09
CA GLU A 526 47.73 35.78 -19.23
C GLU A 526 47.51 34.92 -20.48
N ALA A 527 47.49 33.61 -20.33
CA ALA A 527 47.18 32.68 -21.46
C ALA A 527 45.82 33.04 -22.09
N VAL A 528 44.86 33.48 -21.28
CA VAL A 528 43.43 33.66 -21.65
C VAL A 528 43.11 35.12 -21.99
N ILE A 529 43.62 36.07 -21.25
CA ILE A 529 43.48 37.51 -21.57
C ILE A 529 44.89 38.09 -21.74
N HIS A 530 45.41 38.06 -22.97
CA HIS A 530 46.73 38.62 -23.33
C HIS A 530 46.78 40.06 -22.80
N ASP A 531 47.67 40.34 -21.85
CA ASP A 531 48.01 41.72 -21.36
C ASP A 531 46.75 42.30 -20.72
N ALA A 532 46.13 41.54 -19.84
CA ALA A 532 45.04 41.95 -18.93
C ALA A 532 45.33 43.34 -18.35
N GLN A 533 46.58 43.58 -17.93
CA GLN A 533 46.96 44.78 -17.14
C GLN A 533 47.34 45.90 -18.08
N ALA A 534 47.25 45.73 -19.40
CA ALA A 534 47.52 46.79 -20.42
C ALA A 534 48.94 47.37 -20.23
N GLN A 535 49.93 46.50 -20.08
CA GLN A 535 51.31 46.94 -19.77
C GLN A 535 51.94 47.45 -21.06
N TYR A 536 51.89 46.65 -22.12
CA TYR A 536 52.58 46.88 -23.41
C TYR A 536 51.60 46.84 -24.59
N ASN A 537 50.47 46.15 -24.44
CA ASN A 537 49.36 46.17 -25.45
C ASN A 537 48.02 46.29 -24.75
N SER A 538 46.97 46.53 -25.52
CA SER A 538 45.56 46.58 -25.06
C SER A 538 45.11 45.16 -24.73
N PRO A 539 44.26 44.92 -23.69
CA PRO A 539 43.85 43.56 -23.34
C PRO A 539 43.16 42.91 -24.54
N GLU A 540 43.54 41.68 -24.84
CA GLU A 540 42.97 40.91 -25.97
C GLU A 540 42.68 39.50 -25.48
N LEU A 541 41.43 39.06 -25.62
CA LEU A 541 41.02 37.68 -25.29
C LEU A 541 41.61 36.80 -26.37
N ASN A 542 42.17 35.68 -25.94
CA ASN A 542 42.75 34.63 -26.81
C ASN A 542 41.62 33.94 -27.57
N ILE A 543 41.76 33.84 -28.88
CA ILE A 543 40.77 33.19 -29.78
C ILE A 543 41.16 31.70 -29.89
N ALA A 544 40.32 30.82 -29.37
CA ALA A 544 40.55 29.36 -29.41
C ALA A 544 40.06 28.77 -30.74
N HIS A 545 39.18 29.48 -31.47
CA HIS A 545 38.56 28.95 -32.71
C HIS A 545 37.77 30.03 -33.44
N ARG A 546 37.81 30.00 -34.76
CA ARG A 546 37.00 30.86 -35.66
C ARG A 546 35.96 29.97 -36.34
N MET A 547 34.69 30.08 -35.96
CA MET A 547 33.56 29.31 -36.55
C MET A 547 33.07 30.10 -37.76
N SER A 548 33.20 29.48 -38.94
CA SER A 548 32.53 29.89 -40.19
C SER A 548 31.00 29.88 -39.95
N VAL A 549 30.28 30.81 -40.57
CA VAL A 549 28.79 30.77 -40.64
C VAL A 549 28.35 29.33 -41.00
N GLU A 550 28.99 28.72 -41.99
CA GLU A 550 28.64 27.40 -42.57
C GLU A 550 28.61 26.37 -41.42
N GLN A 551 29.68 26.40 -40.62
CA GLN A 551 29.90 25.46 -39.48
C GLN A 551 28.88 25.77 -38.37
N TYR A 552 28.74 27.07 -38.04
CA TYR A 552 27.82 27.55 -36.99
C TYR A 552 26.42 27.02 -37.28
N GLU A 553 25.90 27.39 -38.44
CA GLU A 553 24.49 27.16 -38.83
C GLU A 553 24.21 25.65 -38.83
N ARG A 554 25.19 24.86 -39.32
CA ARG A 554 25.08 23.39 -39.44
C ARG A 554 24.92 22.78 -38.04
N LEU A 555 25.75 23.17 -37.07
CA LEU A 555 25.80 22.54 -35.72
C LEU A 555 24.83 23.24 -34.75
N THR A 556 24.26 24.37 -35.16
CA THR A 556 23.35 25.20 -34.34
C THR A 556 22.00 25.27 -35.04
N PRO A 557 21.11 24.26 -34.85
CA PRO A 557 19.87 24.19 -35.62
C PRO A 557 18.91 25.34 -35.24
N TYR A 558 19.00 25.83 -34.00
CA TYR A 558 18.17 26.93 -33.45
C TYR A 558 18.72 28.32 -33.80
N SER A 559 19.82 28.45 -34.55
CA SER A 559 20.45 29.77 -34.87
C SER A 559 19.42 30.71 -35.54
N VAL A 560 18.58 30.17 -36.43
CA VAL A 560 17.49 30.91 -37.16
C VAL A 560 16.68 31.75 -36.16
N ARG A 561 16.42 31.23 -34.96
CA ARG A 561 15.54 31.88 -33.96
C ARG A 561 16.21 33.14 -33.39
N LEU A 562 17.54 33.28 -33.48
CA LEU A 562 18.27 34.47 -32.96
C LEU A 562 18.48 35.49 -34.10
N GLU A 563 18.10 35.15 -35.33
CA GLU A 563 18.19 36.10 -36.46
C GLU A 563 17.40 37.36 -36.11
N GLU A 564 16.22 37.22 -35.50
CA GLU A 564 15.32 38.37 -35.25
C GLU A 564 16.09 39.52 -34.58
N ASN A 565 16.86 39.23 -33.54
CA ASN A 565 17.43 40.29 -32.65
C ASN A 565 18.85 40.66 -33.10
N TRP A 566 19.47 39.79 -33.89
CA TRP A 566 20.95 39.81 -34.08
C TRP A 566 21.34 39.79 -35.56
N GLY A 567 20.39 39.55 -36.46
CA GLY A 567 20.64 39.50 -37.92
C GLY A 567 21.23 38.16 -38.36
N LYS A 568 21.89 38.15 -39.51
CA LYS A 568 22.58 36.92 -40.01
C LYS A 568 23.87 36.70 -39.21
N PRO A 569 24.22 35.42 -38.97
CA PRO A 569 25.59 35.07 -38.58
C PRO A 569 26.55 35.70 -39.58
N PRO A 570 27.70 36.26 -39.14
CA PRO A 570 28.22 36.06 -37.79
C PRO A 570 27.66 37.01 -36.73
N GLY A 571 27.23 38.20 -37.12
CA GLY A 571 26.68 39.20 -36.18
C GLY A 571 27.75 40.22 -35.82
N HIS A 572 27.48 41.01 -34.79
CA HIS A 572 28.33 42.18 -34.42
C HIS A 572 29.07 41.89 -33.11
N LEU A 573 28.70 40.81 -32.42
CA LEU A 573 29.32 40.40 -31.12
C LEU A 573 30.19 39.13 -31.30
N ASN A 574 31.38 39.13 -30.71
CA ASN A 574 32.29 37.95 -30.64
C ASN A 574 32.53 37.47 -32.08
N SER A 575 32.88 38.40 -32.97
CA SER A 575 32.97 38.24 -34.45
C SER A 575 34.15 39.03 -35.03
N ASP A 576 34.80 38.49 -36.07
CA ASP A 576 35.92 39.14 -36.80
C ASP A 576 35.43 39.75 -38.11
N GLY A 577 34.11 39.77 -38.36
CA GLY A 577 33.51 40.17 -39.66
C GLY A 577 33.00 38.97 -40.45
N GLN A 578 33.84 37.95 -40.68
CA GLN A 578 33.51 36.69 -41.40
C GLN A 578 33.04 35.59 -40.42
N ASN A 579 33.71 35.47 -39.28
CA ASN A 579 33.62 34.31 -38.36
C ASN A 579 33.01 34.69 -37.01
N LEU A 580 32.33 33.74 -36.37
CA LEU A 580 32.14 33.79 -34.91
C LEU A 580 33.46 33.41 -34.24
N LEU A 581 33.79 34.07 -33.13
CA LEU A 581 35.05 33.83 -32.37
C LEU A 581 34.72 33.08 -31.09
N ILE A 582 35.43 31.98 -30.82
CA ILE A 582 35.29 31.23 -29.53
C ILE A 582 36.49 31.57 -28.65
N TYR A 583 36.28 32.43 -27.66
CA TYR A 583 37.35 32.91 -26.74
C TYR A 583 37.65 31.86 -25.66
N GLY A 584 38.91 31.48 -25.54
CA GLY A 584 39.37 30.45 -24.58
C GLY A 584 40.75 29.94 -24.94
N LYS A 585 41.23 28.94 -24.20
CA LYS A 585 42.57 28.35 -24.36
C LYS A 585 42.47 26.87 -23.98
N GLU A 586 42.82 25.98 -24.93
CA GLU A 586 43.00 24.52 -24.70
C GLU A 586 44.23 24.29 -23.81
N PHE A 587 44.12 23.37 -22.86
CA PHE A 587 45.20 22.88 -21.98
C PHE A 587 45.10 21.36 -21.94
N GLY A 588 45.20 20.74 -23.10
CA GLY A 588 44.99 19.29 -23.27
C GLY A 588 43.52 18.95 -23.27
N ASN A 589 43.09 18.21 -22.25
CA ASN A 589 41.69 17.74 -22.06
C ASN A 589 40.95 18.64 -21.06
N VAL A 590 41.47 19.83 -20.82
CA VAL A 590 40.80 20.90 -20.03
C VAL A 590 40.78 22.16 -20.90
N PHE A 591 39.61 22.79 -21.11
CA PHE A 591 39.47 24.04 -21.90
C PHE A 591 38.98 25.17 -20.98
N ILE A 592 39.65 26.32 -20.99
CA ILE A 592 39.20 27.53 -20.26
C ILE A 592 38.60 28.47 -21.31
N GLY A 593 37.29 28.65 -21.26
CA GLY A 593 36.50 29.45 -22.20
C GLY A 593 35.93 30.68 -21.50
N VAL A 594 35.87 31.78 -22.21
CA VAL A 594 35.28 33.07 -21.75
C VAL A 594 34.02 33.34 -22.58
N GLN A 595 32.91 33.61 -21.90
CA GLN A 595 31.72 34.32 -22.48
C GLN A 595 31.81 35.75 -21.99
N PRO A 596 32.46 36.68 -22.74
CA PRO A 596 32.71 38.03 -22.21
C PRO A 596 31.41 38.82 -21.97
N THR A 597 30.43 38.65 -22.88
CA THR A 597 29.18 39.45 -22.87
C THR A 597 27.96 38.54 -23.06
N PHE A 598 26.95 38.75 -22.22
CA PHE A 598 25.59 38.17 -22.30
C PHE A 598 24.76 38.90 -23.36
N GLY A 599 25.08 40.17 -23.61
CA GLY A 599 24.48 41.00 -24.66
C GLY A 599 23.23 41.70 -24.15
N TYR A 600 23.33 42.26 -22.95
CA TYR A 600 22.21 42.94 -22.25
C TYR A 600 21.94 44.30 -22.90
N GLU A 601 22.98 44.95 -23.46
CA GLU A 601 22.85 46.27 -24.15
C GLU A 601 22.53 46.06 -25.65
N GLY A 602 22.21 44.82 -26.05
CA GLY A 602 21.70 44.46 -27.38
C GLY A 602 22.73 44.72 -28.48
N ASP A 603 22.25 45.04 -29.68
CA ASP A 603 23.08 45.36 -30.87
C ASP A 603 22.82 46.81 -31.27
N PRO A 604 23.74 47.76 -30.96
CA PRO A 604 23.52 49.17 -31.32
C PRO A 604 23.66 49.49 -32.82
N MET A 605 24.11 48.52 -33.63
CA MET A 605 24.20 48.61 -35.11
C MET A 605 22.97 47.97 -35.76
N ARG A 606 21.88 47.75 -35.01
CA ARG A 606 20.61 47.10 -35.47
C ARG A 606 19.40 47.77 -34.80
N LEU A 607 18.28 47.94 -35.52
CA LEU A 607 17.01 48.58 -35.02
C LEU A 607 15.92 47.51 -34.91
N LEU A 608 15.54 47.12 -33.68
CA LEU A 608 14.68 45.94 -33.42
C LEU A 608 13.29 46.38 -32.95
N PHE A 609 12.27 45.64 -33.34
CA PHE A 609 10.88 45.78 -32.84
C PHE A 609 10.39 44.46 -32.25
N SER A 610 11.31 43.57 -31.88
CA SER A 610 11.00 42.30 -31.18
C SER A 610 10.50 42.61 -29.79
N ARG A 611 9.93 41.62 -29.10
CA ARG A 611 9.52 41.76 -27.68
C ARG A 611 10.21 40.65 -26.86
N SER A 612 10.63 39.56 -27.51
CA SER A 612 11.35 38.41 -26.90
C SER A 612 12.88 38.63 -26.96
N ALA A 613 13.54 38.52 -25.80
CA ALA A 613 15.01 38.46 -25.65
C ALA A 613 15.53 37.10 -26.18
N SER A 614 16.72 37.09 -26.79
CA SER A 614 17.44 35.86 -27.24
C SER A 614 18.94 36.12 -27.18
N PRO A 615 19.76 35.08 -26.97
CA PRO A 615 21.22 35.23 -26.96
C PRO A 615 21.77 35.53 -28.36
N HIS A 616 22.81 36.36 -28.43
CA HIS A 616 23.54 36.67 -29.69
C HIS A 616 24.23 35.41 -30.22
N HIS A 617 24.63 35.41 -31.49
CA HIS A 617 25.23 34.23 -32.17
C HIS A 617 26.46 33.78 -31.38
N GLY A 618 27.37 34.71 -31.08
CA GLY A 618 28.55 34.48 -30.23
C GLY A 618 28.25 33.66 -28.98
N PHE A 619 27.22 34.04 -28.23
CA PHE A 619 26.90 33.35 -26.96
C PHE A 619 26.58 31.89 -27.25
N ALA A 620 25.80 31.65 -28.30
CA ALA A 620 25.34 30.31 -28.78
C ALA A 620 26.52 29.52 -29.33
N ALA A 621 27.29 30.11 -30.25
CA ALA A 621 28.47 29.47 -30.86
C ALA A 621 29.32 28.89 -29.75
N TYR A 622 29.57 29.68 -28.69
CA TYR A 622 30.45 29.23 -27.58
C TYR A 622 30.00 27.82 -27.14
N TYR A 623 28.71 27.62 -26.90
CA TYR A 623 28.14 26.36 -26.34
C TYR A 623 28.06 25.31 -27.46
N THR A 624 27.96 25.76 -28.71
CA THR A 624 28.02 24.92 -29.93
C THR A 624 29.44 24.33 -30.06
N TYR A 625 30.47 25.13 -29.82
CA TYR A 625 31.88 24.67 -29.77
C TYR A 625 32.08 23.63 -28.64
N LEU A 626 31.73 23.94 -27.40
CA LEU A 626 31.84 22.95 -26.28
C LEU A 626 31.16 21.63 -26.68
N ASN A 627 29.93 21.69 -27.18
CA ASN A 627 29.06 20.49 -27.34
C ASN A 627 29.50 19.67 -28.55
N HIS A 628 29.70 20.28 -29.72
CA HIS A 628 29.80 19.54 -31.01
C HIS A 628 31.17 19.66 -31.71
N ILE A 629 32.15 20.41 -31.18
CA ILE A 629 33.48 20.56 -31.84
C ILE A 629 34.56 20.13 -30.86
N TRP A 630 34.76 20.87 -29.78
CA TRP A 630 35.71 20.47 -28.72
C TRP A 630 35.18 19.20 -28.04
N LYS A 631 33.86 19.03 -27.94
CA LYS A 631 33.21 17.77 -27.47
C LYS A 631 33.56 17.49 -26.00
N ALA A 632 33.30 18.45 -25.10
CA ALA A 632 33.38 18.30 -23.62
C ALA A 632 32.50 17.16 -23.13
N ASP A 633 32.92 16.49 -22.05
CA ASP A 633 32.14 15.44 -21.35
C ASP A 633 31.48 16.01 -20.09
N ALA A 634 31.91 17.20 -19.68
CA ALA A 634 31.32 17.96 -18.56
C ALA A 634 31.72 19.42 -18.72
N VAL A 635 30.90 20.34 -18.21
CA VAL A 635 31.23 21.79 -18.15
C VAL A 635 31.09 22.25 -16.69
N LEU A 636 32.01 23.13 -16.28
CA LEU A 636 32.07 23.80 -14.96
C LEU A 636 31.85 25.28 -15.18
N HIS A 637 30.81 25.82 -14.55
CA HIS A 637 30.55 27.28 -14.46
C HIS A 637 30.81 27.69 -13.03
N PHE A 638 30.84 29.01 -12.78
CA PHE A 638 30.96 29.64 -11.44
C PHE A 638 29.70 30.48 -11.19
N GLY A 639 29.10 30.37 -10.01
CA GLY A 639 27.89 31.13 -9.63
C GLY A 639 28.16 32.64 -9.54
N THR A 640 28.77 33.23 -10.56
CA THR A 640 29.16 34.67 -10.55
C THR A 640 28.02 35.57 -11.06
N HIS A 641 27.10 35.05 -11.88
CA HIS A 641 26.09 35.85 -12.60
C HIS A 641 24.65 35.51 -12.18
N GLY A 642 24.47 34.58 -11.23
CA GLY A 642 23.16 34.38 -10.57
C GLY A 642 22.05 34.06 -11.56
N SER A 643 20.80 34.43 -11.22
CA SER A 643 19.55 34.07 -11.91
C SER A 643 19.44 34.75 -13.29
N LEU A 644 20.21 35.82 -13.53
CA LEU A 644 20.23 36.60 -14.80
C LEU A 644 21.11 35.89 -15.86
N GLU A 645 21.94 34.94 -15.46
CA GLU A 645 22.70 34.07 -16.39
C GLU A 645 21.74 33.50 -17.45
N PHE A 646 20.49 33.20 -17.10
CA PHE A 646 19.55 32.38 -17.92
C PHE A 646 18.62 33.25 -18.79
N MET A 647 18.75 34.59 -18.76
CA MET A 647 18.17 35.47 -19.81
C MET A 647 19.30 36.26 -20.50
N PRO A 648 20.08 35.58 -21.38
CA PRO A 648 21.04 36.27 -22.23
C PRO A 648 20.33 36.99 -23.39
N GLY A 649 20.67 38.28 -23.60
CA GLY A 649 20.21 39.09 -24.74
C GLY A 649 19.07 40.03 -24.38
N LYS A 650 18.99 40.42 -23.10
CA LYS A 650 17.84 41.18 -22.54
C LYS A 650 18.11 42.69 -22.70
N PRO A 660 15.75 29.88 -25.06
CA PRO A 660 15.87 28.67 -25.88
C PRO A 660 16.35 27.40 -25.17
N ASP A 661 16.12 27.30 -23.86
CA ASP A 661 16.32 26.07 -23.03
C ASP A 661 17.64 25.36 -23.40
N ASN A 662 17.57 24.25 -24.16
CA ASN A 662 18.69 23.31 -24.49
C ASN A 662 19.74 24.05 -25.37
N LEU A 663 20.55 24.90 -24.72
CA LEU A 663 21.57 25.82 -25.29
C LEU A 663 22.92 25.56 -24.60
N ILE A 664 22.91 25.25 -23.31
CA ILE A 664 24.10 24.72 -22.58
C ILE A 664 24.41 23.31 -23.07
N GLY A 665 23.35 22.55 -23.40
CA GLY A 665 23.42 21.23 -24.05
C GLY A 665 22.86 20.12 -23.18
N THR A 666 23.25 18.88 -23.49
CA THR A 666 22.89 17.65 -22.74
C THR A 666 24.09 17.18 -21.91
N ILE A 667 25.20 17.90 -21.85
CA ILE A 667 26.36 17.44 -21.05
C ILE A 667 26.18 17.88 -19.60
N PRO A 668 26.60 17.05 -18.64
CA PRO A 668 26.61 17.44 -17.24
C PRO A 668 27.07 18.89 -17.09
N ASN A 669 26.20 19.71 -16.53
CA ASN A 669 26.44 21.14 -16.20
C ASN A 669 26.71 21.28 -14.69
N LEU A 670 27.94 21.56 -14.27
CA LEU A 670 28.29 21.63 -12.83
C LEU A 670 28.51 23.09 -12.48
N TYR A 671 28.15 23.54 -11.27
CA TYR A 671 28.43 24.93 -10.82
C TYR A 671 29.19 24.86 -9.50
N TYR A 672 30.25 25.67 -9.36
CA TYR A 672 30.71 26.12 -8.02
C TYR A 672 29.84 27.33 -7.62
N TYR A 673 29.05 27.22 -6.55
CA TYR A 673 28.10 28.27 -6.11
C TYR A 673 28.38 28.55 -4.64
N ALA A 674 28.40 29.80 -4.23
CA ALA A 674 28.57 30.16 -2.81
C ALA A 674 27.54 29.39 -1.98
N ALA A 675 27.96 28.81 -0.87
CA ALA A 675 27.09 28.16 0.15
C ALA A 675 25.98 29.12 0.58
N ASN A 676 26.28 30.41 0.58
CA ASN A 676 25.41 31.45 1.17
C ASN A 676 24.39 31.95 0.11
N ASN A 677 24.30 31.36 -1.08
CA ASN A 677 23.30 31.73 -2.12
C ASN A 677 22.49 30.50 -2.52
N PRO A 678 21.63 29.94 -1.65
CA PRO A 678 20.78 28.83 -2.06
C PRO A 678 19.66 29.21 -3.04
N SER A 679 19.14 30.42 -2.96
CA SER A 679 18.06 30.84 -3.89
C SER A 679 18.59 30.81 -5.32
N GLU A 680 19.76 31.41 -5.60
CA GLU A 680 20.19 31.52 -7.03
C GLU A 680 20.74 30.17 -7.50
N ALA A 681 21.33 29.40 -6.58
CA ALA A 681 21.72 28.00 -6.86
C ALA A 681 20.47 27.21 -7.27
N THR A 682 19.33 27.45 -6.60
CA THR A 682 18.06 26.73 -6.92
C THR A 682 17.60 27.15 -8.34
N ILE A 683 17.64 28.43 -8.64
CA ILE A 683 17.27 28.86 -10.02
C ILE A 683 18.15 28.08 -11.03
N ALA A 684 19.42 27.84 -10.71
CA ALA A 684 20.36 27.17 -11.64
C ALA A 684 20.02 25.68 -11.78
N LYS A 685 19.66 25.02 -10.68
CA LYS A 685 19.09 23.64 -10.71
C LYS A 685 17.94 23.55 -11.72
N ARG A 686 17.08 24.57 -11.75
CA ARG A 686 15.76 24.53 -12.44
C ARG A 686 15.83 25.11 -13.84
N ARG A 687 16.77 26.02 -14.11
CA ARG A 687 16.95 26.69 -15.42
C ARG A 687 18.19 26.17 -16.14
N GLY A 688 19.09 25.44 -15.47
CA GLY A 688 20.43 25.10 -16.02
C GLY A 688 20.81 23.64 -15.90
N TYR A 689 19.92 22.77 -15.40
CA TYR A 689 20.17 21.33 -15.25
C TYR A 689 21.37 21.15 -14.30
N ALA A 690 21.60 22.16 -13.46
CA ALA A 690 22.87 22.32 -12.74
C ALA A 690 23.02 21.29 -11.60
N SER A 691 24.26 20.87 -11.38
CA SER A 691 24.73 20.32 -10.10
C SER A 691 25.50 21.44 -9.40
N THR A 692 25.10 21.85 -8.20
CA THR A 692 25.64 23.10 -7.58
C THR A 692 26.44 22.80 -6.31
N ILE A 693 27.75 22.58 -6.49
CA ILE A 693 28.77 22.30 -5.43
C ILE A 693 29.15 23.60 -4.71
N SER A 694 29.04 23.62 -3.40
CA SER A 694 29.18 24.88 -2.60
C SER A 694 30.65 25.15 -2.35
N TYR A 695 30.99 26.43 -2.22
CA TYR A 695 32.30 26.91 -1.71
C TYR A 695 32.03 27.95 -0.63
N LEU A 696 32.99 28.15 0.26
CA LEU A 696 32.87 29.03 1.46
C LEU A 696 33.31 30.43 1.05
N THR A 697 32.62 31.44 1.54
CA THR A 697 33.05 32.84 1.31
C THR A 697 34.23 33.07 2.25
N PRO A 698 35.12 34.04 1.97
CA PRO A 698 36.33 34.19 2.77
C PRO A 698 36.06 34.28 4.27
N PRO A 699 36.95 33.75 5.12
CA PRO A 699 36.68 33.73 6.54
C PRO A 699 36.55 35.20 6.97
N ALA A 700 35.46 35.53 7.67
CA ALA A 700 35.05 36.93 7.89
C ALA A 700 35.97 37.58 8.93
N GLU A 701 36.11 38.90 8.78
CA GLU A 701 36.85 39.76 9.72
C GLU A 701 35.88 40.81 10.27
N ASN A 702 36.12 41.26 11.50
CA ASN A 702 35.49 42.47 12.10
C ASN A 702 36.07 43.68 11.34
N ALA A 703 35.24 44.56 10.78
CA ALA A 703 35.67 45.59 9.81
C ALA A 703 36.67 46.56 10.48
N GLY A 704 36.54 46.69 11.79
CA GLY A 704 37.45 47.52 12.59
C GLY A 704 37.29 49.01 12.36
N LEU A 705 38.19 49.78 12.96
CA LEU A 705 38.18 51.26 12.95
C LEU A 705 39.50 51.75 12.36
N TYR A 706 39.50 52.97 11.86
CA TYR A 706 40.58 53.48 11.00
C TYR A 706 40.45 54.99 10.96
N LYS A 707 41.56 55.68 10.68
CA LYS A 707 41.65 57.16 10.49
C LYS A 707 40.74 57.87 11.52
N GLY A 708 39.84 58.75 11.08
CA GLY A 708 38.98 59.56 11.96
C GLY A 708 38.27 58.72 13.02
N LEU A 709 37.79 57.54 12.61
CA LEU A 709 36.92 56.71 13.49
C LEU A 709 37.74 56.15 14.63
N GLN A 710 39.02 55.81 14.40
CA GLN A 710 39.85 55.19 15.49
C GLN A 710 40.19 56.30 16.48
N GLU A 711 40.57 57.49 15.97
CA GLU A 711 40.79 58.73 16.77
C GLU A 711 39.59 58.95 17.68
N LEU A 712 38.37 58.86 17.14
CA LEU A 712 37.13 59.12 17.94
C LEU A 712 37.02 58.06 19.04
N ASN A 713 37.37 56.83 18.72
CA ASN A 713 37.36 55.70 19.68
C ASN A 713 38.37 55.98 20.80
N GLU A 714 39.53 56.57 20.51
CA GLU A 714 40.53 56.93 21.56
C GLU A 714 39.98 58.06 22.46
N LEU A 715 39.40 59.13 21.90
CA LEU A 715 38.74 60.17 22.72
C LEU A 715 37.76 59.50 23.69
N ILE A 716 36.88 58.66 23.17
CA ILE A 716 35.87 57.91 24.00
C ILE A 716 36.62 57.10 25.07
N GLY A 717 37.79 56.56 24.76
CA GLY A 717 38.56 55.76 25.73
C GLY A 717 38.88 56.57 26.97
N SER A 718 39.48 57.74 26.74
CA SER A 718 39.91 58.77 27.74
C SER A 718 38.76 59.26 28.63
N TYR A 719 37.51 59.18 28.18
CA TYR A 719 36.34 59.82 28.86
C TYR A 719 36.28 59.40 30.34
N GLN A 720 36.38 58.10 30.65
CA GLN A 720 36.18 57.62 32.06
C GLN A 720 37.32 58.13 32.94
N THR A 721 38.58 57.98 32.49
CA THR A 721 39.80 58.59 33.11
C THR A 721 39.50 60.06 33.41
N LEU A 722 39.33 60.89 32.36
CA LEU A 722 39.20 62.37 32.45
C LEU A 722 38.02 62.76 33.35
N LYS A 723 36.95 61.96 33.43
CA LYS A 723 35.75 62.24 34.29
C LYS A 723 36.11 62.19 35.79
N ASP A 724 37.10 61.37 36.17
CA ASP A 724 37.54 61.14 37.57
C ASP A 724 38.51 62.23 38.01
N SER A 725 39.19 62.87 37.05
CA SER A 725 40.05 64.08 37.20
C SER A 725 39.21 65.36 37.30
N GLY A 726 37.91 65.29 37.05
CA GLY A 726 36.99 66.44 37.01
C GLY A 726 36.92 67.09 35.64
N ARG A 727 37.80 66.71 34.70
CA ARG A 727 37.87 67.34 33.34
C ARG A 727 36.86 66.71 32.37
N GLY A 728 35.74 66.17 32.89
CA GLY A 728 34.78 65.34 32.13
C GLY A 728 33.71 66.15 31.40
N ILE A 729 34.11 67.25 30.76
CA ILE A 729 33.19 68.20 30.06
C ILE A 729 33.79 68.60 28.72
N GLN A 730 34.99 69.18 28.68
CA GLN A 730 35.59 69.62 27.40
C GLN A 730 35.77 68.43 26.44
N ILE A 731 36.02 67.24 26.98
CA ILE A 731 36.20 65.97 26.21
C ILE A 731 34.96 65.67 25.33
N VAL A 732 33.75 65.80 25.91
CA VAL A 732 32.42 65.62 25.25
C VAL A 732 32.26 66.61 24.09
N ASN A 733 32.84 67.81 24.19
CA ASN A 733 32.82 68.79 23.08
C ASN A 733 33.73 68.28 21.98
N THR A 734 34.87 67.68 22.33
CA THR A 734 35.86 67.20 21.34
C THR A 734 35.25 65.97 20.65
N ILE A 735 34.73 65.07 21.47
CA ILE A 735 34.02 63.86 21.01
C ILE A 735 33.00 64.29 19.93
N MET A 736 32.12 65.23 20.25
CA MET A 736 31.07 65.70 19.30
C MET A 736 31.72 66.34 18.06
N ASP A 737 32.79 67.12 18.23
CA ASP A 737 33.44 67.78 17.06
C ASP A 737 33.99 66.69 16.13
N GLN A 738 34.53 65.62 16.70
CA GLN A 738 35.18 64.51 15.94
C GLN A 738 34.10 63.68 15.22
N ALA A 739 33.06 63.28 15.97
CA ALA A 739 31.83 62.62 15.49
C ALA A 739 31.27 63.40 14.29
N ARG A 740 31.13 64.72 14.40
CA ARG A 740 30.68 65.56 13.25
C ARG A 740 31.65 65.38 12.07
N ILE A 741 32.96 65.22 12.31
CA ILE A 741 33.99 65.15 11.23
C ILE A 741 33.80 63.81 10.52
N CYS A 742 33.58 62.74 11.30
CA CYS A 742 33.36 61.34 10.82
C CYS A 742 31.95 61.16 10.25
N ASN A 743 31.07 62.16 10.37
CA ASN A 743 29.72 62.22 9.74
C ASN A 743 28.71 61.41 10.57
N LEU A 744 29.06 61.07 11.81
CA LEU A 744 28.18 60.26 12.69
C LEU A 744 27.03 61.14 13.18
N ASP A 745 26.92 62.34 12.62
CA ASP A 745 25.93 63.34 13.10
C ASP A 745 24.61 63.06 12.37
N GLN A 746 24.66 62.32 11.26
CA GLN A 746 23.48 61.76 10.56
C GLN A 746 23.01 60.44 11.20
N ASP A 747 23.76 59.85 12.14
CA ASP A 747 23.45 58.53 12.76
C ASP A 747 23.10 58.72 14.24
N VAL A 748 23.55 59.82 14.84
CA VAL A 748 23.35 60.16 16.27
C VAL A 748 22.90 61.62 16.30
N ASN A 749 21.96 61.93 17.19
CA ASN A 749 21.52 63.33 17.36
C ASN A 749 22.66 64.09 18.06
N LEU A 750 23.37 64.93 17.32
CA LEU A 750 24.41 65.81 17.90
C LEU A 750 23.94 67.26 17.90
N PRO A 751 23.21 67.70 18.96
CA PRO A 751 22.67 69.05 19.01
C PRO A 751 23.81 70.08 19.04
N ASP A 752 23.64 71.25 18.43
CA ASP A 752 24.63 72.36 18.48
C ASP A 752 24.51 73.08 19.83
N ILE A 753 24.73 72.32 20.92
CA ILE A 753 24.65 72.73 22.34
C ILE A 753 25.96 72.31 22.99
N ASN A 754 26.65 73.23 23.69
CA ASN A 754 27.92 72.95 24.41
C ASN A 754 27.65 72.00 25.57
N ALA A 755 28.62 71.12 25.87
CA ALA A 755 28.53 70.09 26.93
C ALA A 755 28.41 70.74 28.31
N GLU A 756 28.80 72.02 28.41
CA GLU A 756 28.75 72.83 29.66
C GLU A 756 27.28 73.00 30.09
N GLU A 757 26.38 73.05 29.09
CA GLU A 757 24.93 73.35 29.23
C GLU A 757 24.11 72.05 29.46
N MET A 758 24.78 70.95 29.86
CA MET A 758 24.18 69.58 29.95
C MET A 758 24.33 69.10 31.39
N ASP A 759 23.49 68.16 31.84
CA ASP A 759 23.74 67.42 33.10
C ASP A 759 24.71 66.27 32.80
N GLN A 760 25.18 65.56 33.82
CA GLN A 760 26.10 64.41 33.65
C GLN A 760 25.38 63.36 32.79
N GLY A 761 24.25 62.84 33.30
CA GLY A 761 23.34 61.94 32.57
C GLY A 761 23.32 62.17 31.06
N GLN A 762 23.26 63.41 30.58
CA GLN A 762 23.00 63.66 29.14
C GLN A 762 24.33 63.84 28.37
N ARG A 763 25.44 64.05 29.07
CA ARG A 763 26.80 64.00 28.46
C ARG A 763 27.17 62.52 28.22
N ASP A 764 26.96 61.67 29.22
CA ASP A 764 27.11 60.19 29.15
C ASP A 764 26.35 59.63 27.94
N THR A 765 25.14 60.11 27.69
CA THR A 765 24.27 59.63 26.59
C THR A 765 24.83 60.08 25.25
N ILE A 766 25.31 61.32 25.13
CA ILE A 766 26.03 61.78 23.91
C ILE A 766 27.11 60.72 23.61
N VAL A 767 27.92 60.40 24.61
CA VAL A 767 29.11 59.51 24.45
C VAL A 767 28.62 58.12 24.07
N GLY A 768 27.71 57.55 24.87
CA GLY A 768 27.07 56.22 24.68
C GLY A 768 26.52 56.04 23.26
N SER A 769 25.86 57.06 22.76
CA SER A 769 25.17 57.02 21.44
C SER A 769 26.19 56.94 20.32
N VAL A 770 27.29 57.68 20.46
CA VAL A 770 28.43 57.74 19.50
C VAL A 770 29.11 56.38 19.56
N TYR A 771 29.27 55.86 20.79
CA TYR A 771 30.09 54.68 21.12
C TYR A 771 29.43 53.44 20.51
N ARG A 772 28.12 53.21 20.74
CA ARG A 772 27.44 52.00 20.18
C ARG A 772 27.49 52.05 18.64
N LYS A 773 27.60 53.24 18.07
CA LYS A 773 27.67 53.40 16.59
C LYS A 773 29.08 53.06 16.07
N LEU A 774 30.14 53.47 16.76
CA LEU A 774 31.53 53.07 16.42
C LEU A 774 31.66 51.55 16.60
N MET A 775 31.03 50.98 17.63
CA MET A 775 31.17 49.53 17.94
C MET A 775 30.39 48.72 16.89
N GLU A 776 29.33 49.29 16.34
CA GLU A 776 28.58 48.64 15.24
C GLU A 776 29.53 48.56 14.05
N ILE A 777 30.25 49.64 13.75
CA ILE A 777 31.22 49.65 12.62
C ILE A 777 32.35 48.66 12.96
N GLU A 778 33.01 48.82 14.10
CA GLU A 778 34.17 47.98 14.54
C GLU A 778 33.84 46.48 14.35
N SER A 779 32.67 46.03 14.80
CA SER A 779 32.32 44.59 14.97
C SER A 779 31.61 44.02 13.73
N ARG A 780 31.19 44.83 12.75
CA ARG A 780 30.51 44.24 11.58
C ARG A 780 31.42 43.13 11.05
N LEU A 781 30.92 41.87 11.07
CA LEU A 781 31.62 40.67 10.56
C LEU A 781 31.40 40.53 9.06
N LEU A 782 32.42 40.79 8.23
CA LEU A 782 32.29 40.67 6.77
C LEU A 782 33.57 40.13 6.11
N PRO A 783 33.46 39.45 4.96
CA PRO A 783 34.67 39.03 4.25
C PRO A 783 35.37 40.28 3.73
N CYS A 784 36.70 40.29 3.80
CA CYS A 784 37.60 41.33 3.25
C CYS A 784 38.60 40.69 2.31
N GLY A 785 38.10 39.97 1.33
CA GLY A 785 38.92 39.32 0.30
C GLY A 785 38.09 38.40 -0.56
N LEU A 786 38.78 37.59 -1.34
CA LEU A 786 38.23 36.61 -2.29
C LEU A 786 38.67 35.20 -1.88
N HIS A 787 37.86 34.21 -2.24
CA HIS A 787 38.08 32.78 -1.94
C HIS A 787 38.75 32.11 -3.14
N VAL A 788 39.64 31.18 -2.86
CA VAL A 788 40.20 30.27 -3.88
C VAL A 788 39.57 28.90 -3.58
N ILE A 789 38.98 28.29 -4.59
CA ILE A 789 38.36 26.96 -4.42
C ILE A 789 39.41 26.01 -3.87
N GLY A 790 39.11 25.38 -2.75
CA GLY A 790 39.94 24.34 -2.11
C GLY A 790 40.95 24.90 -1.12
N GLN A 791 40.94 26.20 -0.85
CA GLN A 791 41.82 26.81 0.17
C GLN A 791 40.95 27.24 1.33
N PRO A 792 40.70 26.31 2.27
CA PRO A 792 39.92 26.61 3.45
C PRO A 792 40.69 27.53 4.38
N PRO A 793 40.01 28.11 5.38
CA PRO A 793 40.66 28.96 6.36
C PRO A 793 41.42 28.22 7.48
N SER A 794 42.49 28.85 7.99
CA SER A 794 43.18 28.37 9.22
C SER A 794 42.22 28.43 10.40
N ALA A 795 42.50 27.67 11.44
CA ALA A 795 41.80 27.76 12.72
C ALA A 795 41.79 29.22 13.17
N GLU A 796 42.90 29.94 13.02
CA GLU A 796 42.99 31.33 13.52
C GLU A 796 41.99 32.20 12.75
N GLU A 797 41.86 32.00 11.46
CA GLU A 797 41.02 32.83 10.56
C GLU A 797 39.53 32.55 10.83
N ALA A 798 39.19 31.49 11.57
CA ALA A 798 37.81 31.05 11.85
C ALA A 798 37.29 31.70 13.12
N ILE A 799 38.17 32.35 13.89
CA ILE A 799 37.80 32.76 15.27
C ILE A 799 36.62 33.74 15.23
N ALA A 800 36.64 34.72 14.34
CA ALA A 800 35.61 35.79 14.30
C ALA A 800 34.27 35.19 13.86
N THR A 801 34.25 34.30 12.86
CA THR A 801 33.06 33.48 12.47
C THR A 801 32.54 32.73 13.68
N LEU A 802 33.38 32.00 14.40
CA LEU A 802 32.99 31.20 15.60
C LEU A 802 32.47 32.08 16.74
N VAL A 803 32.94 33.33 16.85
CA VAL A 803 32.43 34.26 17.90
C VAL A 803 30.93 34.50 17.64
N ASN A 804 30.56 34.84 16.41
CA ASN A 804 29.16 35.14 16.04
C ASN A 804 28.35 33.84 16.12
N ILE A 805 28.90 32.69 15.73
CA ILE A 805 28.21 31.38 15.97
C ILE A 805 27.92 31.25 17.47
N ALA A 806 28.90 31.62 18.30
CA ALA A 806 28.82 31.49 19.78
C ALA A 806 27.81 32.48 20.35
N SER A 807 27.30 33.42 19.53
CA SER A 807 26.55 34.60 20.01
C SER A 807 25.04 34.47 19.72
N LEU A 808 24.57 33.27 19.34
CA LEU A 808 23.12 32.95 19.14
C LEU A 808 22.69 31.81 20.07
N ASP A 809 21.55 31.99 20.76
CA ASP A 809 20.84 30.90 21.49
C ASP A 809 20.41 29.88 20.42
N ARG A 810 20.32 28.60 20.76
CA ARG A 810 20.02 27.51 19.79
C ARG A 810 19.21 26.44 20.49
N GLU A 811 17.89 26.61 20.55
CA GLU A 811 16.95 25.69 21.23
C GLU A 811 17.11 24.29 20.64
N ASP A 812 17.13 24.18 19.32
CA ASP A 812 17.13 22.88 18.60
C ASP A 812 18.46 22.16 18.77
N GLU A 813 19.43 22.77 19.46
CA GLU A 813 20.74 22.15 19.79
C GLU A 813 20.93 22.11 21.32
N GLY A 814 19.91 22.51 22.08
CA GLY A 814 19.94 22.55 23.55
C GLY A 814 21.02 23.48 24.11
N ILE A 815 21.34 24.60 23.47
CA ILE A 815 22.46 25.46 23.95
C ILE A 815 22.15 26.95 23.83
N TRP A 816 22.86 27.72 24.66
CA TRP A 816 22.69 29.16 24.88
C TRP A 816 23.86 29.94 24.27
N ALA A 817 23.61 31.17 23.83
CA ALA A 817 24.68 32.10 23.43
C ALA A 817 25.63 32.34 24.62
N LEU A 818 26.93 32.46 24.35
CA LEU A 818 27.92 32.78 25.39
C LEU A 818 27.56 34.12 26.03
N PRO A 819 27.20 35.19 25.27
CA PRO A 819 26.73 36.42 25.90
C PRO A 819 25.50 36.19 26.80
N THR A 820 24.60 35.29 26.45
CA THR A 820 23.45 35.00 27.33
C THR A 820 23.99 34.50 28.67
N LEU A 821 24.97 33.61 28.64
CA LEU A 821 25.53 32.94 29.85
C LEU A 821 26.28 33.97 30.69
N ILE A 822 27.03 34.86 30.05
CA ILE A 822 27.82 35.89 30.79
C ILE A 822 26.87 36.86 31.50
N ALA A 823 25.89 37.39 30.75
CA ALA A 823 24.83 38.29 31.28
C ALA A 823 24.19 37.66 32.51
N GLU A 824 23.73 36.40 32.37
CA GLU A 824 23.05 35.68 33.48
C GLU A 824 24.01 35.58 34.68
N SER A 825 25.31 35.39 34.44
CA SER A 825 26.36 35.24 35.49
C SER A 825 26.34 36.47 36.43
N ILE A 826 25.94 37.63 35.92
CA ILE A 826 25.92 38.91 36.67
C ILE A 826 24.47 39.41 36.84
N GLY A 827 23.50 38.49 36.86
CA GLY A 827 22.07 38.79 37.10
C GLY A 827 21.47 39.67 36.02
N ARG A 828 21.97 39.60 34.79
CA ARG A 828 21.52 40.51 33.69
C ARG A 828 20.94 39.71 32.53
N ASN A 829 20.15 40.40 31.71
CA ASN A 829 19.34 39.85 30.59
C ASN A 829 19.90 40.53 29.34
N MET A 830 20.40 39.73 28.40
CA MET A 830 21.13 40.22 27.20
C MET A 830 20.18 41.07 26.32
N GLU A 831 18.85 40.81 26.38
CA GLU A 831 17.83 41.61 25.65
C GLU A 831 17.74 43.02 26.26
N GLU A 832 17.72 43.15 27.58
CA GLU A 832 17.75 44.46 28.29
C GLU A 832 19.01 45.22 27.83
N ILE A 833 20.19 44.59 27.94
CA ILE A 833 21.51 45.18 27.55
C ILE A 833 21.45 45.70 26.11
N TYR A 834 20.82 44.95 25.19
CA TYR A 834 20.76 45.33 23.75
C TYR A 834 19.87 46.56 23.61
N ARG A 835 18.71 46.58 24.27
CA ARG A 835 17.75 47.73 24.18
C ARG A 835 18.37 49.01 24.78
N ASN A 836 19.08 48.91 25.92
CA ASN A 836 19.69 50.08 26.61
C ASN A 836 20.89 50.58 25.81
N SER A 837 21.63 49.67 25.18
CA SER A 837 22.69 49.99 24.20
C SER A 837 22.10 50.80 23.04
N ASP A 838 20.87 50.48 22.62
CA ASP A 838 20.26 51.19 21.46
C ASP A 838 19.89 52.61 21.92
N LYS A 839 19.41 52.75 23.15
CA LYS A 839 19.04 54.05 23.77
C LYS A 839 20.27 54.91 24.05
N GLY A 840 21.47 54.36 23.92
CA GLY A 840 22.74 55.09 24.06
C GLY A 840 23.09 55.35 25.52
N ILE A 841 22.63 54.50 26.43
CA ILE A 841 22.99 54.51 27.87
C ILE A 841 24.39 53.90 28.08
N LEU A 842 25.34 54.70 28.56
CA LEU A 842 26.80 54.40 28.60
C LEU A 842 27.10 53.12 29.36
N ALA A 843 26.71 53.01 30.63
CA ALA A 843 26.92 51.79 31.45
C ALA A 843 26.74 50.54 30.58
N ASP A 844 25.69 50.54 29.76
CA ASP A 844 25.23 49.33 29.05
C ASP A 844 25.94 49.24 27.68
N VAL A 845 26.38 50.36 27.11
CA VAL A 845 27.14 50.32 25.84
C VAL A 845 28.52 49.75 26.18
N GLU A 846 29.00 50.08 27.40
CA GLU A 846 30.28 49.62 28.02
C GLU A 846 30.17 48.14 28.38
N LEU A 847 29.04 47.77 28.98
CA LEU A 847 28.86 46.37 29.41
C LEU A 847 28.76 45.47 28.17
N LEU A 848 28.15 45.96 27.08
CA LEU A 848 28.00 45.17 25.82
C LEU A 848 29.41 44.93 25.25
N GLN A 849 30.23 45.97 25.16
CA GLN A 849 31.65 45.85 24.72
C GLN A 849 32.41 44.92 25.67
N ASP A 850 32.18 44.99 26.98
CA ASP A 850 32.90 44.11 27.93
C ASP A 850 32.52 42.65 27.70
N ILE A 851 31.22 42.41 27.51
CA ILE A 851 30.65 41.04 27.31
C ILE A 851 31.11 40.49 25.96
N THR A 852 31.19 41.36 24.94
CA THR A 852 31.72 41.06 23.58
C THR A 852 33.19 40.66 23.69
N LEU A 853 34.03 41.48 24.35
CA LEU A 853 35.50 41.23 24.44
C LEU A 853 35.72 39.91 25.19
N ALA A 854 34.88 39.62 26.19
CA ALA A 854 35.03 38.38 26.99
C ALA A 854 34.67 37.19 26.10
N THR A 855 33.59 37.33 25.31
CA THR A 855 33.15 36.33 24.31
C THR A 855 34.29 36.09 23.29
N ARG A 856 34.98 37.14 22.82
CA ARG A 856 36.06 36.98 21.81
C ARG A 856 37.23 36.19 22.41
N ALA A 857 37.65 36.57 23.62
CA ALA A 857 38.78 35.97 24.35
C ALA A 857 38.51 34.49 24.63
N ALA A 858 37.36 34.19 25.20
CA ALA A 858 37.00 32.81 25.58
C ALA A 858 37.04 31.90 24.34
N VAL A 859 36.53 32.38 23.20
CA VAL A 859 36.38 31.53 21.98
C VAL A 859 37.76 31.36 21.34
N ALA A 860 38.55 32.46 21.31
CA ALA A 860 39.98 32.45 20.93
C ALA A 860 40.73 31.41 21.80
N ALA A 861 40.39 31.26 23.10
CA ALA A 861 41.06 30.31 24.04
C ALA A 861 40.86 28.85 23.60
N LEU A 862 39.64 28.46 23.22
CA LEU A 862 39.32 27.13 22.63
C LEU A 862 40.11 26.87 21.33
N VAL A 863 40.18 27.85 20.44
CA VAL A 863 40.81 27.63 19.11
C VAL A 863 42.31 27.46 19.35
N GLN A 864 42.88 28.26 20.26
CA GLN A 864 44.28 28.11 20.77
C GLN A 864 44.48 26.72 21.39
N GLU A 865 43.56 26.24 22.21
CA GLU A 865 43.77 24.94 22.86
C GLU A 865 43.84 23.90 21.75
N GLN A 866 42.90 23.92 20.83
CA GLN A 866 42.81 22.80 19.87
C GLN A 866 44.01 22.90 18.92
N ILE A 867 44.57 24.09 18.72
CA ILE A 867 45.76 24.25 17.82
C ILE A 867 46.96 23.58 18.48
N ASN A 868 47.18 23.88 19.77
CA ASN A 868 48.41 23.45 20.46
C ASN A 868 48.16 22.06 21.05
N ALA A 869 47.01 21.44 20.81
CA ALA A 869 46.82 19.99 21.08
C ALA A 869 47.22 19.20 19.81
N ASP A 870 47.66 19.91 18.77
CA ASP A 870 48.16 19.38 17.47
C ASP A 870 47.75 17.90 17.27
N GLY A 871 46.45 17.62 17.26
CA GLY A 871 45.87 16.31 16.86
C GLY A 871 45.82 15.30 17.99
N ARG A 872 46.62 15.48 19.05
CA ARG A 872 46.86 14.44 20.09
C ARG A 872 45.52 14.02 20.74
N VAL A 873 44.63 14.96 21.02
CA VAL A 873 43.26 14.66 21.55
C VAL A 873 42.26 14.91 20.43
N SER A 874 41.16 14.17 20.38
CA SER A 874 40.11 14.33 19.34
C SER A 874 39.41 15.69 19.52
N PHE A 875 38.84 15.94 20.70
CA PHE A 875 38.02 17.13 21.05
C PHE A 875 38.45 17.67 22.42
N VAL A 876 39.15 18.81 22.43
CA VAL A 876 39.63 19.52 23.65
C VAL A 876 38.42 19.96 24.50
N SER A 877 37.23 20.06 23.93
CA SER A 877 35.99 20.49 24.64
C SER A 877 35.43 19.37 25.54
N LYS A 878 35.79 18.11 25.27
CA LYS A 878 35.31 16.96 26.08
C LYS A 878 36.40 16.52 27.06
N LEU A 879 37.61 17.08 27.01
CA LEU A 879 38.66 16.83 28.01
C LEU A 879 38.16 17.15 29.43
N ASN A 880 38.33 16.23 30.36
CA ASN A 880 37.94 16.38 31.79
C ASN A 880 39.09 17.10 32.50
N PHE A 881 39.09 18.43 32.49
CA PHE A 881 40.13 19.29 33.10
C PHE A 881 39.97 19.24 34.63
N PHE A 882 38.74 19.01 35.09
CA PHE A 882 38.35 18.95 36.52
C PHE A 882 39.14 17.81 37.17
N LYS A 883 39.38 16.72 36.42
CA LYS A 883 39.96 15.45 36.94
C LYS A 883 41.45 15.66 37.25
N ILE A 884 42.12 16.64 36.64
CA ILE A 884 43.55 16.94 36.94
C ILE A 884 43.64 18.31 37.62
N GLY A 885 42.52 18.75 38.18
CA GLY A 885 42.42 19.94 39.04
C GLY A 885 42.56 21.26 38.29
N LYS A 886 42.47 21.28 36.96
CA LYS A 886 42.58 22.52 36.13
C LYS A 886 41.18 23.01 35.73
N LYS A 887 41.08 24.27 35.34
CA LYS A 887 39.93 24.81 34.57
C LYS A 887 40.30 24.79 33.08
N ALA A 888 39.33 24.60 32.19
CA ALA A 888 39.49 24.74 30.73
C ALA A 888 39.96 26.16 30.38
N PRO A 889 40.84 26.33 29.36
CA PRO A 889 41.40 27.65 29.04
C PRO A 889 40.34 28.72 28.80
N TRP A 890 39.18 28.35 28.25
CA TRP A 890 38.03 29.26 27.95
C TRP A 890 37.35 29.68 29.28
N VAL A 891 37.25 28.78 30.25
CA VAL A 891 36.74 29.14 31.61
C VAL A 891 37.76 30.09 32.28
N LYS A 892 39.05 29.80 32.17
CA LYS A 892 40.08 30.70 32.75
C LYS A 892 39.90 32.08 32.11
N SER A 893 39.87 32.13 30.76
CA SER A 893 39.65 33.39 30.00
C SER A 893 38.46 34.14 30.61
N LEU A 894 37.28 33.52 30.70
CA LEU A 894 36.07 34.15 31.29
C LEU A 894 36.43 34.76 32.65
N CYS A 895 37.02 33.97 33.55
CA CYS A 895 37.44 34.41 34.92
C CYS A 895 38.37 35.64 34.77
N ASP A 896 39.46 35.55 34.00
CA ASP A 896 40.37 36.70 33.72
C ASP A 896 39.56 37.89 33.18
N SER A 897 38.63 37.67 32.25
CA SER A 897 37.80 38.73 31.60
C SER A 897 36.97 39.48 32.65
N GLY A 898 36.78 38.89 33.83
CA GLY A 898 36.03 39.46 34.97
C GLY A 898 34.76 38.71 35.29
N TYR A 899 34.56 37.52 34.71
CA TYR A 899 33.28 36.78 34.74
C TYR A 899 33.57 35.38 35.25
N PRO A 900 33.57 35.20 36.59
CA PRO A 900 33.93 33.92 37.19
C PRO A 900 32.74 33.01 37.53
N ASN A 901 31.50 33.48 37.35
CA ASN A 901 30.33 32.70 37.83
C ASN A 901 29.55 32.16 36.63
N VAL A 902 30.20 32.00 35.47
CA VAL A 902 29.51 31.53 34.24
C VAL A 902 29.19 30.05 34.43
N ASN A 903 28.00 29.61 34.04
CA ASN A 903 27.47 28.26 34.39
C ASN A 903 28.19 27.21 33.50
N GLU A 904 28.94 26.33 34.15
CA GLU A 904 29.93 25.41 33.50
C GLU A 904 29.20 24.26 32.81
N GLU A 905 28.03 23.84 33.34
CA GLU A 905 27.18 22.75 32.80
C GLU A 905 26.63 23.14 31.42
N LYS A 906 26.42 24.46 31.22
CA LYS A 906 25.82 25.06 30.01
C LYS A 906 26.93 25.50 29.05
N LEU A 907 28.10 25.86 29.57
CA LEU A 907 29.33 26.05 28.77
C LEU A 907 29.77 24.74 28.09
N LYS A 908 29.60 23.58 28.73
CA LYS A 908 30.18 22.30 28.23
C LYS A 908 29.61 21.99 26.84
N PRO A 909 28.27 21.79 26.70
CA PRO A 909 27.66 21.54 25.39
C PRO A 909 27.85 22.70 24.38
N LEU A 910 27.87 23.95 24.85
CA LEU A 910 28.22 25.11 23.97
C LEU A 910 29.61 24.90 23.35
N PHE A 911 30.62 24.62 24.19
CA PHE A 911 32.01 24.61 23.72
C PHE A 911 32.25 23.35 22.87
N GLU A 912 31.50 22.28 23.13
CA GLU A 912 31.48 21.05 22.27
C GLU A 912 31.05 21.43 20.85
N TYR A 913 29.90 22.13 20.75
CA TYR A 913 29.28 22.61 19.50
C TYR A 913 30.25 23.54 18.77
N LEU A 914 30.93 24.44 19.49
CA LEU A 914 31.87 25.36 18.81
C LEU A 914 33.02 24.58 18.16
N GLU A 915 33.48 23.51 18.81
CA GLU A 915 34.70 22.81 18.35
C GLU A 915 34.31 22.02 17.10
N PHE A 916 33.16 21.38 17.15
CA PHE A 916 32.51 20.74 15.98
C PHE A 916 32.43 21.73 14.81
N CYS A 917 32.01 22.99 15.03
CA CYS A 917 31.85 23.99 13.94
C CYS A 917 33.24 24.35 13.37
N LEU A 918 34.23 24.55 14.23
CA LEU A 918 35.61 24.88 13.81
C LEU A 918 36.11 23.84 12.80
N GLU A 919 35.76 22.57 13.04
CA GLU A 919 36.16 21.44 12.20
C GLU A 919 35.50 21.60 10.82
N GLN A 920 34.21 21.92 10.81
CA GLN A 920 33.42 22.16 9.56
C GLN A 920 33.86 23.46 8.85
N VAL A 921 34.13 24.55 9.57
CA VAL A 921 34.63 25.82 8.93
C VAL A 921 35.95 25.53 8.21
N CYS A 922 36.74 24.58 8.73
CA CYS A 922 38.15 24.38 8.30
C CYS A 922 38.25 23.20 7.32
N ALA A 923 37.20 22.36 7.21
CA ALA A 923 37.21 21.18 6.31
C ALA A 923 37.60 21.60 4.89
N ASP A 924 38.29 20.73 4.13
CA ASP A 924 38.69 20.97 2.70
C ASP A 924 38.02 19.93 1.78
N ASN A 925 36.78 20.17 1.34
CA ASN A 925 35.95 19.23 0.52
C ASN A 925 35.66 19.81 -0.87
N GLU A 926 36.08 21.03 -1.16
CA GLU A 926 35.54 21.74 -2.35
C GLU A 926 36.00 21.02 -3.63
N PHE A 927 37.31 20.81 -3.81
CA PHE A 927 37.81 20.09 -5.01
C PHE A 927 37.18 18.68 -4.98
N GLY A 928 37.15 18.05 -3.81
CA GLY A 928 36.58 16.71 -3.60
C GLY A 928 35.21 16.57 -4.22
N GLY A 929 34.32 17.52 -3.96
CA GLY A 929 32.94 17.52 -4.52
C GLY A 929 32.95 17.48 -6.03
N LEU A 930 33.79 18.29 -6.68
CA LEU A 930 33.94 18.35 -8.16
C LEU A 930 34.46 17.00 -8.70
N LEU A 931 35.45 16.36 -8.04
CA LEU A 931 35.99 15.04 -8.47
C LEU A 931 34.85 14.03 -8.47
N GLN A 932 34.04 14.02 -7.42
CA GLN A 932 32.94 13.06 -7.30
C GLN A 932 31.99 13.25 -8.48
N ALA A 933 31.69 14.50 -8.85
CA ALA A 933 30.77 14.78 -9.96
C ALA A 933 31.40 14.32 -11.28
N LEU A 934 32.68 14.60 -11.51
CA LEU A 934 33.32 14.31 -12.82
C LEU A 934 33.59 12.81 -12.95
N GLU A 935 33.64 12.08 -11.83
CA GLU A 935 33.76 10.60 -11.74
C GLU A 935 32.40 9.92 -11.93
N GLY A 936 31.35 10.69 -12.22
CA GLY A 936 29.96 10.20 -12.30
C GLY A 936 29.50 9.60 -10.99
N GLU A 937 29.87 10.18 -9.85
CA GLU A 937 29.38 9.76 -8.52
C GLU A 937 28.28 10.71 -8.03
N TYR A 938 27.71 10.39 -6.87
CA TYR A 938 26.70 11.16 -6.14
C TYR A 938 27.34 12.15 -5.16
N VAL A 939 27.22 13.45 -5.44
CA VAL A 939 27.66 14.55 -4.52
C VAL A 939 26.61 14.69 -3.41
N LEU A 940 27.03 14.69 -2.14
CA LEU A 940 26.13 14.77 -0.96
C LEU A 940 25.38 16.09 -1.05
N PRO A 941 24.03 16.09 -0.90
CA PRO A 941 23.27 17.33 -0.84
C PRO A 941 23.46 17.95 0.54
N GLY A 942 23.26 19.26 0.67
CA GLY A 942 23.12 19.92 1.97
C GLY A 942 22.46 21.28 1.84
N PRO A 943 22.11 21.95 2.96
CA PRO A 943 21.53 23.29 2.91
C PRO A 943 22.58 24.35 2.56
N GLY A 944 22.25 25.20 1.57
CA GLY A 944 22.77 26.57 1.45
C GLY A 944 22.14 27.41 2.54
N GLY A 945 22.76 28.54 2.87
CA GLY A 945 22.24 29.40 3.94
C GLY A 945 23.36 30.25 4.51
N ASP A 946 23.16 30.72 5.74
CA ASP A 946 24.16 31.55 6.42
C ASP A 946 24.86 30.63 7.41
N PRO A 947 26.19 30.42 7.23
CA PRO A 947 26.94 29.49 8.08
C PRO A 947 26.91 29.92 9.55
N ILE A 948 26.85 31.23 9.84
CA ILE A 948 26.77 31.73 11.25
C ILE A 948 25.39 31.36 11.84
N ARG A 949 24.30 31.64 11.14
CA ARG A 949 22.92 31.35 11.64
C ARG A 949 22.68 29.84 11.65
N ASN A 950 23.12 29.13 10.62
CA ASN A 950 22.94 27.67 10.48
C ASN A 950 24.27 27.01 10.10
N PRO A 951 25.11 26.65 11.10
CA PRO A 951 26.35 25.89 10.85
C PRO A 951 26.25 24.56 10.12
N ASN A 952 25.07 23.96 9.99
CA ASN A 952 24.86 22.77 9.11
C ASN A 952 25.08 23.12 7.64
N VAL A 953 25.18 24.41 7.29
CA VAL A 953 25.60 24.81 5.92
C VAL A 953 27.07 24.40 5.74
N LEU A 954 27.84 24.23 6.82
CA LEU A 954 29.24 23.67 6.78
C LEU A 954 29.22 22.16 6.99
N PRO A 955 30.14 21.37 6.41
CA PRO A 955 31.22 21.88 5.56
C PRO A 955 30.73 22.10 4.12
N THR A 956 31.55 22.76 3.29
CA THR A 956 31.23 23.10 1.90
C THR A 956 31.50 21.86 1.05
N GLY A 957 31.43 21.99 -0.28
CA GLY A 957 31.66 20.88 -1.23
C GLY A 957 30.43 20.03 -1.42
N LYS A 958 29.27 20.50 -0.95
CA LYS A 958 27.97 19.79 -1.10
C LYS A 958 27.17 20.41 -2.24
N ASN A 959 26.26 19.62 -2.79
CA ASN A 959 25.22 20.07 -3.77
C ASN A 959 24.13 20.76 -2.96
N ILE A 960 24.24 22.07 -2.78
CA ILE A 960 23.40 22.81 -1.82
C ILE A 960 21.97 22.90 -2.39
N HIS A 961 20.99 23.02 -1.51
CA HIS A 961 19.55 23.19 -1.83
C HIS A 961 18.94 24.25 -0.91
N ALA A 962 17.73 24.73 -1.27
CA ALA A 962 16.91 25.61 -0.40
C ALA A 962 16.24 24.77 0.68
N LEU A 963 14.97 25.00 0.95
CA LEU A 963 14.20 24.15 1.91
C LEU A 963 12.79 23.94 1.35
N ASP A 964 12.10 22.95 1.90
CA ASP A 964 10.65 22.73 1.69
C ASP A 964 9.94 24.07 1.86
N PRO A 965 9.25 24.59 0.82
CA PRO A 965 8.59 25.89 0.93
C PRO A 965 7.44 25.94 1.96
N GLN A 966 7.00 24.79 2.46
CA GLN A 966 5.91 24.68 3.46
C GLN A 966 6.48 24.50 4.86
N SER A 967 7.79 24.43 5.01
CA SER A 967 8.46 24.32 6.35
C SER A 967 8.56 25.71 6.99
N ILE A 968 8.22 26.79 6.28
CA ILE A 968 8.32 28.19 6.79
C ILE A 968 6.94 28.85 6.82
N PRO A 969 6.75 29.91 7.65
CA PRO A 969 7.68 30.29 8.70
C PRO A 969 7.58 29.42 9.97
N THR A 970 8.70 29.22 10.63
CA THR A 970 8.78 28.49 11.92
C THR A 970 8.18 29.41 12.97
N LEU A 971 7.87 28.86 14.14
CA LEU A 971 7.32 29.65 15.27
C LEU A 971 8.40 30.64 15.69
N ALA A 972 9.67 30.22 15.69
CA ALA A 972 10.82 31.07 16.08
C ALA A 972 10.90 32.26 15.13
N ALA A 973 10.80 32.04 13.82
CA ALA A 973 10.83 33.12 12.79
C ALA A 973 9.65 34.07 12.99
N VAL A 974 8.45 33.54 13.26
CA VAL A 974 7.23 34.35 13.60
C VAL A 974 7.52 35.27 14.78
N GLN A 975 8.01 34.72 15.89
CA GLN A 975 8.25 35.46 17.15
C GLN A 975 9.28 36.57 16.84
N SER A 976 10.31 36.22 16.06
CA SER A 976 11.39 37.19 15.72
C SER A 976 10.82 38.26 14.78
N ALA A 977 9.84 37.90 13.94
CA ALA A 977 9.17 38.84 13.00
C ALA A 977 8.41 39.92 13.79
N LYS A 978 7.80 39.56 14.91
CA LYS A 978 7.01 40.53 15.70
C LYS A 978 7.95 41.61 16.25
N VAL A 979 9.16 41.20 16.65
CA VAL A 979 10.12 42.12 17.33
C VAL A 979 10.52 43.20 16.32
N VAL A 980 10.86 42.80 15.10
CA VAL A 980 11.32 43.73 14.02
C VAL A 980 10.14 44.65 13.69
N VAL A 981 8.93 44.11 13.58
CA VAL A 981 7.76 44.95 13.18
C VAL A 981 7.45 45.97 14.28
N ASP A 982 7.46 45.56 15.55
CA ASP A 982 7.25 46.52 16.68
C ASP A 982 8.37 47.59 16.59
N ARG A 983 9.57 47.21 16.18
CA ARG A 983 10.73 48.14 16.12
C ARG A 983 10.57 49.10 14.92
N LEU A 984 10.21 48.59 13.75
CA LEU A 984 9.92 49.44 12.56
C LEU A 984 8.83 50.46 12.93
N LEU A 985 7.72 50.03 13.54
CA LEU A 985 6.56 50.94 13.81
C LEU A 985 6.96 51.99 14.88
N GLU A 986 7.56 51.54 15.98
CA GLU A 986 8.07 52.41 17.08
C GLU A 986 8.84 53.59 16.49
N ARG A 987 9.68 53.30 15.52
CA ARG A 987 10.66 54.26 14.97
C ARG A 987 9.98 55.15 13.94
N GLN A 988 9.09 54.59 13.12
CA GLN A 988 8.25 55.33 12.15
C GLN A 988 7.36 56.34 12.89
N ARG A 989 6.74 55.93 14.00
CA ARG A 989 5.93 56.82 14.85
C ARG A 989 6.81 57.94 15.44
N ALA A 990 7.95 57.57 16.03
CA ALA A 990 8.88 58.52 16.71
C ALA A 990 9.25 59.62 15.72
N GLU A 991 9.28 59.32 14.42
CA GLU A 991 9.66 60.28 13.35
C GLU A 991 8.39 60.77 12.63
N ASN A 992 7.17 60.63 13.22
CA ASN A 992 5.87 61.17 12.69
C ASN A 992 4.82 61.41 13.80
N GLY A 993 5.09 62.35 14.71
CA GLY A 993 4.21 62.77 15.82
C GLY A 993 3.47 61.62 16.49
N GLY A 994 4.11 60.46 16.66
CA GLY A 994 3.50 59.29 17.33
C GLY A 994 2.45 58.57 16.49
N ASN A 995 2.34 58.88 15.19
CA ASN A 995 1.36 58.25 14.26
C ASN A 995 1.93 56.99 13.56
N TYR A 996 1.17 55.90 13.59
CA TYR A 996 1.38 54.69 12.78
C TYR A 996 1.30 55.07 11.32
N PRO A 997 2.12 54.44 10.45
CA PRO A 997 2.01 54.66 9.02
C PRO A 997 0.80 53.80 8.62
N GLU A 998 0.12 54.16 7.53
CA GLU A 998 -1.11 53.45 7.06
C GLU A 998 -0.72 52.32 6.09
N THR A 999 0.33 52.53 5.28
CA THR A 999 0.84 51.54 4.31
C THR A 999 2.37 51.46 4.38
N ILE A 1000 2.90 50.23 4.37
CA ILE A 1000 4.35 49.93 4.20
C ILE A 1000 4.55 49.14 2.90
N ALA A 1001 5.28 49.71 1.94
CA ALA A 1001 5.81 48.99 0.76
C ALA A 1001 7.05 48.18 1.17
N SER A 1002 7.02 46.87 0.98
CA SER A 1002 8.13 45.94 1.32
C SER A 1002 8.56 45.13 0.10
N VAL A 1003 9.80 44.65 0.12
CA VAL A 1003 10.27 43.64 -0.86
C VAL A 1003 10.38 42.29 -0.15
N LEU A 1004 10.14 41.20 -0.86
CA LEU A 1004 10.48 39.84 -0.34
C LEU A 1004 11.45 39.17 -1.31
N TRP A 1005 12.55 38.66 -0.74
CA TRP A 1005 13.60 37.88 -1.43
C TRP A 1005 13.49 36.43 -0.95
N GLY A 1006 13.70 35.46 -1.82
CA GLY A 1006 13.87 34.07 -1.37
C GLY A 1006 15.06 33.94 -0.42
N THR A 1007 16.19 34.58 -0.74
CA THR A 1007 17.51 34.29 -0.12
C THR A 1007 17.38 34.43 1.40
N ASP A 1008 16.92 35.58 1.91
CA ASP A 1008 16.94 35.80 3.39
C ASP A 1008 15.87 34.89 4.05
N ASN A 1009 14.77 34.60 3.36
CA ASN A 1009 13.66 33.75 3.89
C ASN A 1009 14.16 32.30 4.06
N ILE A 1010 14.98 31.81 3.13
CA ILE A 1010 15.69 30.50 3.31
C ILE A 1010 16.60 30.55 4.56
N LYS A 1011 17.31 31.65 4.79
CA LYS A 1011 18.37 31.74 5.84
C LYS A 1011 17.74 31.91 7.22
N THR A 1012 16.56 32.56 7.32
CA THR A 1012 15.86 32.88 8.60
C THR A 1012 14.67 31.96 8.83
N TYR A 1013 14.40 31.01 7.95
CA TYR A 1013 13.18 30.16 8.03
C TYR A 1013 11.91 31.04 8.01
N GLY A 1014 11.93 32.16 7.28
CA GLY A 1014 10.73 32.95 6.96
C GLY A 1014 10.52 34.24 7.76
N GLU A 1015 11.53 34.82 8.40
CA GLU A 1015 11.31 36.08 9.18
C GLU A 1015 10.65 37.17 8.33
N SER A 1016 11.26 37.59 7.21
CA SER A 1016 10.78 38.78 6.48
C SER A 1016 9.34 38.53 6.00
N LEU A 1017 9.07 37.30 5.59
CA LEU A 1017 7.75 36.78 5.23
C LEU A 1017 6.77 36.94 6.40
N ALA A 1018 7.18 36.56 7.61
CA ALA A 1018 6.31 36.56 8.81
C ALA A 1018 6.08 38.00 9.27
N GLN A 1019 6.98 38.91 8.95
CA GLN A 1019 6.84 40.35 9.32
C GLN A 1019 5.62 40.90 8.58
N ILE A 1020 5.49 40.62 7.30
CA ILE A 1020 4.33 41.11 6.54
C ILE A 1020 3.04 40.46 7.07
N MET A 1021 3.07 39.17 7.35
CA MET A 1021 1.91 38.51 8.00
C MET A 1021 1.53 39.32 9.24
N TRP A 1022 2.51 39.68 10.06
CA TRP A 1022 2.23 40.36 11.35
C TRP A 1022 1.79 41.82 11.14
N MET A 1023 2.28 42.50 10.09
CA MET A 1023 1.87 43.88 9.75
C MET A 1023 0.34 43.97 9.66
N VAL A 1024 -0.32 43.03 8.98
CA VAL A 1024 -1.80 43.02 8.78
C VAL A 1024 -2.48 42.25 9.92
N GLY A 1025 -1.72 41.71 10.87
CA GLY A 1025 -2.25 40.93 12.02
C GLY A 1025 -2.70 39.55 11.61
N ALA A 1026 -1.89 38.83 10.84
CA ALA A 1026 -2.19 37.42 10.44
C ALA A 1026 -1.12 36.50 11.03
N LYS A 1027 -1.42 35.22 11.15
CA LYS A 1027 -0.48 34.22 11.74
C LYS A 1027 -0.57 32.95 10.91
N PRO A 1028 0.55 32.40 10.42
CA PRO A 1028 0.53 31.13 9.71
C PRO A 1028 0.08 30.00 10.64
N VAL A 1029 -0.71 29.08 10.10
CA VAL A 1029 -1.26 27.91 10.82
C VAL A 1029 -0.63 26.65 10.24
N PRO A 1030 0.31 25.98 10.96
CA PRO A 1030 0.79 24.67 10.56
C PRO A 1030 -0.24 23.56 10.80
N ASP A 1031 -0.33 22.61 9.85
CA ASP A 1031 -1.09 21.34 9.98
C ASP A 1031 -0.33 20.38 10.90
N ALA A 1032 -0.96 19.24 11.22
CA ALA A 1032 -0.50 18.24 12.22
C ALA A 1032 0.96 17.89 11.93
N LEU A 1033 1.22 17.53 10.68
CA LEU A 1033 2.55 17.07 10.15
C LEU A 1033 3.60 18.17 10.34
N GLY A 1034 3.22 19.45 10.23
CA GLY A 1034 4.12 20.62 10.45
C GLY A 1034 4.16 21.55 9.25
N ARG A 1035 3.29 21.32 8.27
CA ARG A 1035 3.26 22.06 6.99
C ARG A 1035 2.44 23.36 7.15
N VAL A 1036 3.03 24.50 6.77
CA VAL A 1036 2.35 25.81 6.76
C VAL A 1036 1.67 26.00 5.40
N ASN A 1037 0.36 25.77 5.35
CA ASN A 1037 -0.46 25.84 4.12
C ASN A 1037 -1.75 26.61 4.44
N LYS A 1038 -1.85 27.23 5.63
CA LYS A 1038 -3.02 28.04 6.04
C LYS A 1038 -2.60 29.28 6.81
N ILE A 1039 -3.44 30.32 6.76
CA ILE A 1039 -3.21 31.61 7.47
C ILE A 1039 -4.54 32.08 8.08
N GLU A 1040 -4.50 32.73 9.25
CA GLU A 1040 -5.71 33.31 9.91
C GLU A 1040 -5.42 34.74 10.36
N LEU A 1041 -6.48 35.51 10.57
CA LEU A 1041 -6.39 36.83 11.24
C LEU A 1041 -6.20 36.60 12.74
N VAL A 1042 -5.49 37.51 13.36
CA VAL A 1042 -5.42 37.65 14.84
C VAL A 1042 -6.37 38.77 15.25
N PRO A 1043 -7.03 38.66 16.43
CA PRO A 1043 -7.93 39.70 16.86
C PRO A 1043 -7.06 40.91 17.22
N LEU A 1044 -7.61 42.12 17.13
CA LEU A 1044 -6.92 43.40 17.42
C LEU A 1044 -6.48 43.42 18.89
N GLU A 1045 -7.19 42.71 19.77
CA GLU A 1045 -6.81 42.49 21.19
C GLU A 1045 -5.34 42.06 21.27
N GLU A 1046 -5.00 41.03 20.49
CA GLU A 1046 -3.65 40.41 20.40
C GLU A 1046 -2.70 41.24 19.51
N LEU A 1047 -3.18 41.90 18.45
CA LEU A 1047 -2.29 42.77 17.63
C LEU A 1047 -1.81 43.96 18.47
N GLY A 1048 -2.64 44.48 19.38
CA GLY A 1048 -2.33 45.66 20.21
C GLY A 1048 -2.24 46.95 19.43
N ARG A 1049 -2.56 46.95 18.13
CA ARG A 1049 -2.54 48.20 17.32
C ARG A 1049 -3.27 48.01 15.99
N PRO A 1050 -3.37 49.03 15.13
CA PRO A 1050 -4.06 48.88 13.87
C PRO A 1050 -3.38 47.90 12.91
N ARG A 1051 -4.17 47.08 12.22
CA ARG A 1051 -3.76 46.47 10.93
C ARG A 1051 -3.19 47.58 10.02
N ILE A 1052 -1.91 47.44 9.67
CA ILE A 1052 -1.18 48.29 8.69
C ILE A 1052 -1.40 47.69 7.31
N ASP A 1053 -1.64 48.50 6.29
CA ASP A 1053 -1.79 48.05 4.88
C ASP A 1053 -0.37 47.86 4.32
N VAL A 1054 -0.23 47.11 3.22
CA VAL A 1054 1.07 46.65 2.70
C VAL A 1054 0.98 46.54 1.18
N VAL A 1055 2.03 46.99 0.49
CA VAL A 1055 2.32 46.59 -0.92
C VAL A 1055 3.56 45.72 -0.87
N VAL A 1056 3.47 44.48 -1.35
CA VAL A 1056 4.57 43.49 -1.26
C VAL A 1056 5.19 43.24 -2.65
N ASN A 1057 6.40 43.74 -2.90
CA ASN A 1057 7.13 43.45 -4.17
C ASN A 1057 7.91 42.15 -3.99
N CYS A 1058 7.36 41.07 -4.52
CA CYS A 1058 7.95 39.72 -4.52
C CYS A 1058 8.91 39.62 -5.73
N SER A 1059 10.16 39.28 -5.46
CA SER A 1059 11.16 39.07 -6.53
C SER A 1059 10.70 37.86 -7.34
N GLY A 1060 11.02 37.86 -8.64
CA GLY A 1060 10.77 36.70 -9.50
C GLY A 1060 11.28 35.41 -8.85
N VAL A 1061 12.42 35.49 -8.15
CA VAL A 1061 13.01 34.31 -7.46
C VAL A 1061 12.10 33.95 -6.29
N PHE A 1062 11.67 34.92 -5.50
CA PHE A 1062 10.75 34.62 -4.37
C PHE A 1062 9.49 33.95 -4.93
N ARG A 1063 9.00 34.41 -6.09
CA ARG A 1063 7.80 33.86 -6.78
C ARG A 1063 8.03 32.38 -7.14
N ASP A 1064 9.16 32.08 -7.80
CA ASP A 1064 9.57 30.71 -8.26
C ASP A 1064 9.74 29.76 -7.06
N LEU A 1065 10.27 30.20 -5.90
CA LEU A 1065 10.45 29.25 -4.77
C LEU A 1065 9.22 29.19 -3.85
N PHE A 1066 8.55 30.32 -3.63
CA PHE A 1066 7.62 30.48 -2.47
C PHE A 1066 6.28 31.04 -2.93
N ILE A 1067 5.84 30.74 -4.15
CA ILE A 1067 4.49 31.16 -4.60
C ILE A 1067 3.42 30.60 -3.63
N ASN A 1068 3.62 29.45 -3.00
CA ASN A 1068 2.75 29.02 -1.88
C ASN A 1068 2.64 30.12 -0.82
N GLN A 1069 3.70 30.89 -0.53
CA GLN A 1069 3.70 31.95 0.52
C GLN A 1069 3.02 33.22 -0.03
N MET A 1070 3.23 33.58 -1.29
CA MET A 1070 2.44 34.67 -1.93
C MET A 1070 0.94 34.34 -1.76
N ASN A 1071 0.57 33.07 -1.91
CA ASN A 1071 -0.82 32.59 -1.76
C ASN A 1071 -1.32 32.91 -0.35
N LEU A 1072 -0.58 32.54 0.69
CA LEU A 1072 -0.95 32.82 2.11
C LEU A 1072 -1.04 34.33 2.29
N LEU A 1073 -0.09 35.09 1.76
CA LEU A 1073 -0.04 36.55 2.03
C LEU A 1073 -1.29 37.16 1.42
N ASP A 1074 -1.62 36.81 0.19
CA ASP A 1074 -2.82 37.38 -0.49
C ASP A 1074 -4.09 37.03 0.31
N GLN A 1075 -4.24 35.76 0.73
CA GLN A 1075 -5.39 35.35 1.56
C GLN A 1075 -5.49 36.28 2.77
N ALA A 1076 -4.37 36.53 3.44
CA ALA A 1076 -4.34 37.23 4.75
C ALA A 1076 -4.73 38.71 4.57
N VAL A 1077 -4.18 39.37 3.56
CA VAL A 1077 -4.51 40.78 3.23
C VAL A 1077 -6.03 40.91 3.02
N LYS A 1078 -6.63 39.97 2.27
CA LYS A 1078 -8.05 40.05 1.88
C LYS A 1078 -8.95 39.78 3.09
N LEU A 1079 -8.60 38.86 3.99
CA LEU A 1079 -9.37 38.66 5.25
C LEU A 1079 -9.37 39.94 6.09
N ALA A 1080 -8.28 40.70 6.04
CA ALA A 1080 -8.11 41.94 6.82
C ALA A 1080 -9.03 43.01 6.25
N ALA A 1081 -9.07 43.13 4.91
CA ALA A 1081 -9.91 44.12 4.21
C ALA A 1081 -11.39 43.82 4.48
N GLU A 1082 -11.70 42.56 4.74
CA GLU A 1082 -13.09 42.08 4.80
C GLU A 1082 -13.57 42.11 6.24
N ALA A 1083 -12.68 42.35 7.18
CA ALA A 1083 -12.94 42.22 8.63
C ALA A 1083 -13.87 43.35 9.11
N ASP A 1084 -14.82 43.02 9.98
CA ASP A 1084 -15.80 43.97 10.57
C ASP A 1084 -15.16 44.73 11.74
N GLU A 1085 -14.46 45.81 11.43
CA GLU A 1085 -13.61 46.52 12.39
C GLU A 1085 -13.56 47.97 11.99
N PRO A 1086 -13.31 48.89 12.95
CA PRO A 1086 -13.24 50.31 12.64
C PRO A 1086 -12.13 50.64 11.64
N LEU A 1087 -12.43 51.44 10.63
CA LEU A 1087 -11.44 51.95 9.63
C LEU A 1087 -10.16 52.43 10.31
N GLU A 1088 -10.25 53.07 11.47
CA GLU A 1088 -9.04 53.61 12.18
C GLU A 1088 -8.29 52.52 12.95
N MET A 1089 -8.77 51.28 12.94
CA MET A 1089 -8.03 50.11 13.52
C MET A 1089 -7.55 49.19 12.40
N ASN A 1090 -7.82 49.53 11.13
CA ASN A 1090 -7.69 48.59 10.00
C ASN A 1090 -7.47 49.40 8.71
N PHE A 1091 -6.21 49.69 8.42
CA PHE A 1091 -5.81 50.55 7.29
C PHE A 1091 -5.96 49.77 5.97
N VAL A 1092 -6.08 48.45 6.00
CA VAL A 1092 -6.26 47.62 4.76
C VAL A 1092 -7.70 47.84 4.32
N ARG A 1093 -8.63 47.56 5.25
CA ARG A 1093 -10.06 47.85 5.05
C ARG A 1093 -10.23 49.33 4.68
N LYS A 1094 -9.61 50.23 5.42
CA LYS A 1094 -9.85 51.68 5.15
C LYS A 1094 -9.40 51.97 3.72
N HIS A 1095 -8.30 51.40 3.26
CA HIS A 1095 -7.75 51.71 1.92
C HIS A 1095 -8.60 51.02 0.85
N ALA A 1096 -8.82 49.71 0.96
CA ALA A 1096 -9.65 48.91 0.02
C ALA A 1096 -11.06 49.51 -0.16
N LEU A 1097 -11.80 49.91 0.90
CA LEU A 1097 -13.17 50.52 0.72
C LEU A 1097 -13.08 51.75 -0.21
N GLU A 1098 -12.22 52.69 0.09
CA GLU A 1098 -12.03 53.88 -0.76
C GLU A 1098 -11.66 53.45 -2.19
N GLN A 1099 -10.76 52.47 -2.34
CA GLN A 1099 -10.25 52.04 -3.67
C GLN A 1099 -11.36 51.30 -4.44
N ALA A 1100 -12.19 50.51 -3.76
CA ALA A 1100 -13.28 49.71 -4.37
C ALA A 1100 -14.29 50.65 -5.04
N GLU A 1101 -14.67 51.73 -4.35
CA GLU A 1101 -15.57 52.78 -4.89
C GLU A 1101 -14.91 53.45 -6.10
N GLU A 1102 -13.70 53.99 -5.95
CA GLU A 1102 -13.00 54.73 -7.03
C GLU A 1102 -12.90 53.83 -8.27
N MET A 1103 -12.76 52.51 -8.09
CA MET A 1103 -12.44 51.58 -9.22
C MET A 1103 -13.73 50.88 -9.69
N GLY A 1104 -14.77 51.01 -8.89
CA GLY A 1104 -16.03 50.27 -9.06
C GLY A 1104 -15.80 48.78 -9.03
N ILE A 1105 -15.24 48.26 -7.94
CA ILE A 1105 -15.06 46.79 -7.76
C ILE A 1105 -15.39 46.41 -6.31
N GLY A 1106 -15.34 45.12 -5.98
CA GLY A 1106 -15.52 44.66 -4.61
C GLY A 1106 -14.35 45.05 -3.71
N VAL A 1107 -14.59 45.10 -2.40
CA VAL A 1107 -13.52 45.31 -1.38
C VAL A 1107 -12.41 44.29 -1.60
N ARG A 1108 -12.74 43.01 -1.87
CA ARG A 1108 -11.75 41.90 -1.96
C ARG A 1108 -10.77 42.15 -3.13
N GLU A 1109 -11.29 42.47 -4.31
CA GLU A 1109 -10.46 42.69 -5.53
C GLU A 1109 -9.59 43.94 -5.29
N ALA A 1110 -10.08 44.92 -4.53
CA ALA A 1110 -9.39 46.19 -4.21
C ALA A 1110 -8.30 45.96 -3.18
N ALA A 1111 -8.37 44.84 -2.46
CA ALA A 1111 -7.38 44.45 -1.44
C ALA A 1111 -6.22 43.67 -2.07
N THR A 1112 -5.96 43.85 -3.36
CA THR A 1112 -4.83 43.26 -4.13
C THR A 1112 -3.52 43.98 -3.74
N ARG A 1113 -2.58 43.28 -3.10
CA ARG A 1113 -1.35 43.91 -2.55
C ARG A 1113 -0.07 43.11 -2.83
N ILE A 1114 -0.15 41.87 -3.34
CA ILE A 1114 1.00 40.93 -3.52
C ILE A 1114 1.37 40.88 -5.00
N PHE A 1115 2.40 41.62 -5.40
CA PHE A 1115 2.84 41.77 -6.82
C PHE A 1115 4.19 41.07 -7.02
N SER A 1116 4.51 40.79 -8.29
CA SER A 1116 5.82 40.31 -8.76
C SER A 1116 6.00 40.68 -10.22
N ASN A 1117 7.05 40.14 -10.83
CA ASN A 1117 7.18 40.11 -12.31
C ASN A 1117 6.15 39.14 -12.88
N ALA A 1118 5.83 39.33 -14.16
CA ALA A 1118 5.24 38.29 -15.03
C ALA A 1118 5.94 36.95 -14.80
N SER A 1119 5.23 35.84 -14.90
CA SER A 1119 5.82 34.49 -15.04
C SER A 1119 7.00 34.53 -16.02
N GLY A 1120 8.12 33.90 -15.67
CA GLY A 1120 9.32 33.80 -16.53
C GLY A 1120 10.20 35.04 -16.52
N SER A 1121 9.85 36.08 -15.76
CA SER A 1121 10.55 37.39 -15.74
C SER A 1121 11.20 37.61 -14.37
N TYR A 1122 12.28 38.40 -14.36
CA TYR A 1122 13.07 38.74 -13.15
C TYR A 1122 13.58 40.19 -13.22
N SER A 1123 13.53 40.86 -12.09
CA SER A 1123 14.05 42.24 -11.91
C SER A 1123 13.12 43.28 -12.56
N SER A 1124 13.17 44.52 -12.04
CA SER A 1124 12.55 45.74 -12.57
C SER A 1124 13.32 46.20 -13.81
N ASN A 1125 14.54 45.67 -14.01
CA ASN A 1125 15.50 46.09 -15.05
C ASN A 1125 16.18 47.40 -14.70
N VAL A 1126 15.91 47.96 -13.52
CA VAL A 1126 16.65 49.17 -13.04
C VAL A 1126 18.13 48.78 -12.97
N ASN A 1127 18.45 47.55 -12.55
CA ASN A 1127 19.87 47.09 -12.47
C ASN A 1127 20.52 47.16 -13.88
N LEU A 1128 19.84 46.74 -14.94
CA LEU A 1128 20.44 46.78 -16.30
C LEU A 1128 20.64 48.24 -16.72
N ALA A 1129 19.65 49.08 -16.46
CA ALA A 1129 19.67 50.51 -16.85
C ALA A 1129 20.92 51.12 -16.25
N VAL A 1130 21.11 50.89 -14.96
CA VAL A 1130 22.21 51.48 -14.15
C VAL A 1130 23.54 50.89 -14.64
N GLU A 1131 23.62 49.57 -14.90
CA GLU A 1131 24.89 48.91 -15.34
C GLU A 1131 25.36 49.57 -16.62
N ASN A 1132 24.45 49.78 -17.56
CA ASN A 1132 24.73 50.20 -18.95
C ASN A 1132 24.58 51.72 -19.11
N SER A 1133 24.23 52.44 -18.04
CA SER A 1133 24.00 53.91 -18.05
C SER A 1133 23.05 54.31 -19.21
N SER A 1134 22.02 53.52 -19.49
CA SER A 1134 21.13 53.65 -20.67
C SER A 1134 19.77 54.23 -20.22
N TRP A 1135 19.79 55.43 -19.63
CA TRP A 1135 18.61 56.17 -19.10
C TRP A 1135 19.02 57.64 -18.87
N GLU A 1136 18.15 58.59 -19.23
CA GLU A 1136 18.34 60.03 -18.97
C GLU A 1136 17.80 60.36 -17.57
N ASP A 1137 16.49 60.29 -17.33
CA ASP A 1137 15.88 60.78 -16.07
C ASP A 1137 15.35 59.60 -15.25
N GLU A 1138 15.29 59.80 -13.94
CA GLU A 1138 14.73 58.87 -12.94
C GLU A 1138 13.38 58.30 -13.43
N SER A 1139 12.57 59.11 -14.13
CA SER A 1139 11.24 58.70 -14.69
C SER A 1139 11.36 57.43 -15.53
N GLU A 1140 12.39 57.28 -16.36
CA GLU A 1140 12.51 56.03 -17.16
C GLU A 1140 12.64 54.85 -16.19
N LEU A 1141 13.42 54.99 -15.11
CA LEU A 1141 13.66 53.86 -14.17
C LEU A 1141 12.31 53.47 -13.57
N GLN A 1142 11.56 54.50 -13.17
CA GLN A 1142 10.26 54.38 -12.46
C GLN A 1142 9.22 53.78 -13.40
N GLU A 1143 9.26 54.17 -14.67
CA GLU A 1143 8.31 53.70 -15.70
C GLU A 1143 8.52 52.20 -15.85
N MET A 1144 9.77 51.73 -16.04
CA MET A 1144 10.04 50.30 -16.31
C MET A 1144 9.71 49.45 -15.06
N TYR A 1145 9.84 50.01 -13.86
CA TYR A 1145 9.39 49.34 -12.61
C TYR A 1145 7.87 49.09 -12.76
N LEU A 1146 7.11 50.14 -13.08
CA LEU A 1146 5.63 50.08 -13.08
C LEU A 1146 5.15 49.07 -14.14
N LYS A 1147 5.81 49.01 -15.30
CA LYS A 1147 5.49 48.02 -16.36
C LYS A 1147 5.77 46.59 -15.87
N ARG A 1148 6.92 46.36 -15.24
CA ARG A 1148 7.49 44.99 -15.11
C ARG A 1148 7.08 44.34 -13.77
N LYS A 1149 6.81 45.15 -12.74
CA LYS A 1149 6.60 44.71 -11.34
C LYS A 1149 5.12 44.76 -10.90
N SER A 1150 4.18 45.08 -11.78
CA SER A 1150 2.74 45.35 -11.46
C SER A 1150 1.83 44.16 -11.81
N PHE A 1151 2.31 42.94 -11.74
CA PHE A 1151 1.56 41.68 -11.94
C PHE A 1151 1.11 41.13 -10.59
N ALA A 1152 -0.19 40.97 -10.45
CA ALA A 1152 -0.84 40.70 -9.14
C ALA A 1152 -1.07 39.22 -8.93
N PHE A 1153 -0.56 38.67 -7.85
CA PHE A 1153 -0.93 37.31 -7.43
C PHE A 1153 -2.38 37.36 -6.93
N ASN A 1154 -3.15 36.31 -7.19
CA ASN A 1154 -4.58 36.19 -6.78
C ASN A 1154 -4.81 34.82 -6.12
N SER A 1155 -4.91 34.75 -4.80
CA SER A 1155 -5.21 33.47 -4.10
C SER A 1155 -6.51 32.83 -4.62
N ASP A 1156 -7.45 33.61 -5.20
CA ASP A 1156 -8.73 33.06 -5.70
C ASP A 1156 -8.59 32.62 -7.16
N ASN A 1157 -7.45 32.86 -7.81
CA ASN A 1157 -7.21 32.41 -9.22
C ASN A 1157 -5.70 32.31 -9.46
N PRO A 1158 -5.02 31.33 -8.80
CA PRO A 1158 -3.57 31.37 -8.62
C PRO A 1158 -2.72 31.34 -9.90
N GLY A 1159 -3.15 30.55 -10.89
CA GLY A 1159 -2.47 30.42 -12.19
C GLY A 1159 -2.52 31.67 -13.07
N MET A 1160 -3.33 32.68 -12.74
CA MET A 1160 -3.47 33.92 -13.55
C MET A 1160 -2.82 35.07 -12.77
N MET A 1161 -1.63 35.48 -13.18
CA MET A 1161 -0.99 36.72 -12.67
C MET A 1161 -1.11 37.82 -13.72
N ASP A 1162 -2.26 38.50 -13.75
CA ASP A 1162 -2.55 39.61 -14.71
C ASP A 1162 -1.76 40.86 -14.31
N GLN A 1163 -1.18 41.55 -15.29
CA GLN A 1163 -0.74 42.94 -15.07
C GLN A 1163 -1.95 43.71 -14.55
N ASN A 1164 -1.74 44.52 -13.52
CA ASN A 1164 -2.73 45.42 -12.91
C ASN A 1164 -1.95 46.61 -12.34
N ARG A 1165 -1.38 47.40 -13.25
CA ARG A 1165 -0.67 48.66 -12.96
C ARG A 1165 -1.60 49.68 -12.27
N ASP A 1166 -2.91 49.61 -12.49
CA ASP A 1166 -3.87 50.56 -11.85
C ASP A 1166 -3.90 50.24 -10.34
N MET A 1167 -4.10 48.99 -9.95
CA MET A 1167 -4.10 48.65 -8.51
C MET A 1167 -2.72 49.00 -7.92
N PHE A 1168 -1.66 48.69 -8.67
CA PHE A 1168 -0.24 48.85 -8.23
C PHE A 1168 0.03 50.33 -7.90
N GLU A 1169 -0.33 51.22 -8.82
CA GLU A 1169 -0.15 52.69 -8.63
C GLU A 1169 -1.01 53.12 -7.43
N ARG A 1170 -2.23 52.60 -7.24
CA ARG A 1170 -3.12 53.06 -6.14
C ARG A 1170 -2.59 52.57 -4.80
N ALA A 1171 -2.08 51.34 -4.70
CA ALA A 1171 -1.54 50.87 -3.39
C ALA A 1171 -0.23 51.61 -3.04
N LEU A 1172 0.67 51.78 -4.02
CA LEU A 1172 1.98 52.44 -3.82
C LEU A 1172 1.75 53.87 -3.36
N LYS A 1173 0.76 54.58 -3.91
CA LYS A 1173 0.43 55.99 -3.56
C LYS A 1173 0.21 56.14 -2.04
N THR A 1174 -0.21 55.08 -1.34
CA THR A 1174 -0.57 55.13 0.09
C THR A 1174 0.67 54.86 0.95
N ALA A 1175 1.80 54.47 0.35
CA ALA A 1175 3.00 54.00 1.09
C ALA A 1175 3.66 55.17 1.85
N ASP A 1176 3.72 55.04 3.17
CA ASP A 1176 4.40 55.99 4.09
C ASP A 1176 5.85 55.56 4.30
N ALA A 1177 6.18 54.28 4.11
CA ALA A 1177 7.53 53.73 4.33
C ALA A 1177 7.83 52.64 3.31
N THR A 1178 9.06 52.59 2.80
CA THR A 1178 9.67 51.41 2.13
C THR A 1178 10.53 50.63 3.13
N PHE A 1179 10.52 49.30 3.00
CA PHE A 1179 11.15 48.30 3.90
C PHE A 1179 11.76 47.18 3.05
N GLN A 1180 13.01 46.79 3.32
CA GLN A 1180 13.56 45.47 2.96
C GLN A 1180 14.29 44.86 4.18
N ASN A 1181 14.49 43.55 4.15
CA ASN A 1181 15.40 42.84 5.09
C ASN A 1181 16.77 42.62 4.42
N LEU A 1182 17.85 42.83 5.18
CA LEU A 1182 19.24 42.59 4.73
C LEU A 1182 19.48 41.08 4.78
N ASP A 1183 19.96 40.49 3.69
CA ASP A 1183 20.34 39.06 3.65
C ASP A 1183 21.42 38.76 4.71
N SER A 1184 22.50 39.51 4.69
CA SER A 1184 23.78 39.16 5.38
C SER A 1184 24.73 40.34 5.24
N SER A 1185 25.69 40.48 6.16
CA SER A 1185 26.84 41.43 6.01
C SER A 1185 27.58 41.20 4.66
N GLU A 1186 27.68 39.97 4.16
CA GLU A 1186 28.40 39.72 2.89
C GLU A 1186 27.51 39.99 1.67
N ILE A 1187 26.18 39.85 1.77
CA ILE A 1187 25.24 40.28 0.69
C ILE A 1187 24.39 41.42 1.24
N SER A 1188 25.00 42.60 1.37
CA SER A 1188 24.38 43.86 1.86
C SER A 1188 24.09 44.76 0.66
N LEU A 1189 23.72 46.04 0.90
CA LEU A 1189 23.04 46.88 -0.10
C LEU A 1189 24.01 47.24 -1.25
N THR A 1190 25.33 47.28 -1.01
CA THR A 1190 26.32 47.70 -2.04
C THR A 1190 26.98 46.49 -2.68
N ASP A 1191 26.83 45.30 -2.09
CA ASP A 1191 27.51 44.07 -2.58
C ASP A 1191 26.84 43.55 -3.85
N VAL A 1192 25.53 43.76 -4.00
CA VAL A 1192 24.75 43.32 -5.19
C VAL A 1192 23.92 44.51 -5.63
N SER A 1193 23.19 44.36 -6.72
CA SER A 1193 22.35 45.41 -7.33
C SER A 1193 20.84 45.13 -7.18
N HIS A 1194 20.43 43.93 -6.75
CA HIS A 1194 19.00 43.50 -6.71
C HIS A 1194 18.21 44.36 -5.70
N TYR A 1195 18.80 44.75 -4.59
CA TYR A 1195 18.09 45.56 -3.56
C TYR A 1195 17.62 46.88 -4.19
N PHE A 1196 18.48 47.58 -4.92
CA PHE A 1196 18.11 48.89 -5.47
C PHE A 1196 17.17 48.69 -6.67
N ASP A 1197 17.35 47.59 -7.41
CA ASP A 1197 16.47 47.24 -8.55
C ASP A 1197 15.00 47.20 -8.09
N SER A 1198 14.74 46.75 -6.86
CA SER A 1198 13.37 46.57 -6.31
C SER A 1198 12.94 47.71 -5.38
N ASP A 1199 13.73 48.79 -5.30
CA ASP A 1199 13.51 49.87 -4.31
C ASP A 1199 12.48 50.84 -4.87
N PRO A 1200 11.28 50.99 -4.25
CA PRO A 1200 10.25 51.87 -4.81
C PRO A 1200 10.28 53.29 -4.20
N THR A 1201 11.29 53.59 -3.38
CA THR A 1201 11.34 54.82 -2.55
C THR A 1201 11.05 56.08 -3.41
N LYS A 1202 11.89 56.41 -4.38
CA LYS A 1202 11.68 57.62 -5.21
C LYS A 1202 10.42 57.46 -6.07
N LEU A 1203 10.16 56.25 -6.57
CA LEU A 1203 8.91 55.95 -7.34
C LEU A 1203 7.68 56.36 -6.51
N ILE A 1204 7.67 56.13 -5.20
CA ILE A 1204 6.49 56.44 -4.35
C ILE A 1204 6.35 57.97 -4.26
N SER A 1205 7.43 58.70 -3.98
CA SER A 1205 7.44 60.19 -3.95
C SER A 1205 6.84 60.75 -5.25
N THR A 1206 7.03 60.09 -6.39
CA THR A 1206 6.51 60.53 -7.71
C THR A 1206 4.99 60.33 -7.82
N LEU A 1207 4.47 59.25 -7.22
CA LEU A 1207 3.07 58.77 -7.40
C LEU A 1207 2.16 59.50 -6.41
N ARG A 1208 2.64 59.80 -5.21
CA ARG A 1208 1.82 60.46 -4.16
C ARG A 1208 1.34 61.82 -4.65
N ASP A 1209 0.11 62.19 -4.26
CA ASP A 1209 -0.52 63.52 -4.54
C ASP A 1209 0.38 64.61 -3.92
N ASP A 1210 0.85 64.40 -2.69
CA ASP A 1210 1.62 65.39 -1.90
C ASP A 1210 3.12 65.34 -2.21
N GLY A 1211 3.58 64.51 -3.16
CA GLY A 1211 4.99 64.53 -3.61
C GLY A 1211 5.99 64.09 -2.54
N LYS A 1212 5.57 63.74 -1.33
CA LYS A 1212 6.43 63.38 -0.16
C LYS A 1212 7.07 61.98 -0.33
N ALA A 1213 8.41 61.91 -0.22
CA ALA A 1213 9.21 60.65 -0.17
C ALA A 1213 8.81 59.84 1.06
N PRO A 1214 8.66 58.50 0.93
CA PRO A 1214 8.40 57.67 2.10
C PRO A 1214 9.71 57.51 2.92
N ALA A 1215 9.58 57.35 4.22
CA ALA A 1215 10.69 56.95 5.10
C ALA A 1215 11.14 55.58 4.57
N ALA A 1216 12.45 55.32 4.49
CA ALA A 1216 13.01 54.06 3.95
C ALA A 1216 13.79 53.35 5.05
N TYR A 1217 13.38 52.13 5.45
CA TYR A 1217 14.05 51.31 6.49
C TYR A 1217 14.62 50.04 5.86
N ILE A 1218 15.60 49.46 6.54
CA ILE A 1218 16.21 48.15 6.20
C ILE A 1218 16.41 47.39 7.51
N ALA A 1219 15.72 46.27 7.65
CA ALA A 1219 15.83 45.45 8.87
C ALA A 1219 17.09 44.62 8.74
N ASP A 1220 17.77 44.37 9.86
CA ASP A 1220 19.00 43.56 9.94
C ASP A 1220 18.87 42.66 11.16
N THR A 1221 18.70 41.36 10.93
CA THR A 1221 18.64 40.32 11.98
C THR A 1221 19.86 39.40 11.97
N THR A 1222 20.94 39.74 11.27
CA THR A 1222 22.11 38.84 11.06
C THR A 1222 22.87 38.51 12.37
N THR A 1223 22.83 39.37 13.38
CA THR A 1223 23.34 39.08 14.75
C THR A 1223 22.17 38.93 15.73
N ALA A 1224 22.45 38.60 16.99
CA ALA A 1224 21.43 38.36 18.05
C ALA A 1224 20.72 39.67 18.39
N ASN A 1225 21.23 40.79 17.86
CA ASN A 1225 20.79 42.18 18.20
C ASN A 1225 20.08 42.77 16.98
N ALA A 1226 18.82 42.39 16.71
CA ALA A 1226 18.09 42.84 15.51
C ALA A 1226 18.10 44.36 15.50
N GLN A 1227 18.32 45.00 14.36
CA GLN A 1227 18.18 46.48 14.20
C GLN A 1227 17.18 46.83 13.07
N VAL A 1228 16.52 47.97 13.16
CA VAL A 1228 15.82 48.52 11.96
C VAL A 1228 16.47 49.87 11.71
N ARG A 1229 17.40 49.89 10.77
CA ARG A 1229 18.17 51.10 10.41
C ARG A 1229 17.36 51.80 9.33
N THR A 1230 17.62 53.08 9.09
CA THR A 1230 17.10 53.75 7.88
C THR A 1230 17.95 53.23 6.73
N LEU A 1231 17.45 53.39 5.51
CA LEU A 1231 18.20 53.04 4.28
C LEU A 1231 19.55 53.80 4.28
N SER A 1232 19.54 55.05 4.73
CA SER A 1232 20.75 55.92 4.66
C SER A 1232 21.77 55.44 5.69
N GLU A 1233 21.29 55.15 6.89
CA GLU A 1233 22.10 54.49 7.94
C GLU A 1233 22.82 53.30 7.30
N THR A 1234 22.11 52.50 6.51
CA THR A 1234 22.59 51.15 6.08
C THR A 1234 23.61 51.37 4.96
N VAL A 1235 23.37 52.31 4.06
CA VAL A 1235 24.33 52.72 2.99
C VAL A 1235 25.61 53.28 3.66
N ARG A 1236 25.50 54.14 4.65
CA ARG A 1236 26.68 54.69 5.34
C ARG A 1236 27.45 53.54 6.00
N LEU A 1237 26.75 52.68 6.74
CA LEU A 1237 27.33 51.48 7.39
C LEU A 1237 28.06 50.68 6.31
N ASP A 1238 27.49 50.57 5.12
CA ASP A 1238 28.14 49.79 4.03
C ASP A 1238 29.44 50.52 3.70
N ALA A 1239 29.36 51.83 3.44
CA ALA A 1239 30.45 52.68 2.95
C ALA A 1239 31.60 52.67 3.98
N ARG A 1240 31.30 52.73 5.27
CA ARG A 1240 32.31 52.76 6.35
C ARG A 1240 33.00 51.40 6.53
N THR A 1241 32.30 50.27 6.37
CA THR A 1241 32.83 48.90 6.62
C THR A 1241 33.39 48.26 5.33
N LYS A 1242 33.09 48.77 4.15
CA LYS A 1242 33.52 48.15 2.88
C LYS A 1242 34.35 49.14 2.05
N LEU A 1243 33.74 49.82 1.09
CA LEU A 1243 34.41 50.62 0.03
C LEU A 1243 35.50 51.55 0.59
N LEU A 1244 35.22 52.22 1.70
CA LEU A 1244 36.10 53.26 2.28
C LEU A 1244 36.89 52.66 3.45
N ASN A 1245 36.66 51.38 3.75
CA ASN A 1245 37.37 50.66 4.85
C ASN A 1245 38.68 50.09 4.29
N PRO A 1246 39.85 50.64 4.70
CA PRO A 1246 41.15 50.12 4.29
C PRO A 1246 41.31 48.60 4.50
N LYS A 1247 40.92 48.07 5.65
CA LYS A 1247 40.92 46.61 5.87
C LYS A 1247 40.19 45.92 4.70
N TRP A 1248 39.02 46.42 4.32
CA TRP A 1248 38.21 45.82 3.23
C TRP A 1248 38.87 46.05 1.87
N TYR A 1249 39.25 47.28 1.52
CA TYR A 1249 39.79 47.51 0.15
C TYR A 1249 41.24 46.98 0.01
N GLU A 1250 42.08 47.01 1.04
CA GLU A 1250 43.43 46.38 0.94
C GLU A 1250 43.22 44.85 0.86
N GLY A 1251 42.34 44.28 1.68
CA GLY A 1251 41.88 42.87 1.59
C GLY A 1251 41.61 42.45 0.15
N MET A 1252 40.81 43.23 -0.58
CA MET A 1252 40.42 42.89 -1.97
C MET A 1252 41.62 43.10 -2.88
N LEU A 1253 42.38 44.18 -2.70
CA LEU A 1253 43.45 44.55 -3.66
C LEU A 1253 44.66 43.62 -3.46
N SER A 1254 44.72 42.90 -2.35
CA SER A 1254 45.75 41.86 -2.11
C SER A 1254 45.60 40.71 -3.11
N HIS A 1255 44.48 40.58 -3.84
CA HIS A 1255 44.25 39.53 -4.87
C HIS A 1255 44.54 40.10 -6.28
N GLY A 1256 44.89 41.38 -6.38
CA GLY A 1256 45.36 41.95 -7.65
C GLY A 1256 44.22 42.34 -8.58
N TYR A 1257 44.19 41.79 -9.79
CA TYR A 1257 43.30 42.27 -10.90
C TYR A 1257 41.84 42.24 -10.44
N GLU A 1258 41.43 41.07 -9.96
CA GLU A 1258 40.03 40.73 -9.61
C GLU A 1258 39.60 41.51 -8.38
N GLY A 1259 40.53 42.00 -7.56
CA GLY A 1259 40.22 42.79 -6.36
C GLY A 1259 39.66 44.16 -6.69
N VAL A 1260 40.08 44.73 -7.81
CA VAL A 1260 39.64 46.07 -8.27
C VAL A 1260 38.18 45.96 -8.74
N ARG A 1261 37.83 44.85 -9.41
CA ARG A 1261 36.43 44.48 -9.77
C ARG A 1261 35.55 44.62 -8.53
N GLU A 1262 36.00 44.14 -7.38
CA GLU A 1262 35.21 44.20 -6.12
C GLU A 1262 34.98 45.66 -5.71
N LEU A 1263 35.99 46.51 -5.90
CA LEU A 1263 35.88 47.95 -5.52
C LEU A 1263 34.89 48.61 -6.47
N SER A 1264 34.99 48.34 -7.77
CA SER A 1264 34.14 49.03 -8.77
C SER A 1264 32.69 48.62 -8.53
N LYS A 1265 32.46 47.39 -8.09
CA LYS A 1265 31.11 46.81 -7.85
C LYS A 1265 30.36 47.64 -6.80
N ARG A 1266 30.94 47.79 -5.62
CA ARG A 1266 30.36 48.55 -4.49
C ARG A 1266 30.08 50.00 -4.91
N LEU A 1267 30.91 50.58 -5.77
CA LEU A 1267 30.77 52.01 -6.15
C LEU A 1267 29.60 52.16 -7.12
N VAL A 1268 29.50 51.24 -8.07
CA VAL A 1268 28.40 51.13 -9.06
C VAL A 1268 27.08 50.86 -8.31
N ASN A 1269 27.09 50.04 -7.26
CA ASN A 1269 25.83 49.70 -6.52
C ASN A 1269 25.45 50.88 -5.62
N THR A 1270 26.43 51.63 -5.13
CA THR A 1270 26.17 52.88 -4.38
C THR A 1270 25.41 53.82 -5.33
N MET A 1271 25.83 53.94 -6.59
CA MET A 1271 25.25 54.88 -7.58
C MET A 1271 23.77 54.53 -7.71
N GLY A 1272 23.43 53.24 -7.69
CA GLY A 1272 22.05 52.77 -7.86
C GLY A 1272 21.15 53.36 -6.80
N TRP A 1273 21.62 53.37 -5.56
CA TRP A 1273 20.88 53.93 -4.41
C TRP A 1273 20.61 55.41 -4.60
N SER A 1274 21.50 56.11 -5.28
CA SER A 1274 21.33 57.54 -5.60
C SER A 1274 20.12 57.66 -6.56
N ALA A 1275 19.96 56.76 -7.52
CA ALA A 1275 18.96 56.84 -8.60
C ALA A 1275 17.57 56.41 -8.09
N THR A 1276 17.50 55.41 -7.22
CA THR A 1276 16.24 54.81 -6.77
C THR A 1276 15.71 55.47 -5.47
N ALA A 1277 16.56 56.08 -4.64
CA ALA A 1277 16.22 56.49 -3.25
C ALA A 1277 16.79 57.86 -2.83
N GLY A 1278 17.84 58.33 -3.50
CA GLY A 1278 18.70 59.45 -3.08
C GLY A 1278 19.27 59.22 -1.69
N ALA A 1279 19.61 57.99 -1.34
CA ALA A 1279 20.01 57.60 0.04
C ALA A 1279 21.53 57.76 0.27
N VAL A 1280 22.29 58.30 -0.68
CA VAL A 1280 23.78 58.36 -0.60
C VAL A 1280 24.22 59.79 -0.28
N ASP A 1281 24.80 59.98 0.91
CA ASP A 1281 25.47 61.22 1.37
C ASP A 1281 26.56 61.63 0.37
N ASN A 1282 26.70 62.93 0.10
CA ASN A 1282 27.73 63.47 -0.82
C ASN A 1282 29.14 63.02 -0.36
N TRP A 1283 29.37 62.78 0.94
CA TRP A 1283 30.73 62.46 1.46
C TRP A 1283 31.20 61.07 1.06
N VAL A 1284 30.28 60.15 0.75
CA VAL A 1284 30.65 58.78 0.31
C VAL A 1284 31.34 58.88 -1.06
N TYR A 1285 30.71 59.56 -2.00
CA TYR A 1285 31.37 59.82 -3.30
C TYR A 1285 32.68 60.60 -3.07
N GLU A 1286 32.69 61.64 -2.21
CA GLU A 1286 33.87 62.50 -1.94
C GLU A 1286 35.03 61.62 -1.47
N ASP A 1287 34.83 60.91 -0.36
CA ASP A 1287 35.83 60.03 0.27
C ASP A 1287 36.36 58.98 -0.72
N ALA A 1288 35.55 58.55 -1.67
CA ALA A 1288 35.95 57.54 -2.67
C ALA A 1288 36.92 58.18 -3.65
N ASN A 1289 36.58 59.36 -4.19
CA ASN A 1289 37.46 60.16 -5.07
C ASN A 1289 38.76 60.48 -4.31
N SER A 1290 38.69 60.78 -3.03
CA SER A 1290 39.86 61.04 -2.16
C SER A 1290 40.73 59.78 -2.07
N THR A 1291 40.13 58.64 -1.73
CA THR A 1291 40.84 57.40 -1.30
C THR A 1291 41.50 56.76 -2.52
N PHE A 1292 40.85 56.80 -3.69
CA PHE A 1292 41.19 55.97 -4.89
C PHE A 1292 41.69 56.83 -6.04
N ILE A 1293 41.34 58.12 -6.10
CA ILE A 1293 41.68 58.98 -7.28
C ILE A 1293 42.65 60.09 -6.87
N LYS A 1294 42.35 60.85 -5.80
CA LYS A 1294 43.19 61.99 -5.33
C LYS A 1294 44.52 61.48 -4.80
N ASP A 1295 44.53 60.31 -4.17
CA ASP A 1295 45.80 59.64 -3.77
C ASP A 1295 46.45 59.09 -5.05
N GLU A 1296 47.56 59.68 -5.50
CA GLU A 1296 48.15 59.41 -6.83
C GLU A 1296 48.73 57.98 -6.85
N GLU A 1297 49.23 57.56 -5.68
CA GLU A 1297 49.88 56.24 -5.46
C GLU A 1297 48.81 55.17 -5.72
N MET A 1298 47.72 55.17 -4.93
CA MET A 1298 46.51 54.30 -5.09
C MET A 1298 45.97 54.37 -6.53
N CYS A 1299 45.80 55.56 -7.09
CA CYS A 1299 45.26 55.75 -8.44
C CYS A 1299 46.11 54.96 -9.47
N LYS A 1300 47.42 55.11 -9.45
CA LYS A 1300 48.33 54.44 -10.42
C LYS A 1300 48.20 52.91 -10.24
N ARG A 1301 48.25 52.48 -8.99
CA ARG A 1301 48.17 51.06 -8.59
C ARG A 1301 46.86 50.43 -9.11
N LEU A 1302 45.72 51.11 -8.94
CA LEU A 1302 44.41 50.62 -9.45
C LEU A 1302 44.46 50.54 -10.97
N MET A 1303 44.82 51.62 -11.65
CA MET A 1303 44.85 51.59 -13.15
C MET A 1303 45.80 50.48 -13.64
N ASP A 1304 46.89 50.20 -12.92
CA ASP A 1304 47.91 49.23 -13.40
C ASP A 1304 47.41 47.81 -13.13
N LEU A 1305 46.80 47.59 -11.96
CA LEU A 1305 46.16 46.30 -11.56
C LEU A 1305 45.06 45.85 -12.54
N ASN A 1306 44.12 46.73 -12.91
CA ASN A 1306 42.89 46.37 -13.70
C ASN A 1306 42.42 47.59 -14.49
N PRO A 1307 42.88 47.84 -15.73
CA PRO A 1307 42.43 49.02 -16.46
C PRO A 1307 40.89 49.07 -16.58
N ASN A 1308 40.28 47.92 -16.91
CA ASN A 1308 38.81 47.78 -17.18
C ASN A 1308 38.04 48.19 -15.91
N SER A 1309 38.36 47.61 -14.76
CA SER A 1309 37.65 47.90 -13.48
C SER A 1309 38.00 49.30 -12.97
N PHE A 1310 39.17 49.83 -13.32
CA PHE A 1310 39.56 51.22 -12.97
C PHE A 1310 38.71 52.17 -13.81
N ARG A 1311 38.53 51.87 -15.10
CA ARG A 1311 37.78 52.76 -16.03
C ARG A 1311 36.35 52.87 -15.51
N ARG A 1312 35.76 51.72 -15.20
CA ARG A 1312 34.46 51.57 -14.51
C ARG A 1312 34.36 52.54 -13.32
N MET A 1313 35.28 52.48 -12.36
CA MET A 1313 35.24 53.38 -11.17
C MET A 1313 35.26 54.85 -11.61
N VAL A 1314 36.13 55.20 -12.56
CA VAL A 1314 36.28 56.60 -13.06
C VAL A 1314 34.94 57.02 -13.64
N SER A 1315 34.40 56.21 -14.55
CA SER A 1315 33.09 56.42 -15.23
C SER A 1315 32.01 56.75 -14.21
N THR A 1316 31.95 55.98 -13.14
CA THR A 1316 30.86 56.03 -12.15
C THR A 1316 30.90 57.37 -11.41
N LEU A 1317 32.08 57.81 -10.97
CA LEU A 1317 32.26 59.09 -10.26
C LEU A 1317 31.92 60.25 -11.20
N LEU A 1318 32.31 60.17 -12.47
CA LEU A 1318 31.91 61.20 -13.45
C LEU A 1318 30.37 61.20 -13.52
N GLU A 1319 29.78 60.01 -13.70
CA GLU A 1319 28.33 59.81 -13.94
C GLU A 1319 27.52 60.36 -12.76
N VAL A 1320 27.87 60.06 -11.51
CA VAL A 1320 27.04 60.54 -10.36
C VAL A 1320 27.19 62.06 -10.25
N ASN A 1321 28.27 62.63 -10.77
CA ASN A 1321 28.39 64.12 -10.83
C ASN A 1321 27.43 64.66 -11.89
N GLY A 1322 27.53 64.10 -13.10
CA GLY A 1322 26.77 64.51 -14.30
C GLY A 1322 25.25 64.52 -14.09
N ARG A 1323 24.76 63.78 -13.11
CA ARG A 1323 23.31 63.48 -12.88
C ARG A 1323 22.82 64.15 -11.60
N GLY A 1324 23.69 64.84 -10.85
CA GLY A 1324 23.31 65.73 -9.74
C GLY A 1324 23.46 65.06 -8.38
N TYR A 1325 24.05 63.85 -8.34
CA TYR A 1325 24.11 63.03 -7.09
C TYR A 1325 25.41 63.37 -6.34
N TRP A 1326 26.41 63.90 -7.04
CA TRP A 1326 27.73 64.24 -6.44
C TRP A 1326 28.11 65.68 -6.77
N GLU A 1327 28.29 66.52 -5.74
CA GLU A 1327 28.86 67.89 -5.82
C GLU A 1327 30.32 67.86 -5.32
N THR A 1328 31.23 68.30 -6.17
CA THR A 1328 32.69 68.26 -5.94
C THR A 1328 33.38 69.34 -6.77
N SER A 1329 34.59 69.74 -6.36
CA SER A 1329 35.45 70.77 -7.01
C SER A 1329 35.61 70.50 -8.52
N ASP A 1330 35.72 71.56 -9.31
CA ASP A 1330 36.02 71.48 -10.77
C ASP A 1330 37.36 70.75 -10.98
N GLU A 1331 38.28 70.84 -10.00
CA GLU A 1331 39.62 70.23 -10.13
C GLU A 1331 39.43 68.70 -10.18
N ASN A 1332 38.69 68.19 -9.19
CA ASN A 1332 38.28 66.76 -9.06
C ASN A 1332 37.72 66.26 -10.40
N LEU A 1333 36.82 67.00 -11.04
CA LEU A 1333 36.24 66.53 -12.33
C LEU A 1333 37.33 66.51 -13.40
N GLU A 1334 38.28 67.42 -13.33
CA GLU A 1334 39.32 67.52 -14.39
C GLU A 1334 40.26 66.33 -14.25
N ARG A 1335 40.69 66.00 -13.03
CA ARG A 1335 41.49 64.78 -12.76
C ARG A 1335 40.78 63.55 -13.38
N LEU A 1336 39.57 63.26 -12.90
CA LEU A 1336 38.73 62.12 -13.39
C LEU A 1336 38.63 62.16 -14.91
N GLN A 1337 38.38 63.34 -15.47
CA GLN A 1337 38.13 63.46 -16.93
C GLN A 1337 39.40 63.03 -17.69
N GLU A 1338 40.60 63.26 -17.11
CA GLU A 1338 41.91 62.96 -17.76
C GLU A 1338 42.23 61.48 -17.60
N LEU A 1339 42.10 60.96 -16.37
CA LEU A 1339 42.28 59.52 -16.04
C LEU A 1339 41.39 58.63 -16.90
N TYR A 1340 40.14 59.05 -17.16
CA TYR A 1340 39.23 58.34 -18.09
C TYR A 1340 39.93 58.18 -19.44
N GLN A 1341 40.55 59.26 -19.90
CA GLN A 1341 41.15 59.34 -21.25
C GLN A 1341 42.45 58.51 -21.27
N GLU A 1342 43.18 58.55 -20.17
CA GLU A 1342 44.44 57.77 -19.99
C GLU A 1342 44.07 56.28 -20.16
N VAL A 1343 43.14 55.76 -19.35
CA VAL A 1343 42.78 54.30 -19.38
C VAL A 1343 41.99 53.95 -20.65
N GLU A 1344 41.18 54.86 -21.20
CA GLU A 1344 40.50 54.62 -22.50
C GLU A 1344 41.57 54.17 -23.49
N ASP A 1345 42.64 54.98 -23.54
CA ASP A 1345 43.77 54.88 -24.51
C ASP A 1345 44.40 53.50 -24.36
N ARG A 1346 44.56 53.02 -23.11
CA ARG A 1346 45.13 51.67 -22.82
C ARG A 1346 44.20 50.57 -23.36
N ILE A 1347 42.90 50.64 -23.04
CA ILE A 1347 41.92 49.55 -23.38
C ILE A 1347 41.59 49.57 -24.88
N GLU A 1348 41.40 50.75 -25.49
CA GLU A 1348 40.76 50.85 -26.85
C GLU A 1348 41.80 51.08 -27.96
N GLY A 1349 42.90 51.79 -27.66
CA GLY A 1349 43.86 52.32 -28.66
C GLY A 1349 43.75 53.83 -28.78
N VAL A 1350 44.52 54.45 -29.69
CA VAL A 1350 44.55 55.93 -29.90
C VAL A 1350 44.22 56.25 -31.36
N HIS B 20 -17.88 40.10 20.24
CA HIS B 20 -17.29 41.48 20.37
C HIS B 20 -15.97 41.57 19.57
N MET B 21 -15.82 42.63 18.75
CA MET B 21 -14.88 42.63 17.59
C MET B 21 -13.40 42.78 18.03
N PHE B 22 -13.13 43.43 19.16
CA PHE B 22 -11.74 43.59 19.69
C PHE B 22 -11.13 42.20 19.93
N THR B 23 -11.93 41.21 20.35
CA THR B 23 -11.44 39.92 20.93
C THR B 23 -11.71 38.73 20.02
N ASN B 24 -12.59 38.87 19.02
CA ASN B 24 -13.10 37.84 18.08
C ASN B 24 -13.09 38.42 16.66
N VAL B 25 -12.42 37.78 15.71
CA VAL B 25 -12.39 38.23 14.29
C VAL B 25 -13.73 37.89 13.66
N LYS B 26 -14.35 38.87 12.99
CA LYS B 26 -15.65 38.72 12.27
C LYS B 26 -15.49 39.24 10.84
N SER B 27 -16.00 38.49 9.87
CA SER B 27 -16.09 38.95 8.47
C SER B 27 -17.32 39.85 8.28
N THR B 28 -17.22 40.81 7.37
CA THR B 28 -18.38 41.50 6.75
C THR B 28 -18.99 40.61 5.65
N ILE B 29 -18.39 39.46 5.33
CA ILE B 29 -18.77 38.70 4.09
C ILE B 29 -19.60 37.46 4.45
N ARG B 30 -20.80 37.36 3.87
CA ARG B 30 -21.80 36.28 4.05
C ARG B 30 -21.51 35.19 3.02
N ARG B 31 -21.20 35.63 1.81
CA ARG B 31 -21.29 34.87 0.54
C ARG B 31 -19.89 34.71 -0.07
N VAL B 32 -19.52 33.49 -0.44
CA VAL B 32 -18.25 33.15 -1.16
C VAL B 32 -18.60 32.48 -2.50
N ASP B 33 -18.17 33.06 -3.62
CA ASP B 33 -18.32 32.44 -4.96
C ASP B 33 -16.95 32.02 -5.50
N PRO B 34 -16.88 30.98 -6.34
CA PRO B 34 -15.64 30.72 -7.08
C PRO B 34 -15.42 31.90 -8.04
N GLU B 35 -14.18 32.32 -8.27
CA GLU B 35 -13.87 33.41 -9.23
C GLU B 35 -14.27 32.96 -10.62
N ALA B 36 -13.99 31.70 -10.95
CA ALA B 36 -14.22 31.11 -12.29
C ALA B 36 -14.68 29.67 -12.13
N LEU B 37 -15.91 29.35 -12.55
CA LEU B 37 -16.47 27.98 -12.47
C LEU B 37 -15.59 27.03 -13.30
N ASN B 38 -15.21 27.43 -14.53
CA ASN B 38 -14.43 26.61 -15.50
C ASN B 38 -15.06 25.21 -15.65
N GLY B 39 -16.37 25.15 -15.91
CA GLY B 39 -17.11 23.91 -16.25
C GLY B 39 -17.03 22.84 -15.16
N ARG B 40 -16.76 23.25 -13.92
CA ARG B 40 -16.78 22.33 -12.77
C ARG B 40 -18.23 22.20 -12.33
N GLN B 41 -18.57 21.11 -11.64
CA GLN B 41 -19.88 20.99 -10.97
C GLN B 41 -19.92 22.05 -9.86
N LEU B 42 -21.01 22.84 -9.77
CA LEU B 42 -21.24 23.85 -8.70
C LEU B 42 -22.07 23.25 -7.56
N LEU B 43 -21.46 23.09 -6.38
CA LEU B 43 -22.16 22.72 -5.12
C LEU B 43 -22.65 24.02 -4.50
N LYS B 44 -23.89 24.04 -4.00
CA LYS B 44 -24.55 25.24 -3.41
C LYS B 44 -24.80 24.94 -1.94
N VAL B 45 -24.19 25.71 -1.05
CA VAL B 45 -24.22 25.41 0.41
C VAL B 45 -24.79 26.62 1.12
N VAL B 46 -25.62 26.38 2.13
CA VAL B 46 -26.22 27.45 2.97
C VAL B 46 -26.09 27.02 4.42
N TYR B 47 -25.43 27.85 5.22
CA TYR B 47 -25.24 27.62 6.68
C TYR B 47 -26.01 28.71 7.44
N VAL B 48 -26.45 28.36 8.65
CA VAL B 48 -26.80 29.31 9.73
C VAL B 48 -26.25 28.70 11.03
N VAL B 49 -25.62 29.53 11.85
CA VAL B 49 -24.67 29.08 12.89
C VAL B 49 -24.61 30.17 13.96
N LEU B 50 -24.17 29.82 15.18
CA LEU B 50 -24.03 30.79 16.30
C LEU B 50 -22.65 31.46 16.28
N GLU B 51 -21.59 30.64 16.08
CA GLU B 51 -20.14 30.98 16.19
C GLU B 51 -19.54 31.56 14.88
N SER B 52 -18.89 32.72 14.97
CA SER B 52 -18.08 33.34 13.90
C SER B 52 -16.89 32.44 13.53
N GLN B 53 -16.25 31.78 14.52
CA GLN B 53 -15.18 30.78 14.28
C GLN B 53 -15.63 29.91 13.09
N TYR B 54 -16.80 29.28 13.22
CA TYR B 54 -17.33 28.27 12.26
C TYR B 54 -17.70 28.98 10.97
N GLN B 55 -18.18 30.23 11.04
CA GLN B 55 -18.48 31.00 9.80
C GLN B 55 -17.20 31.15 8.95
N SER B 56 -16.10 31.64 9.52
CA SER B 56 -14.85 31.99 8.79
C SER B 56 -14.05 30.71 8.42
N ALA B 57 -14.14 29.66 9.23
CA ALA B 57 -13.58 28.33 8.92
C ALA B 57 -14.28 27.73 7.69
N LEU B 58 -15.62 27.77 7.61
CA LEU B 58 -16.37 27.30 6.42
C LEU B 58 -15.95 28.13 5.20
N SER B 59 -15.93 29.46 5.32
CA SER B 59 -15.58 30.37 4.20
C SER B 59 -14.18 30.02 3.70
N ALA B 60 -13.26 29.74 4.62
CA ALA B 60 -11.85 29.41 4.28
C ALA B 60 -11.81 28.07 3.52
N ALA B 61 -12.48 27.04 4.02
CA ALA B 61 -12.59 25.72 3.36
C ALA B 61 -13.10 25.90 1.92
N VAL B 62 -14.11 26.75 1.71
CA VAL B 62 -14.70 26.96 0.37
C VAL B 62 -13.68 27.63 -0.57
N ARG B 63 -13.03 28.71 -0.11
CA ARG B 63 -12.02 29.45 -0.94
C ARG B 63 -10.87 28.52 -1.31
N ASN B 64 -10.50 27.59 -0.41
CA ASN B 64 -9.42 26.58 -0.64
C ASN B 64 -9.87 25.51 -1.64
N ILE B 65 -11.06 24.93 -1.49
CA ILE B 65 -11.60 24.01 -2.51
C ILE B 65 -11.69 24.76 -3.85
N ASN B 66 -12.13 26.02 -3.84
CA ASN B 66 -12.39 26.76 -5.10
C ASN B 66 -11.07 26.99 -5.81
N ARG B 67 -9.98 27.20 -5.07
CA ARG B 67 -8.74 27.69 -5.71
C ARG B 67 -7.96 26.48 -6.23
N THR B 68 -8.24 25.28 -5.72
CA THR B 68 -7.38 24.09 -6.03
C THR B 68 -8.17 22.90 -6.60
N ASN B 69 -9.48 22.74 -6.35
CA ASN B 69 -10.22 21.52 -6.79
C ASN B 69 -10.52 21.69 -8.27
N SER B 70 -10.08 20.73 -9.10
CA SER B 70 -10.12 20.88 -10.58
C SER B 70 -11.44 20.35 -11.16
N SER B 71 -12.31 19.71 -10.36
CA SER B 71 -13.61 19.14 -10.81
C SER B 71 -14.82 19.73 -10.07
N LEU B 72 -14.66 20.25 -8.85
CA LEU B 72 -15.76 20.86 -8.04
C LEU B 72 -15.51 22.31 -7.67
N ALA B 73 -16.57 23.12 -7.61
CA ALA B 73 -16.57 24.50 -7.05
C ALA B 73 -17.74 24.62 -6.07
N ILE B 74 -17.60 25.41 -5.01
CA ILE B 74 -18.65 25.55 -3.96
C ILE B 74 -19.07 27.01 -3.85
N GLN B 75 -20.38 27.24 -3.88
CA GLN B 75 -21.01 28.55 -3.63
C GLN B 75 -21.52 28.53 -2.20
N LEU B 76 -21.15 29.52 -1.39
CA LEU B 76 -21.48 29.57 0.05
C LEU B 76 -22.18 30.89 0.36
N THR B 77 -23.36 30.80 0.98
CA THR B 77 -24.14 31.90 1.58
C THR B 77 -24.49 31.45 2.99
N GLY B 78 -24.69 32.39 3.90
CA GLY B 78 -25.03 32.00 5.28
C GLY B 78 -25.22 33.21 6.17
N TYR B 79 -25.64 32.95 7.40
CA TYR B 79 -25.99 33.98 8.40
C TYR B 79 -25.66 33.44 9.78
N LEU B 80 -25.09 34.29 10.64
CA LEU B 80 -25.07 34.02 12.10
C LEU B 80 -26.55 34.04 12.53
N ILE B 81 -26.93 33.35 13.60
CA ILE B 81 -28.37 33.10 13.88
C ILE B 81 -29.14 34.43 14.05
N GLU B 82 -28.60 35.39 14.82
CA GLU B 82 -29.32 36.65 15.18
C GLU B 82 -29.40 37.61 13.98
N GLU B 83 -28.76 37.29 12.86
CA GLU B 83 -28.85 38.10 11.63
C GLU B 83 -30.16 37.79 10.89
N LEU B 84 -30.95 36.84 11.40
CA LEU B 84 -32.20 36.36 10.71
C LEU B 84 -33.42 37.15 11.20
N ARG B 85 -33.22 38.27 11.90
CA ARG B 85 -34.31 39.22 12.25
C ARG B 85 -34.58 40.12 11.05
N ASP B 86 -33.59 40.86 10.52
CA ASP B 86 -33.81 41.74 9.33
C ASP B 86 -34.54 40.94 8.26
N PRO B 87 -35.69 41.41 7.74
CA PRO B 87 -36.43 40.67 6.71
C PRO B 87 -35.69 40.73 5.37
N GLU B 88 -34.91 41.80 5.14
CA GLU B 88 -33.89 41.87 4.06
C GLU B 88 -33.11 40.55 4.04
N ASN B 89 -32.47 40.21 5.17
CA ASN B 89 -31.65 38.99 5.35
C ASN B 89 -32.53 37.73 5.19
N TYR B 90 -33.66 37.67 5.91
CA TYR B 90 -34.52 36.46 6.02
C TYR B 90 -35.12 36.08 4.65
N ALA B 91 -35.40 37.06 3.81
CA ALA B 91 -35.84 36.85 2.40
C ALA B 91 -34.75 36.07 1.65
N ASN B 92 -33.52 36.61 1.66
CA ASN B 92 -32.33 36.07 0.95
C ASN B 92 -32.03 34.65 1.47
N PHE B 93 -32.19 34.43 2.78
CA PHE B 93 -32.00 33.09 3.40
C PHE B 93 -32.97 32.10 2.75
N LYS B 94 -34.26 32.40 2.83
CA LYS B 94 -35.34 31.63 2.13
C LYS B 94 -34.91 31.38 0.68
N HIS B 95 -34.50 32.43 -0.05
CA HIS B 95 -34.11 32.37 -1.48
C HIS B 95 -32.97 31.36 -1.65
N ASP B 96 -31.85 31.59 -0.96
CA ASP B 96 -30.61 30.76 -0.99
C ASP B 96 -31.00 29.30 -0.76
N VAL B 97 -31.90 29.01 0.18
CA VAL B 97 -32.27 27.61 0.53
C VAL B 97 -33.03 26.94 -0.63
N SER B 98 -33.85 27.71 -1.36
CA SER B 98 -34.56 27.24 -2.59
C SER B 98 -33.60 26.45 -3.47
N GLU B 99 -32.42 27.02 -3.73
CA GLU B 99 -31.49 26.61 -4.82
C GLU B 99 -30.36 25.72 -4.29
N ALA B 100 -30.42 25.37 -3.01
CA ALA B 100 -29.28 24.85 -2.22
C ALA B 100 -29.23 23.32 -2.28
N ASN B 101 -28.05 22.74 -2.43
CA ASN B 101 -27.78 21.28 -2.43
C ASN B 101 -27.66 20.78 -0.98
N LEU B 102 -27.10 21.62 -0.11
CA LEU B 102 -26.67 21.30 1.27
C LEU B 102 -27.10 22.45 2.18
N PHE B 103 -27.74 22.12 3.29
CA PHE B 103 -28.08 23.06 4.39
C PHE B 103 -27.37 22.60 5.67
N ILE B 104 -26.61 23.49 6.31
CA ILE B 104 -25.85 23.20 7.55
C ILE B 104 -26.32 24.15 8.65
N ALA B 105 -26.50 23.65 9.88
CA ALA B 105 -26.83 24.50 11.05
C ALA B 105 -26.29 23.85 12.32
N SER B 106 -25.96 24.68 13.29
CA SER B 106 -25.23 24.28 14.52
C SER B 106 -25.42 25.34 15.60
N LEU B 107 -25.80 24.90 16.82
CA LEU B 107 -26.10 25.74 18.01
C LEU B 107 -27.19 26.80 17.69
N ILE B 108 -28.36 26.34 17.22
CA ILE B 108 -29.57 27.18 17.03
C ILE B 108 -30.50 26.89 18.23
N PHE B 109 -30.36 27.68 19.30
CA PHE B 109 -31.11 27.55 20.57
C PHE B 109 -31.87 28.85 20.89
N ILE B 110 -32.29 29.61 19.88
CA ILE B 110 -33.20 30.77 20.04
C ILE B 110 -34.56 30.38 19.44
N GLU B 111 -35.50 29.96 20.30
CA GLU B 111 -36.86 29.47 19.91
C GLU B 111 -37.41 30.37 18.81
N ASP B 112 -37.46 31.68 19.08
CA ASP B 112 -37.91 32.66 18.08
C ASP B 112 -37.36 32.23 16.70
N LEU B 113 -36.04 32.11 16.57
CA LEU B 113 -35.32 32.01 15.27
C LEU B 113 -35.22 30.56 14.80
N ALA B 114 -35.15 29.60 15.73
CA ALA B 114 -35.24 28.16 15.41
C ALA B 114 -36.47 27.90 14.52
N ASP B 115 -37.63 28.47 14.86
CA ASP B 115 -38.88 28.24 14.09
C ASP B 115 -38.78 29.00 12.76
N LYS B 116 -38.22 30.23 12.77
CA LYS B 116 -38.00 31.02 11.52
C LYS B 116 -37.13 30.20 10.56
N VAL B 117 -36.20 29.40 11.10
CA VAL B 117 -35.31 28.53 10.28
C VAL B 117 -36.18 27.40 9.70
N VAL B 118 -36.92 26.69 10.56
CA VAL B 118 -37.76 25.50 10.17
C VAL B 118 -38.77 25.91 9.09
N GLU B 119 -39.36 27.10 9.19
CA GLU B 119 -40.35 27.63 8.20
C GLU B 119 -39.70 27.70 6.81
N ALA B 120 -38.45 28.14 6.77
CA ALA B 120 -37.69 28.46 5.54
C ALA B 120 -37.15 27.19 4.91
N VAL B 121 -36.87 26.17 5.73
CA VAL B 121 -36.16 24.93 5.32
C VAL B 121 -37.17 23.85 4.92
N THR B 122 -38.09 23.49 5.83
CA THR B 122 -39.00 22.30 5.71
C THR B 122 -39.62 22.23 4.32
N PRO B 123 -40.20 23.32 3.76
CA PRO B 123 -40.62 23.37 2.37
C PRO B 123 -39.65 22.79 1.32
N TYR B 124 -38.34 23.08 1.44
CA TYR B 124 -37.32 22.70 0.42
C TYR B 124 -36.48 21.50 0.89
N ARG B 125 -36.85 20.86 2.00
CA ARG B 125 -36.14 19.66 2.52
C ARG B 125 -36.22 18.51 1.50
N ASP B 126 -37.31 18.41 0.76
CA ASP B 126 -37.48 17.34 -0.26
C ASP B 126 -36.43 17.57 -1.34
N ASN B 127 -36.17 18.86 -1.62
CA ASN B 127 -35.28 19.41 -2.68
C ASN B 127 -33.79 19.25 -2.32
N LEU B 128 -33.44 19.44 -1.04
CA LEU B 128 -32.04 19.35 -0.55
C LEU B 128 -31.51 17.92 -0.74
N ASP B 129 -30.35 17.76 -1.39
CA ASP B 129 -29.64 16.46 -1.46
C ASP B 129 -29.30 16.04 -0.03
N ALA B 130 -29.08 17.02 0.86
CA ALA B 130 -28.79 16.76 2.29
C ALA B 130 -29.01 18.03 3.11
N ALA B 131 -29.21 17.81 4.42
CA ALA B 131 -29.35 18.84 5.47
C ALA B 131 -28.74 18.28 6.76
N ILE B 132 -27.79 19.03 7.32
CA ILE B 132 -26.93 18.57 8.46
C ILE B 132 -27.11 19.56 9.59
N VAL B 133 -27.74 19.11 10.68
CA VAL B 133 -28.06 19.95 11.85
C VAL B 133 -27.38 19.34 13.07
N PHE B 134 -26.30 19.96 13.52
CA PHE B 134 -25.57 19.58 14.77
C PHE B 134 -26.38 20.16 15.93
N PRO B 135 -26.18 19.68 17.17
CA PRO B 135 -26.91 20.19 18.34
C PRO B 135 -27.47 21.61 18.14
N SER B 136 -28.74 21.65 17.76
CA SER B 136 -29.66 22.83 17.83
C SER B 136 -30.87 22.42 18.65
N MET B 137 -31.85 23.32 18.79
CA MET B 137 -33.19 22.98 19.32
C MET B 137 -33.75 21.80 18.53
N PRO B 138 -34.55 20.91 19.18
CA PRO B 138 -35.10 19.72 18.53
C PRO B 138 -35.93 19.96 17.26
N GLN B 139 -36.59 21.13 17.09
CA GLN B 139 -37.35 21.46 15.85
C GLN B 139 -36.42 21.40 14.63
N VAL B 140 -35.19 21.88 14.81
CA VAL B 140 -34.21 22.12 13.73
C VAL B 140 -33.52 20.79 13.39
N MET B 141 -33.11 20.03 14.42
CA MET B 141 -32.53 18.65 14.31
C MET B 141 -33.43 17.77 13.42
N ARG B 142 -34.75 17.87 13.56
CA ARG B 142 -35.75 17.08 12.79
C ARG B 142 -35.52 17.23 11.28
N LEU B 143 -34.98 18.38 10.84
CA LEU B 143 -34.66 18.68 9.41
C LEU B 143 -33.56 17.74 8.88
N ASN B 144 -32.80 17.09 9.76
CA ASN B 144 -31.66 16.21 9.38
C ASN B 144 -32.12 15.23 8.32
N LYS B 145 -31.36 15.20 7.23
CA LYS B 145 -31.56 14.35 6.03
C LYS B 145 -30.18 14.06 5.45
N MET B 146 -29.73 12.82 5.55
CA MET B 146 -28.45 12.37 4.96
C MET B 146 -28.71 10.96 4.41
N GLY B 147 -29.00 10.88 3.10
CA GLY B 147 -29.47 9.65 2.41
C GLY B 147 -30.71 9.07 3.08
N SER B 148 -30.55 7.88 3.69
CA SER B 148 -31.58 7.11 4.43
C SER B 148 -31.76 7.65 5.85
N PHE B 149 -30.87 8.55 6.29
CA PHE B 149 -30.78 8.99 7.71
C PHE B 149 -31.67 10.20 7.98
N SER B 150 -32.27 10.23 9.17
CA SER B 150 -32.96 11.39 9.79
C SER B 150 -33.08 11.11 11.29
N MET B 151 -33.68 12.02 12.06
CA MET B 151 -33.84 11.84 13.53
C MET B 151 -34.74 10.63 13.80
N ALA B 152 -35.60 10.28 12.83
CA ALA B 152 -36.34 9.00 12.76
C ALA B 152 -35.43 7.82 13.17
N GLN B 153 -34.22 7.77 12.61
CA GLN B 153 -33.40 6.53 12.50
C GLN B 153 -32.48 6.34 13.71
N LEU B 154 -32.64 7.17 14.76
CA LEU B 154 -31.86 7.10 16.02
C LEU B 154 -32.37 5.97 16.94
N GLY B 155 -33.13 4.99 16.43
CA GLY B 155 -33.75 3.91 17.21
C GLY B 155 -34.62 4.47 18.32
N GLN B 156 -34.29 4.14 19.59
CA GLN B 156 -35.00 4.64 20.81
C GLN B 156 -34.04 5.46 21.68
N SER B 157 -33.05 6.11 21.06
CA SER B 157 -32.33 7.30 21.61
C SER B 157 -32.88 8.58 20.94
N LYS B 158 -33.65 8.41 19.86
CA LYS B 158 -34.46 9.47 19.19
C LYS B 158 -35.29 10.21 20.24
N SER B 159 -35.81 9.47 21.23
CA SER B 159 -36.64 9.98 22.36
C SER B 159 -35.75 10.60 23.45
N ALA B 160 -34.52 10.10 23.61
CA ALA B 160 -33.54 10.52 24.64
C ALA B 160 -33.00 11.94 24.34
N ILE B 161 -32.56 12.18 23.10
CA ILE B 161 -31.72 13.36 22.72
C ILE B 161 -32.61 14.54 22.28
N ALA B 162 -33.83 14.27 21.80
CA ALA B 162 -34.83 15.32 21.43
C ALA B 162 -35.19 16.15 22.67
N GLN B 163 -35.15 15.54 23.87
CA GLN B 163 -35.53 16.18 25.17
C GLN B 163 -34.32 16.81 25.87
N PHE B 164 -33.10 16.29 25.64
CA PHE B 164 -31.82 16.85 26.17
C PHE B 164 -31.62 18.30 25.68
N MET B 165 -32.13 18.63 24.48
CA MET B 165 -31.95 19.94 23.81
C MET B 165 -33.22 20.78 23.98
N PHE B 177 -21.81 24.47 25.71
CA PHE B 177 -22.63 23.43 25.02
C PHE B 177 -21.72 22.34 24.43
N GLN B 178 -20.88 21.71 25.27
CA GLN B 178 -19.96 20.59 24.85
C GLN B 178 -20.57 19.25 25.24
N ASP B 179 -21.16 19.18 26.44
CA ASP B 179 -22.03 18.05 26.89
C ASP B 179 -22.99 17.71 25.74
N ALA B 180 -23.64 18.74 25.18
CA ALA B 180 -24.62 18.64 24.07
C ALA B 180 -23.99 17.90 22.89
N MET B 181 -22.82 18.36 22.43
CA MET B 181 -22.13 17.88 21.20
C MET B 181 -21.55 16.48 21.42
N LEU B 182 -21.06 16.15 22.61
CA LEU B 182 -20.43 14.83 22.86
C LEU B 182 -21.50 13.77 23.14
N LYS B 183 -22.66 14.13 23.71
CA LYS B 183 -23.73 13.13 23.96
C LYS B 183 -24.19 12.55 22.62
N LEU B 184 -24.55 13.41 21.65
CA LEU B 184 -25.01 13.00 20.29
C LEU B 184 -23.94 12.12 19.63
N LEU B 185 -22.68 12.57 19.65
CA LEU B 185 -21.53 11.82 19.09
C LEU B 185 -21.55 10.39 19.66
N ARG B 186 -21.49 10.28 20.99
CA ARG B 186 -21.32 9.01 21.75
C ARG B 186 -22.56 8.12 21.64
N THR B 187 -23.73 8.71 21.31
CA THR B 187 -24.97 7.97 21.02
C THR B 187 -24.90 7.24 19.67
N LEU B 188 -24.37 7.89 18.62
CA LEU B 188 -24.55 7.46 17.20
C LEU B 188 -24.07 6.03 16.98
N PRO B 189 -22.93 5.56 17.57
CA PRO B 189 -22.53 4.16 17.47
C PRO B 189 -23.53 3.15 18.06
N THR B 190 -24.31 3.55 19.08
CA THR B 190 -25.35 2.71 19.75
C THR B 190 -26.58 2.56 18.85
N VAL B 191 -26.67 3.36 17.78
CA VAL B 191 -27.85 3.46 16.88
C VAL B 191 -27.71 2.47 15.72
N LEU B 192 -26.49 2.07 15.38
CA LEU B 192 -26.17 1.38 14.09
C LEU B 192 -26.76 -0.03 14.04
N LYS B 193 -26.72 -0.78 15.15
CA LYS B 193 -27.16 -2.21 15.18
C LYS B 193 -28.62 -2.29 14.71
N TYR B 194 -29.48 -1.34 15.11
CA TYR B 194 -30.95 -1.41 14.89
C TYR B 194 -31.27 -1.18 13.40
N LEU B 195 -30.26 -0.91 12.56
CA LEU B 195 -30.45 -0.46 11.15
C LEU B 195 -29.85 -1.50 10.21
N PRO B 196 -30.36 -1.61 8.95
CA PRO B 196 -29.69 -2.43 7.93
C PRO B 196 -28.42 -1.73 7.45
N VAL B 197 -27.56 -2.45 6.72
CA VAL B 197 -26.14 -2.05 6.50
C VAL B 197 -26.08 -0.72 5.74
N GLU B 198 -26.82 -0.58 4.63
CA GLU B 198 -26.94 0.69 3.86
C GLU B 198 -27.23 1.85 4.83
N LYS B 199 -28.19 1.63 5.74
CA LYS B 199 -28.78 2.69 6.59
C LYS B 199 -27.87 2.94 7.81
N ALA B 200 -27.16 1.92 8.31
CA ALA B 200 -26.05 2.10 9.25
C ALA B 200 -24.98 3.01 8.63
N GLN B 201 -24.69 2.83 7.33
CA GLN B 201 -23.59 3.56 6.66
C GLN B 201 -23.93 5.05 6.61
N ASP B 202 -25.17 5.39 6.25
CA ASP B 202 -25.66 6.79 6.23
C ASP B 202 -25.54 7.41 7.63
N ALA B 203 -25.87 6.68 8.70
CA ALA B 203 -25.76 7.16 10.11
C ALA B 203 -24.28 7.30 10.51
N ARG B 204 -23.42 6.44 9.98
CA ARG B 204 -21.95 6.49 10.19
C ARG B 204 -21.41 7.73 9.48
N ASN B 205 -21.99 8.09 8.34
CA ASN B 205 -21.52 9.24 7.53
C ASN B 205 -21.85 10.53 8.28
N PHE B 206 -23.05 10.59 8.86
CA PHE B 206 -23.50 11.68 9.75
C PHE B 206 -22.60 11.78 10.99
N MET B 207 -22.12 10.65 11.51
CA MET B 207 -21.22 10.66 12.69
C MET B 207 -19.82 11.12 12.23
N LEU B 208 -19.37 10.70 11.03
CA LEU B 208 -18.05 11.11 10.49
C LEU B 208 -18.08 12.61 10.22
N SER B 209 -19.22 13.11 9.74
CA SER B 209 -19.38 14.52 9.30
C SER B 209 -19.39 15.40 10.57
N PHE B 210 -19.94 14.86 11.64
CA PHE B 210 -20.00 15.51 12.97
C PHE B 210 -18.60 15.59 13.57
N GLN B 211 -17.86 14.47 13.52
CA GLN B 211 -16.49 14.38 14.09
C GLN B 211 -15.61 15.44 13.40
N TYR B 212 -15.80 15.66 12.10
CA TYR B 212 -15.09 16.70 11.30
C TYR B 212 -15.42 18.09 11.86
N TRP B 213 -16.69 18.48 11.81
CA TRP B 213 -17.22 19.74 12.41
C TRP B 213 -16.60 20.00 13.81
N LEU B 214 -16.59 19.02 14.70
CA LEU B 214 -16.12 19.26 16.09
C LEU B 214 -14.64 19.65 16.08
N GLY B 215 -13.82 18.90 15.34
CA GLY B 215 -12.42 19.25 15.04
C GLY B 215 -12.32 20.71 14.69
N GLY B 216 -13.03 21.14 13.64
CA GLY B 216 -13.30 22.56 13.33
C GLY B 216 -12.22 23.20 12.48
N SER B 217 -11.14 22.48 12.16
CA SER B 217 -10.03 23.01 11.35
C SER B 217 -10.52 23.29 9.91
N GLN B 218 -9.91 24.26 9.24
CA GLN B 218 -10.05 24.41 7.76
C GLN B 218 -10.00 23.04 7.08
N GLU B 219 -9.07 22.13 7.36
CA GLU B 219 -8.96 20.88 6.56
C GLU B 219 -10.05 19.90 7.02
N ASN B 220 -10.42 19.88 8.30
CA ASN B 220 -11.60 19.12 8.79
C ASN B 220 -12.84 19.49 7.95
N LEU B 221 -13.03 20.77 7.64
CA LEU B 221 -14.29 21.24 7.03
C LEU B 221 -14.24 21.04 5.51
N GLU B 222 -13.08 21.11 4.91
CA GLU B 222 -12.90 20.73 3.49
C GLU B 222 -13.31 19.27 3.33
N ASN B 223 -12.87 18.40 4.24
CA ASN B 223 -13.19 16.95 4.19
C ASN B 223 -14.71 16.79 4.32
N PHE B 224 -15.32 17.45 5.30
CA PHE B 224 -16.79 17.47 5.57
C PHE B 224 -17.52 17.81 4.26
N LEU B 225 -17.19 18.93 3.60
CA LEU B 225 -17.86 19.34 2.35
C LEU B 225 -17.62 18.29 1.25
N LEU B 226 -16.41 17.76 1.14
CA LEU B 226 -16.02 16.88 0.01
C LEU B 226 -16.71 15.53 0.18
N MET B 227 -16.74 15.02 1.41
CA MET B 227 -17.45 13.79 1.81
C MET B 227 -18.97 13.94 1.55
N LEU B 228 -19.63 14.97 2.06
CA LEU B 228 -21.07 15.13 1.80
C LEU B 228 -21.32 15.19 0.29
N THR B 229 -20.40 15.75 -0.50
CA THR B 229 -20.56 15.91 -1.96
C THR B 229 -20.38 14.54 -2.64
N ASP B 230 -19.33 13.83 -2.25
CA ASP B 230 -19.04 12.51 -2.84
C ASP B 230 -20.23 11.57 -2.61
N LYS B 231 -20.75 11.47 -1.38
CA LYS B 231 -21.68 10.40 -0.98
C LYS B 231 -23.16 10.78 -1.26
N TYR B 232 -23.53 12.07 -1.29
CA TYR B 232 -24.97 12.48 -1.33
C TYR B 232 -25.31 13.53 -2.38
N VAL B 233 -24.37 13.99 -3.23
CA VAL B 233 -24.62 15.12 -4.19
C VAL B 233 -24.12 14.79 -5.59
N TYR B 234 -22.82 14.54 -5.77
CA TYR B 234 -22.20 14.24 -7.09
C TYR B 234 -21.36 12.97 -6.97
N PRO B 235 -22.01 11.78 -6.96
CA PRO B 235 -21.30 10.52 -6.74
C PRO B 235 -20.38 10.14 -7.92
N ASP B 236 -20.73 10.65 -9.11
CA ASP B 236 -20.04 10.37 -10.40
C ASP B 236 -19.10 11.54 -10.69
N LEU B 237 -17.92 11.52 -10.05
CA LEU B 237 -17.00 12.67 -9.81
C LEU B 237 -16.10 12.22 -8.66
N GLY B 238 -14.85 11.83 -8.95
CA GLY B 238 -14.12 10.83 -8.15
C GLY B 238 -13.37 11.40 -6.96
N LEU B 239 -14.09 11.95 -5.96
CA LEU B 239 -13.51 12.81 -4.88
C LEU B 239 -12.97 11.96 -3.71
N PRO B 252 -0.95 5.42 7.79
CA PRO B 252 -0.07 4.42 8.44
C PRO B 252 -0.30 2.99 7.94
N ASP B 253 0.76 2.19 7.76
CA ASP B 253 0.68 0.82 7.18
C ASP B 253 -0.01 -0.15 8.17
N MET B 254 0.21 0.03 9.48
CA MET B 254 -0.51 -0.76 10.51
C MET B 254 -0.62 0.07 11.80
N GLY B 255 -1.39 -0.41 12.78
CA GLY B 255 -1.76 0.36 13.99
C GLY B 255 -3.16 0.04 14.50
N ILE B 256 -3.60 0.80 15.51
CA ILE B 256 -4.84 0.57 16.32
C ILE B 256 -5.85 1.67 16.01
N TRP B 257 -7.13 1.36 16.15
CA TRP B 257 -8.23 2.29 15.80
C TRP B 257 -9.34 2.14 16.83
N HIS B 258 -9.99 3.24 17.14
CA HIS B 258 -11.30 3.29 17.82
C HIS B 258 -12.12 4.34 17.10
N PRO B 259 -13.41 4.08 16.84
CA PRO B 259 -14.25 5.03 16.09
C PRO B 259 -14.33 6.42 16.72
N LEU B 260 -13.97 6.55 18.01
CA LEU B 260 -14.17 7.79 18.82
C LEU B 260 -12.88 8.62 18.94
N SER B 261 -11.70 8.05 18.67
CA SER B 261 -10.44 8.81 18.52
C SER B 261 -10.24 9.13 17.05
N MET B 262 -10.17 10.42 16.67
CA MET B 262 -10.03 10.87 15.26
C MET B 262 -8.62 10.54 14.73
N GLN B 263 -7.64 10.38 15.62
CA GLN B 263 -6.25 9.96 15.28
C GLN B 263 -6.11 8.45 15.53
N MET B 264 -5.54 7.71 14.57
CA MET B 264 -5.16 6.27 14.73
C MET B 264 -3.98 6.23 15.71
N PHE B 265 -3.70 5.10 16.35
CA PHE B 265 -2.56 4.90 17.30
C PHE B 265 -1.52 3.95 16.67
N GLU B 266 -0.25 4.06 17.07
CA GLU B 266 0.89 3.30 16.48
C GLU B 266 1.59 2.46 17.55
N ASN B 267 1.01 2.38 18.76
CA ASN B 267 1.53 1.54 19.87
C ASN B 267 0.45 1.40 20.94
N VAL B 268 0.60 0.42 21.81
CA VAL B 268 -0.41 0.01 22.82
C VAL B 268 -0.53 1.08 23.93
N LYS B 269 0.59 1.64 24.40
CA LYS B 269 0.59 2.65 25.51
C LYS B 269 -0.25 3.85 25.07
N ASP B 270 0.05 4.39 23.89
CA ASP B 270 -0.68 5.56 23.32
C ASP B 270 -2.19 5.25 23.33
N TYR B 271 -2.59 4.02 22.99
CA TYR B 271 -4.02 3.58 22.92
C TYR B 271 -4.64 3.49 24.33
N LEU B 272 -4.02 2.71 25.23
CA LEU B 272 -4.52 2.48 26.63
C LEU B 272 -4.54 3.82 27.39
N GLU B 273 -3.50 4.64 27.21
CA GLU B 273 -3.45 6.03 27.74
C GLU B 273 -4.76 6.73 27.38
N TRP B 274 -5.03 6.85 26.08
CA TRP B 274 -6.27 7.48 25.57
C TRP B 274 -7.53 6.81 26.17
N TYR B 275 -7.57 5.47 26.21
CA TYR B 275 -8.74 4.65 26.62
C TYR B 275 -9.12 4.96 28.08
N ASN B 276 -8.15 4.93 29.01
CA ASN B 276 -8.34 5.24 30.46
C ASN B 276 -8.76 6.71 30.68
N GLN B 277 -8.31 7.64 29.83
CA GLN B 277 -8.65 9.09 29.91
C GLN B 277 -10.06 9.40 29.38
N ARG B 278 -10.94 8.41 29.17
CA ARG B 278 -12.25 8.60 28.48
C ARG B 278 -13.36 8.88 29.49
N PRO B 279 -14.07 10.03 29.40
CA PRO B 279 -15.10 10.36 30.39
C PRO B 279 -16.37 9.50 30.33
N ASP B 280 -16.63 8.85 29.18
CA ASP B 280 -17.98 8.39 28.75
C ASP B 280 -18.14 6.87 28.89
N ILE B 281 -17.25 6.21 29.62
CA ILE B 281 -17.32 4.73 29.85
C ILE B 281 -17.12 4.47 31.34
N SER B 282 -17.93 3.57 31.91
CA SER B 282 -17.73 2.95 33.25
C SER B 282 -16.24 2.68 33.49
N GLU B 283 -15.84 2.61 34.77
CA GLU B 283 -14.45 2.29 35.20
C GLU B 283 -14.21 0.77 35.11
N ASP B 284 -15.27 -0.02 34.95
CA ASP B 284 -15.21 -1.49 34.74
C ASP B 284 -14.37 -1.80 33.48
N LEU B 285 -14.64 -1.08 32.38
CA LEU B 285 -13.93 -1.20 31.07
C LEU B 285 -12.46 -0.78 31.20
N LYS B 286 -12.15 0.09 32.18
CA LYS B 286 -10.77 0.59 32.48
C LYS B 286 -9.95 -0.46 33.25
N ASP B 287 -10.57 -1.22 34.15
CA ASP B 287 -9.91 -2.28 34.95
C ASP B 287 -8.98 -3.10 34.05
N PRO B 288 -7.74 -3.45 34.48
CA PRO B 288 -6.91 -4.44 33.77
C PRO B 288 -7.34 -5.91 33.91
N LEU B 289 -8.28 -6.20 34.81
CA LEU B 289 -8.91 -7.55 34.98
C LEU B 289 -10.12 -7.66 34.04
N ALA B 290 -10.49 -6.58 33.35
CA ALA B 290 -11.68 -6.53 32.48
C ALA B 290 -11.51 -7.51 31.32
N PRO B 291 -12.63 -8.02 30.75
CA PRO B 291 -12.56 -8.81 29.53
C PRO B 291 -12.14 -7.91 28.35
N CYS B 292 -11.02 -8.28 27.71
CA CYS B 292 -10.42 -7.58 26.53
C CYS B 292 -10.43 -8.48 25.29
N ILE B 293 -11.03 -7.95 24.23
CA ILE B 293 -11.29 -8.69 22.96
C ILE B 293 -10.59 -7.93 21.83
N GLY B 294 -9.65 -8.59 21.14
CA GLY B 294 -9.00 -8.10 19.91
C GLY B 294 -9.92 -8.23 18.68
N LEU B 295 -9.99 -7.21 17.83
CA LEU B 295 -10.57 -7.30 16.46
C LEU B 295 -9.49 -6.96 15.41
N ILE B 296 -9.55 -7.61 14.24
CA ILE B 296 -8.60 -7.38 13.12
C ILE B 296 -9.41 -6.92 11.89
N MET B 297 -8.98 -5.86 11.21
CA MET B 297 -9.67 -5.36 9.99
C MET B 297 -8.66 -4.88 8.96
N GLN B 298 -9.11 -4.73 7.71
CA GLN B 298 -8.30 -4.12 6.63
C GLN B 298 -8.36 -2.61 6.80
N ARG B 299 -7.21 -1.96 6.69
CA ARG B 299 -7.08 -0.48 6.67
C ARG B 299 -8.05 0.13 5.64
N THR B 300 -8.30 -0.54 4.51
CA THR B 300 -9.14 -0.01 3.39
C THR B 300 -10.41 0.66 3.93
N HIS B 301 -11.16 -0.07 4.77
CA HIS B 301 -12.54 0.27 5.21
C HIS B 301 -12.50 1.52 6.11
N LEU B 302 -11.44 1.65 6.92
CA LEU B 302 -11.14 2.84 7.76
C LEU B 302 -10.86 4.05 6.85
N VAL B 303 -9.98 3.88 5.87
CA VAL B 303 -9.56 4.94 4.91
C VAL B 303 -10.76 5.42 4.07
N THR B 304 -11.73 4.54 3.85
CA THR B 304 -12.95 4.73 3.01
C THR B 304 -14.09 5.34 3.85
N GLY B 305 -14.14 5.01 5.15
CA GLY B 305 -15.27 5.33 6.04
C GLY B 305 -16.49 4.44 5.80
N ASP B 306 -16.34 3.37 5.02
CA ASP B 306 -17.34 2.26 4.93
C ASP B 306 -16.98 1.25 6.02
N ASP B 307 -17.30 1.59 7.28
CA ASP B 307 -16.84 0.87 8.49
C ASP B 307 -17.93 0.79 9.57
N ALA B 308 -19.19 1.10 9.23
CA ALA B 308 -20.33 1.14 10.16
C ALA B 308 -20.39 -0.19 10.93
N HIS B 309 -20.31 -1.33 10.26
CA HIS B 309 -20.37 -2.67 10.93
C HIS B 309 -19.17 -2.84 11.88
N TYR B 310 -18.00 -2.30 11.55
CA TYR B 310 -16.83 -2.31 12.47
C TYR B 310 -17.20 -1.51 13.73
N VAL B 311 -17.85 -0.35 13.55
CA VAL B 311 -18.22 0.57 14.67
C VAL B 311 -19.25 -0.13 15.55
N GLY B 312 -20.33 -0.67 14.97
CA GLY B 312 -21.44 -1.28 15.73
C GLY B 312 -20.96 -2.44 16.59
N MET B 313 -19.91 -3.10 16.10
CA MET B 313 -19.21 -4.23 16.75
C MET B 313 -18.54 -3.73 18.01
N VAL B 314 -17.66 -2.73 17.86
CA VAL B 314 -16.92 -2.09 18.99
C VAL B 314 -17.92 -1.62 20.04
N GLN B 315 -19.05 -1.03 19.64
CA GLN B 315 -20.07 -0.49 20.60
C GLN B 315 -20.74 -1.66 21.32
N GLU B 316 -21.10 -2.72 20.60
CA GLU B 316 -21.70 -3.95 21.19
C GLU B 316 -20.74 -4.54 22.24
N LEU B 317 -19.44 -4.64 21.93
CA LEU B 317 -18.48 -5.27 22.86
C LEU B 317 -18.36 -4.38 24.11
N GLU B 318 -18.47 -3.05 23.94
CA GLU B 318 -18.28 -2.04 25.02
C GLU B 318 -19.53 -2.03 25.91
N ALA B 319 -20.74 -2.00 25.35
CA ALA B 319 -22.03 -2.07 26.07
C ALA B 319 -22.14 -3.35 26.94
N MET B 320 -21.37 -4.40 26.62
CA MET B 320 -21.26 -5.65 27.41
C MET B 320 -20.03 -5.57 28.33
N GLY B 321 -19.39 -4.41 28.38
CA GLY B 321 -18.23 -4.17 29.26
C GLY B 321 -17.00 -4.93 28.81
N ALA B 322 -16.74 -4.98 27.50
CA ALA B 322 -15.45 -5.46 26.95
C ALA B 322 -14.59 -4.25 26.56
N ARG B 323 -13.34 -4.24 27.02
CA ARG B 323 -12.28 -3.38 26.43
C ARG B 323 -11.91 -4.00 25.08
N VAL B 324 -11.73 -3.16 24.07
CA VAL B 324 -11.59 -3.55 22.65
C VAL B 324 -10.27 -2.97 22.11
N ILE B 325 -9.53 -3.78 21.37
CA ILE B 325 -8.31 -3.35 20.60
C ILE B 325 -8.51 -3.76 19.14
N CYS B 326 -9.06 -2.87 18.31
CA CYS B 326 -9.09 -3.05 16.84
C CYS B 326 -7.74 -2.70 16.25
N VAL B 327 -7.05 -3.69 15.68
CA VAL B 327 -5.81 -3.54 14.88
C VAL B 327 -6.20 -3.53 13.40
N PHE B 328 -5.35 -2.98 12.53
CA PHE B 328 -5.55 -2.94 11.05
C PHE B 328 -4.22 -3.15 10.33
N SER B 329 -4.30 -3.39 9.03
CA SER B 329 -3.14 -3.43 8.10
C SER B 329 -3.61 -3.22 6.66
N GLY B 330 -2.81 -2.48 5.88
CA GLY B 330 -2.96 -2.31 4.43
C GLY B 330 -2.42 -3.51 3.69
N GLY B 331 -1.51 -4.26 4.32
CA GLY B 331 -0.93 -5.52 3.81
C GLY B 331 -1.77 -6.76 4.14
N LEU B 332 -1.17 -7.94 3.91
CA LEU B 332 -1.81 -9.27 4.09
C LEU B 332 -1.10 -10.08 5.17
N ASP B 333 -0.28 -9.43 6.00
CA ASP B 333 0.38 -10.09 7.17
C ASP B 333 -0.21 -9.55 8.48
N PHE B 334 -1.37 -10.07 8.87
CA PHE B 334 -2.11 -9.65 10.08
C PHE B 334 -1.43 -10.26 11.31
N SER B 335 -0.42 -11.11 11.13
CA SER B 335 0.45 -11.58 12.24
C SER B 335 1.23 -10.40 12.83
N LYS B 336 1.66 -9.45 12.00
CA LYS B 336 2.45 -8.26 12.43
C LYS B 336 1.62 -7.45 13.43
N PRO B 337 0.44 -6.89 13.06
CA PRO B 337 -0.41 -6.19 14.04
C PRO B 337 -0.78 -7.04 15.27
N VAL B 338 -1.02 -8.34 15.09
CA VAL B 338 -1.36 -9.26 16.22
C VAL B 338 -0.17 -9.29 17.19
N ASN B 339 1.05 -9.46 16.69
CA ASN B 339 2.26 -9.70 17.53
C ASN B 339 2.67 -8.42 18.24
N GLU B 340 2.36 -7.26 17.64
CA GLU B 340 2.71 -5.91 18.14
C GLU B 340 1.68 -5.47 19.20
N TYR B 341 0.39 -5.53 18.89
CA TYR B 341 -0.69 -4.80 19.62
C TYR B 341 -1.47 -5.71 20.60
N PHE B 342 -1.32 -7.04 20.54
CA PHE B 342 -2.10 -7.94 21.43
C PHE B 342 -1.21 -8.37 22.62
N TRP B 343 0.04 -7.88 22.64
CA TRP B 343 1.05 -8.05 23.72
C TRP B 343 1.49 -6.68 24.25
N ASP B 344 2.59 -6.61 25.01
CA ASP B 344 3.32 -5.34 25.34
C ASP B 344 4.82 -5.66 25.54
N PRO B 352 6.93 -10.41 28.51
CA PRO B 352 5.70 -9.80 28.03
C PRO B 352 4.53 -10.80 27.97
N LEU B 353 3.29 -10.29 28.10
CA LEU B 353 2.04 -11.11 28.15
C LEU B 353 1.00 -10.62 27.14
N PRO B 354 0.12 -11.53 26.68
CA PRO B 354 -1.14 -11.14 26.04
C PRO B 354 -2.03 -10.22 26.90
N ILE B 355 -2.67 -9.24 26.27
CA ILE B 355 -3.56 -8.22 26.91
C ILE B 355 -4.98 -8.38 26.36
N VAL B 356 -5.18 -9.52 25.69
CA VAL B 356 -6.41 -9.94 24.95
C VAL B 356 -6.78 -11.33 25.46
N ASP B 357 -8.05 -11.57 25.77
CA ASP B 357 -8.59 -12.91 26.17
C ASP B 357 -9.15 -13.68 24.97
N ALA B 358 -9.38 -13.01 23.82
CA ALA B 358 -9.95 -13.59 22.58
C ALA B 358 -9.83 -12.62 21.40
N VAL B 359 -9.50 -13.15 20.21
CA VAL B 359 -9.38 -12.44 18.90
C VAL B 359 -10.60 -12.76 18.02
N VAL B 360 -11.23 -11.73 17.44
CA VAL B 360 -12.27 -11.85 16.37
C VAL B 360 -11.76 -11.12 15.13
N SER B 361 -11.27 -11.88 14.14
CA SER B 361 -10.89 -11.39 12.79
C SER B 361 -12.16 -11.04 12.02
N LEU B 362 -12.19 -9.86 11.42
CA LEU B 362 -13.27 -9.42 10.51
C LEU B 362 -12.69 -9.17 9.12
N THR B 363 -11.46 -9.64 8.86
CA THR B 363 -10.79 -9.46 7.55
C THR B 363 -11.43 -10.45 6.57
N GLY B 364 -11.76 -11.65 7.07
CA GLY B 364 -12.22 -12.80 6.27
C GLY B 364 -11.14 -13.24 5.29
N PHE B 365 -9.88 -13.12 5.72
CA PHE B 365 -8.68 -13.64 5.02
C PHE B 365 -7.96 -14.60 5.96
N ALA B 366 -7.02 -15.38 5.42
CA ALA B 366 -5.92 -15.99 6.19
C ALA B 366 -5.31 -14.89 7.08
N LEU B 367 -4.69 -15.28 8.19
CA LEU B 367 -3.96 -14.32 9.05
C LEU B 367 -2.77 -13.80 8.24
N VAL B 368 -2.11 -14.71 7.50
CA VAL B 368 -0.84 -14.42 6.76
C VAL B 368 -1.03 -14.80 5.29
N GLY B 369 -0.97 -13.82 4.38
CA GLY B 369 -1.15 -14.00 2.92
C GLY B 369 0.15 -13.76 2.17
N ARG B 373 -0.33 -16.23 -2.09
CA ARG B 373 -0.25 -17.56 -1.41
C ARG B 373 -0.34 -17.37 0.11
N GLN B 374 -1.48 -17.73 0.69
CA GLN B 374 -1.70 -17.90 2.16
C GLN B 374 -0.55 -18.72 2.76
N ASP B 375 -0.12 -18.41 4.00
CA ASP B 375 0.95 -19.10 4.77
C ASP B 375 0.38 -19.50 6.15
N HIS B 376 0.01 -20.77 6.32
CA HIS B 376 -0.65 -21.25 7.57
C HIS B 376 0.42 -21.61 8.62
N PRO B 377 1.60 -22.17 8.28
CA PRO B 377 2.59 -22.48 9.31
C PRO B 377 2.99 -21.28 10.19
N ARG B 378 3.17 -20.10 9.60
CA ARG B 378 3.51 -18.85 10.35
C ARG B 378 2.34 -18.44 11.25
N ALA B 379 1.13 -18.31 10.66
CA ALA B 379 -0.13 -17.92 11.33
C ALA B 379 -0.37 -18.81 12.57
N ILE B 380 -0.09 -20.11 12.44
CA ILE B 380 -0.31 -21.09 13.53
C ILE B 380 0.70 -20.82 14.65
N GLU B 381 1.99 -20.65 14.32
CA GLU B 381 3.07 -20.30 15.30
C GLU B 381 2.68 -19.02 16.07
N SER B 382 2.12 -18.04 15.37
CA SER B 382 1.67 -16.72 15.90
C SER B 382 0.51 -16.91 16.89
N LEU B 383 -0.54 -17.63 16.48
CA LEU B 383 -1.81 -17.80 17.26
C LEU B 383 -1.59 -18.76 18.46
N LYS B 384 -0.57 -19.63 18.38
CA LYS B 384 -0.18 -20.57 19.47
C LYS B 384 0.60 -19.81 20.54
N LYS B 385 1.42 -18.82 20.14
CA LYS B 385 2.10 -17.91 21.10
C LYS B 385 1.00 -17.17 21.88
N LEU B 386 0.19 -16.34 21.22
CA LEU B 386 -0.89 -15.56 21.87
C LEU B 386 -1.74 -16.52 22.71
N ASN B 387 -2.04 -17.70 22.15
CA ASN B 387 -2.71 -18.85 22.80
C ASN B 387 -4.11 -18.46 23.30
N ARG B 388 -4.90 -17.80 22.44
CA ARG B 388 -6.29 -17.37 22.76
C ARG B 388 -7.24 -17.86 21.67
N PRO B 389 -8.56 -17.94 21.93
CA PRO B 389 -9.52 -18.35 20.90
C PRO B 389 -9.40 -17.42 19.70
N TYR B 390 -9.23 -18.01 18.52
CA TYR B 390 -9.25 -17.28 17.22
C TYR B 390 -10.65 -17.47 16.64
N MET B 391 -11.39 -16.38 16.50
CA MET B 391 -12.70 -16.40 15.82
C MET B 391 -12.57 -15.58 14.53
N CYS B 392 -13.28 -15.99 13.49
CA CYS B 392 -13.34 -15.24 12.21
C CYS B 392 -14.79 -15.20 11.74
N ALA B 393 -15.25 -14.01 11.31
CA ALA B 393 -16.54 -13.76 10.66
C ALA B 393 -16.31 -13.06 9.32
N LEU B 394 -16.68 -13.72 8.21
CA LEU B 394 -16.50 -13.16 6.84
C LEU B 394 -17.19 -11.79 6.76
N PRO B 395 -16.59 -10.80 6.08
CA PRO B 395 -17.26 -9.54 5.76
C PRO B 395 -18.62 -9.73 5.07
N LEU B 396 -18.72 -10.67 4.12
CA LEU B 396 -19.98 -10.99 3.35
C LEU B 396 -21.19 -11.09 4.29
N VAL B 397 -21.00 -11.67 5.49
CA VAL B 397 -22.03 -11.70 6.58
C VAL B 397 -22.77 -10.36 6.64
N PHE B 398 -22.03 -9.24 6.57
CA PHE B 398 -22.51 -7.84 6.75
C PHE B 398 -22.70 -7.14 5.39
N GLN B 399 -23.41 -7.74 4.43
CA GLN B 399 -23.83 -7.08 3.15
C GLN B 399 -24.94 -7.91 2.50
N HIS B 412 -21.93 -15.36 -5.99
CA HIS B 412 -22.12 -15.38 -4.51
C HIS B 412 -21.66 -16.72 -3.96
N PRO B 413 -22.40 -17.85 -4.17
CA PRO B 413 -22.25 -19.06 -3.35
C PRO B 413 -20.87 -19.73 -3.44
N ILE B 414 -20.21 -19.59 -4.60
CA ILE B 414 -18.82 -20.08 -4.85
C ILE B 414 -17.85 -19.29 -3.98
N GLN B 415 -17.82 -17.94 -4.11
CA GLN B 415 -16.89 -17.03 -3.38
C GLN B 415 -17.03 -17.26 -1.86
N VAL B 416 -18.23 -17.54 -1.36
CA VAL B 416 -18.46 -17.88 0.08
C VAL B 416 -17.75 -19.18 0.46
N ALA B 417 -17.81 -20.20 -0.39
CA ALA B 417 -17.25 -21.55 -0.11
C ALA B 417 -15.72 -21.52 -0.25
N LEU B 418 -15.19 -20.72 -1.16
CA LEU B 418 -13.72 -20.50 -1.32
C LEU B 418 -13.17 -19.72 -0.11
N GLN B 419 -13.93 -18.73 0.37
CA GLN B 419 -13.49 -17.81 1.45
C GLN B 419 -13.48 -18.53 2.79
N ILE B 420 -14.63 -19.00 3.27
CA ILE B 420 -14.82 -19.58 4.63
C ILE B 420 -13.77 -20.69 4.88
N ALA B 421 -13.32 -21.39 3.84
CA ALA B 421 -12.35 -22.54 3.95
C ALA B 421 -11.00 -22.06 4.51
N ILE B 422 -10.60 -20.82 4.25
CA ILE B 422 -9.21 -20.35 4.52
C ILE B 422 -9.03 -20.19 6.03
N PRO B 423 -9.86 -19.35 6.72
CA PRO B 423 -9.75 -19.22 8.18
C PRO B 423 -9.76 -20.55 8.93
N GLU B 424 -10.43 -21.57 8.39
CA GLU B 424 -10.53 -22.91 9.04
C GLU B 424 -9.14 -23.55 9.11
N LEU B 425 -8.28 -23.28 8.13
CA LEU B 425 -6.90 -23.83 8.10
C LEU B 425 -6.02 -23.09 9.11
N ASP B 426 -6.55 -21.99 9.66
CA ASP B 426 -5.93 -21.12 10.71
C ASP B 426 -6.44 -21.52 12.10
N GLY B 427 -7.45 -22.39 12.18
CA GLY B 427 -7.97 -22.92 13.45
C GLY B 427 -9.15 -22.12 13.93
N ALA B 428 -9.66 -21.24 13.07
CA ALA B 428 -10.74 -20.29 13.40
C ALA B 428 -12.01 -21.06 13.81
N ILE B 429 -12.72 -20.52 14.81
CA ILE B 429 -14.13 -20.83 15.15
C ILE B 429 -14.98 -19.78 14.42
N GLU B 430 -16.25 -20.07 14.11
CA GLU B 430 -17.14 -19.14 13.34
C GLU B 430 -18.38 -18.85 14.17
N PRO B 431 -18.53 -17.62 14.70
CA PRO B 431 -19.70 -17.28 15.49
C PRO B 431 -20.94 -16.93 14.66
N ILE B 432 -20.90 -17.25 13.35
CA ILE B 432 -21.97 -16.94 12.36
C ILE B 432 -22.03 -18.05 11.30
N ILE B 433 -23.23 -18.32 10.79
CA ILE B 433 -23.56 -19.53 9.99
C ILE B 433 -23.31 -19.29 8.49
N ILE B 445 -33.16 -6.49 6.70
CA ILE B 445 -32.89 -6.97 8.09
C ILE B 445 -31.82 -6.08 8.75
N ALA B 446 -31.91 -5.89 10.07
CA ALA B 446 -30.99 -5.07 10.88
C ALA B 446 -29.69 -5.83 11.12
N LEU B 447 -28.66 -5.13 11.64
CA LEU B 447 -27.33 -5.67 11.98
C LEU B 447 -27.38 -6.39 13.32
N GLN B 448 -28.36 -6.03 14.15
CA GLN B 448 -28.53 -6.50 15.55
C GLN B 448 -28.13 -7.97 15.70
N ASP B 449 -28.84 -8.88 15.03
CA ASP B 449 -28.62 -10.35 15.16
C ASP B 449 -27.13 -10.68 15.10
N ARG B 450 -26.48 -10.35 13.98
CA ARG B 450 -25.09 -10.77 13.66
C ARG B 450 -24.13 -10.18 14.72
N LEU B 451 -24.16 -8.86 14.91
CA LEU B 451 -23.31 -8.13 15.89
C LEU B 451 -23.46 -8.76 17.28
N GLU B 452 -24.71 -8.95 17.72
CA GLU B 452 -25.05 -9.49 19.07
C GLU B 452 -24.51 -10.91 19.19
N ALA B 453 -24.60 -11.68 18.11
CA ALA B 453 -24.17 -13.10 18.05
C ALA B 453 -22.65 -13.18 18.25
N ILE B 454 -21.91 -12.50 17.37
CA ILE B 454 -20.42 -12.43 17.38
C ILE B 454 -19.98 -11.96 18.76
N ALA B 455 -20.64 -10.92 19.28
CA ALA B 455 -20.34 -10.26 20.56
C ALA B 455 -20.46 -11.26 21.70
N GLN B 456 -21.69 -11.80 21.88
CA GLN B 456 -22.04 -12.70 23.01
C GLN B 456 -21.11 -13.91 23.02
N ARG B 457 -20.71 -14.40 21.83
CA ARG B 457 -19.93 -15.65 21.70
C ARG B 457 -18.49 -15.36 22.10
N ALA B 458 -18.00 -14.18 21.75
CA ALA B 458 -16.62 -13.72 22.08
C ALA B 458 -16.51 -13.54 23.59
N MET B 459 -17.54 -12.99 24.23
CA MET B 459 -17.62 -12.82 25.71
C MET B 459 -17.58 -14.19 26.38
N LYS B 460 -18.50 -15.08 26.00
CA LYS B 460 -18.57 -16.47 26.55
C LYS B 460 -17.23 -17.18 26.31
N TRP B 461 -16.50 -16.89 25.24
CA TRP B 461 -15.15 -17.49 24.97
C TRP B 461 -14.14 -16.92 25.96
N ALA B 462 -14.19 -15.61 26.17
CA ALA B 462 -13.29 -14.85 27.07
C ALA B 462 -13.56 -15.28 28.52
N ASN B 463 -14.85 -15.30 28.90
CA ASN B 463 -15.35 -15.77 30.23
C ASN B 463 -14.70 -17.11 30.60
N LEU B 464 -14.21 -17.90 29.62
CA LEU B 464 -13.55 -19.21 29.87
C LEU B 464 -12.11 -19.04 30.37
N ARG B 465 -11.55 -17.83 30.32
CA ARG B 465 -10.28 -17.48 31.01
C ARG B 465 -10.58 -16.78 32.35
N LYS B 466 -11.54 -15.85 32.36
CA LYS B 466 -11.97 -15.05 33.55
C LYS B 466 -12.38 -15.98 34.69
N LYS B 467 -13.35 -16.85 34.42
CA LYS B 467 -13.97 -17.77 35.42
C LYS B 467 -12.93 -18.73 35.98
N PRO B 468 -12.90 -18.93 37.32
CA PRO B 468 -11.99 -19.90 37.93
C PRO B 468 -12.44 -21.36 37.70
N LYS B 469 -11.46 -22.25 37.54
CA LYS B 469 -11.65 -23.71 37.28
C LYS B 469 -12.77 -24.32 38.14
N LEU B 470 -12.81 -23.98 39.44
CA LEU B 470 -13.65 -24.72 40.42
C LEU B 470 -15.10 -24.20 40.37
N ASP B 471 -15.36 -23.18 39.55
CA ASP B 471 -16.73 -22.62 39.30
C ASP B 471 -17.21 -22.90 37.86
N LYS B 472 -16.31 -23.36 36.96
CA LYS B 472 -16.65 -23.64 35.54
C LYS B 472 -17.59 -24.84 35.47
N LYS B 473 -18.73 -24.66 34.78
CA LYS B 473 -19.78 -25.69 34.57
C LYS B 473 -19.69 -26.25 33.14
N VAL B 474 -19.50 -27.57 32.99
CA VAL B 474 -19.18 -28.25 31.70
C VAL B 474 -20.26 -29.30 31.38
N ALA B 475 -21.32 -28.90 30.67
CA ALA B 475 -22.34 -29.79 30.08
C ALA B 475 -21.65 -30.72 29.08
N ILE B 476 -21.95 -32.03 29.12
CA ILE B 476 -21.61 -33.03 28.08
C ILE B 476 -22.92 -33.65 27.58
N THR B 477 -23.20 -33.53 26.28
CA THR B 477 -24.47 -33.97 25.65
C THR B 477 -24.24 -35.25 24.85
N VAL B 478 -25.14 -36.21 25.05
CA VAL B 478 -25.14 -37.56 24.42
C VAL B 478 -26.41 -37.60 23.57
N PHE B 479 -26.31 -38.17 22.36
CA PHE B 479 -27.42 -38.33 21.38
C PHE B 479 -27.81 -39.81 21.33
N SER B 480 -29.10 -40.10 21.20
CA SER B 480 -29.64 -41.43 20.81
C SER B 480 -29.17 -42.54 21.78
N PHE B 481 -29.43 -42.34 23.07
CA PHE B 481 -29.47 -43.39 24.13
C PHE B 481 -30.86 -43.34 24.76
N PRO B 482 -31.57 -44.48 24.93
CA PRO B 482 -31.09 -45.77 24.45
C PRO B 482 -31.20 -45.84 22.92
N PRO B 483 -30.33 -46.60 22.21
CA PRO B 483 -30.30 -46.59 20.74
C PRO B 483 -31.40 -47.39 20.01
N ASP B 484 -32.50 -46.72 19.64
CA ASP B 484 -33.62 -47.30 18.82
C ASP B 484 -33.59 -46.70 17.42
N THR B 490 -23.23 -41.81 11.87
CA THR B 490 -21.80 -41.83 11.40
C THR B 490 -21.08 -43.09 11.89
N ALA B 491 -19.89 -43.34 11.34
CA ALA B 491 -18.92 -44.33 11.85
C ALA B 491 -18.09 -43.64 12.94
N ALA B 492 -18.73 -43.28 14.06
CA ALA B 492 -18.11 -42.65 15.25
C ALA B 492 -17.02 -43.58 15.77
N TYR B 493 -17.36 -44.87 15.96
CA TYR B 493 -16.44 -45.90 16.52
C TYR B 493 -16.05 -45.48 17.94
N LEU B 494 -17.02 -44.88 18.62
CA LEU B 494 -16.81 -44.26 19.93
C LEU B 494 -17.54 -45.07 21.00
N ASP B 495 -16.80 -45.57 21.99
CA ASP B 495 -17.35 -45.95 23.31
C ASP B 495 -17.74 -44.65 24.03
N VAL B 496 -19.01 -44.27 23.96
CA VAL B 496 -19.45 -42.92 24.43
C VAL B 496 -19.22 -42.85 25.94
N PHE B 497 -19.95 -43.65 26.72
CA PHE B 497 -19.89 -43.67 28.21
C PHE B 497 -18.46 -44.01 28.68
N GLY B 498 -17.75 -44.87 27.96
CA GLY B 498 -16.31 -45.09 28.18
C GLY B 498 -15.56 -43.76 28.17
N SER B 499 -15.73 -42.99 27.09
CA SER B 499 -14.99 -41.72 26.83
C SER B 499 -15.41 -40.64 27.84
N ILE B 500 -16.72 -40.46 28.07
CA ILE B 500 -17.24 -39.47 29.06
C ILE B 500 -16.54 -39.70 30.39
N TYR B 501 -16.57 -40.94 30.91
CA TYR B 501 -15.93 -41.32 32.20
C TYR B 501 -14.50 -40.76 32.21
N GLU B 502 -13.65 -41.14 31.24
CA GLU B 502 -12.23 -40.65 31.15
C GLU B 502 -12.18 -39.11 31.19
N VAL B 503 -13.13 -38.42 30.57
CA VAL B 503 -13.16 -36.93 30.48
C VAL B 503 -13.54 -36.37 31.86
N MET B 504 -14.48 -37.01 32.57
CA MET B 504 -14.91 -36.60 33.93
C MET B 504 -13.74 -36.76 34.91
N LYS B 505 -13.00 -37.88 34.82
CA LYS B 505 -11.78 -38.16 35.63
C LYS B 505 -10.71 -37.10 35.32
N GLY B 506 -10.28 -37.00 34.07
CA GLY B 506 -9.39 -35.92 33.59
C GLY B 506 -9.77 -34.54 34.12
N LEU B 507 -11.06 -34.23 34.20
CA LEU B 507 -11.53 -32.90 34.67
C LEU B 507 -11.24 -32.77 36.17
N GLN B 508 -11.53 -33.82 36.94
CA GLN B 508 -11.28 -33.90 38.39
C GLN B 508 -9.77 -33.80 38.65
N GLY B 509 -8.95 -34.61 37.96
CA GLY B 509 -7.48 -34.58 38.06
C GLY B 509 -6.88 -33.20 37.77
N ASN B 510 -7.72 -32.22 37.41
CA ASN B 510 -7.31 -30.85 37.02
C ASN B 510 -8.15 -29.81 37.78
N GLY B 511 -8.78 -30.19 38.89
CA GLY B 511 -9.44 -29.25 39.82
C GLY B 511 -10.66 -28.56 39.24
N TYR B 512 -11.49 -29.29 38.49
CA TYR B 512 -12.91 -28.91 38.22
C TYR B 512 -13.74 -29.56 39.34
N ASP B 513 -14.94 -29.03 39.63
CA ASP B 513 -15.79 -29.53 40.76
C ASP B 513 -16.64 -30.71 40.26
N VAL B 514 -16.02 -31.87 40.12
CA VAL B 514 -16.72 -33.16 39.79
C VAL B 514 -17.09 -33.85 41.12
N GLN B 515 -18.39 -33.91 41.41
CA GLN B 515 -18.97 -34.56 42.63
C GLN B 515 -19.42 -35.98 42.31
N ASP B 516 -19.03 -36.94 43.13
CA ASP B 516 -19.63 -38.30 43.18
C ASP B 516 -19.40 -39.00 41.84
N LEU B 517 -18.19 -38.82 41.29
CA LEU B 517 -17.65 -39.52 40.10
C LEU B 517 -17.78 -41.02 40.32
N PRO B 518 -18.74 -41.71 39.66
CA PRO B 518 -18.94 -43.14 39.90
C PRO B 518 -17.71 -44.05 39.70
N GLY B 519 -17.88 -45.34 39.97
CA GLY B 519 -16.78 -46.31 40.11
C GLY B 519 -16.21 -46.74 38.78
N SER B 520 -17.03 -46.71 37.73
CA SER B 520 -16.71 -47.25 36.38
C SER B 520 -17.53 -46.53 35.29
N ALA B 521 -17.22 -46.81 34.03
CA ALA B 521 -18.01 -46.37 32.84
C ALA B 521 -19.42 -46.96 32.94
N LYS B 522 -19.55 -48.23 33.31
CA LYS B 522 -20.89 -48.89 33.44
C LYS B 522 -21.69 -48.20 34.54
N GLU B 523 -21.07 -47.89 35.68
CA GLU B 523 -21.78 -47.24 36.82
C GLU B 523 -22.28 -45.87 36.37
N LEU B 524 -21.47 -45.15 35.60
CA LEU B 524 -21.82 -43.83 34.99
C LEU B 524 -23.08 -43.99 34.11
N MET B 525 -23.07 -44.96 33.20
CA MET B 525 -24.24 -45.28 32.33
C MET B 525 -25.43 -45.63 33.21
N GLU B 526 -25.20 -46.40 34.28
CA GLU B 526 -26.26 -46.86 35.22
C GLU B 526 -26.89 -45.63 35.86
N ALA B 527 -26.10 -44.56 36.07
CA ALA B 527 -26.56 -43.32 36.73
C ALA B 527 -27.43 -42.47 35.82
N VAL B 528 -27.32 -42.63 34.49
CA VAL B 528 -28.05 -41.82 33.45
C VAL B 528 -29.27 -42.61 32.93
N ILE B 529 -29.05 -43.88 32.57
CA ILE B 529 -30.06 -44.83 32.03
C ILE B 529 -30.23 -45.96 33.06
N HIS B 530 -31.20 -45.78 33.97
CA HIS B 530 -31.49 -46.70 35.10
C HIS B 530 -31.93 -48.06 34.55
N ASP B 531 -31.12 -49.11 34.78
CA ASP B 531 -31.41 -50.52 34.38
C ASP B 531 -31.33 -50.62 32.85
N ALA B 532 -30.32 -49.99 32.24
CA ALA B 532 -30.16 -49.90 30.77
C ALA B 532 -30.28 -51.29 30.13
N GLN B 533 -29.88 -52.34 30.87
CA GLN B 533 -29.74 -53.72 30.33
C GLN B 533 -31.05 -54.50 30.52
N ALA B 534 -32.06 -53.90 31.17
CA ALA B 534 -33.42 -54.43 31.39
C ALA B 534 -33.37 -55.83 32.03
N GLN B 535 -32.59 -55.99 33.11
CA GLN B 535 -32.55 -57.21 33.95
C GLN B 535 -33.86 -57.30 34.75
N TYR B 536 -34.22 -56.23 35.46
CA TYR B 536 -35.27 -56.19 36.52
C TYR B 536 -36.48 -55.39 36.04
N ASN B 537 -36.30 -54.10 35.74
CA ASN B 537 -37.37 -53.18 35.25
C ASN B 537 -36.97 -52.59 33.88
N SER B 538 -37.92 -51.90 33.24
CA SER B 538 -37.73 -51.09 32.00
C SER B 538 -36.46 -50.24 32.13
N PRO B 539 -35.64 -50.09 31.06
CA PRO B 539 -34.64 -49.03 31.03
C PRO B 539 -35.45 -47.73 31.03
N GLU B 540 -35.05 -46.76 31.84
CA GLU B 540 -35.62 -45.39 31.78
C GLU B 540 -34.55 -44.37 32.20
N LEU B 541 -34.75 -43.13 31.74
CA LEU B 541 -33.71 -42.07 31.76
C LEU B 541 -33.85 -41.25 33.04
N ASN B 542 -32.77 -41.17 33.81
CA ASN B 542 -32.65 -40.28 35.01
C ASN B 542 -33.14 -38.87 34.63
N ILE B 543 -34.26 -38.44 35.22
CA ILE B 543 -34.85 -37.09 34.98
C ILE B 543 -34.06 -36.09 35.84
N ALA B 544 -33.34 -35.18 35.18
CA ALA B 544 -32.40 -34.23 35.80
C ALA B 544 -33.13 -32.93 36.17
N HIS B 545 -34.36 -32.76 35.67
CA HIS B 545 -35.20 -31.55 35.90
C HIS B 545 -36.52 -31.70 35.16
N ARG B 546 -37.64 -31.45 35.86
CA ARG B 546 -38.99 -31.25 35.27
C ARG B 546 -39.13 -29.76 34.98
N MET B 547 -39.71 -29.39 33.85
CA MET B 547 -39.80 -27.98 33.38
C MET B 547 -41.25 -27.64 33.04
N SER B 548 -41.92 -26.89 33.92
CA SER B 548 -43.29 -26.35 33.72
C SER B 548 -43.38 -25.67 32.35
N VAL B 549 -44.61 -25.56 31.82
CA VAL B 549 -44.95 -24.82 30.57
C VAL B 549 -44.59 -23.34 30.77
N GLU B 550 -44.77 -22.84 32.00
CA GLU B 550 -44.50 -21.44 32.43
C GLU B 550 -43.03 -21.12 32.11
N GLN B 551 -42.11 -21.95 32.63
CA GLN B 551 -40.64 -21.78 32.53
C GLN B 551 -40.18 -21.97 31.07
N TYR B 552 -40.71 -22.99 30.38
CA TYR B 552 -40.39 -23.31 28.96
C TYR B 552 -40.67 -22.08 28.09
N GLU B 553 -41.93 -21.64 28.04
CA GLU B 553 -42.43 -20.57 27.13
C GLU B 553 -41.74 -19.23 27.47
N ARG B 554 -41.47 -18.97 28.75
CA ARG B 554 -40.85 -17.71 29.26
C ARG B 554 -39.39 -17.60 28.79
N LEU B 555 -38.62 -18.70 28.89
CA LEU B 555 -37.16 -18.72 28.65
C LEU B 555 -36.85 -19.10 27.20
N THR B 556 -37.73 -19.88 26.55
CA THR B 556 -37.67 -20.24 25.12
C THR B 556 -38.61 -19.31 24.35
N PRO B 557 -38.11 -18.19 23.78
CA PRO B 557 -38.99 -17.22 23.12
C PRO B 557 -39.56 -17.72 21.79
N TYR B 558 -38.84 -18.63 21.12
CA TYR B 558 -39.20 -19.23 19.80
C TYR B 558 -40.08 -20.48 19.99
N SER B 559 -40.62 -20.70 21.20
CA SER B 559 -41.44 -21.89 21.57
C SER B 559 -42.73 -21.91 20.75
N VAL B 560 -43.26 -20.73 20.40
CA VAL B 560 -44.52 -20.59 19.60
C VAL B 560 -44.28 -21.18 18.20
N ARG B 561 -43.18 -20.84 17.51
CA ARG B 561 -42.86 -21.29 16.12
C ARG B 561 -42.86 -22.82 16.03
N LEU B 562 -42.56 -23.53 17.12
CA LEU B 562 -42.58 -25.02 17.20
C LEU B 562 -44.02 -25.55 17.29
N GLU B 563 -44.97 -24.73 17.76
CA GLU B 563 -46.36 -25.15 18.10
C GLU B 563 -47.14 -25.55 16.84
N GLU B 564 -46.73 -25.03 15.68
CA GLU B 564 -47.35 -25.30 14.36
C GLU B 564 -47.69 -26.79 14.22
N ASN B 565 -46.71 -27.69 14.42
CA ASN B 565 -46.88 -29.15 14.14
C ASN B 565 -46.60 -30.01 15.38
N TRP B 566 -46.22 -29.44 16.53
CA TRP B 566 -46.11 -30.20 17.82
C TRP B 566 -47.13 -29.69 18.85
N GLY B 567 -47.92 -28.67 18.50
CA GLY B 567 -49.07 -28.18 19.30
C GLY B 567 -48.63 -27.48 20.58
N LYS B 568 -49.54 -27.40 21.56
CA LYS B 568 -49.30 -26.80 22.90
C LYS B 568 -48.27 -27.63 23.65
N PRO B 569 -47.27 -27.01 24.31
CA PRO B 569 -46.44 -27.73 25.27
C PRO B 569 -47.31 -28.43 26.30
N PRO B 570 -46.87 -29.57 26.89
CA PRO B 570 -45.55 -30.14 26.61
C PRO B 570 -45.47 -31.14 25.43
N GLY B 571 -46.59 -31.39 24.75
CA GLY B 571 -46.69 -32.42 23.69
C GLY B 571 -46.62 -33.82 24.27
N HIS B 572 -46.30 -34.82 23.43
CA HIS B 572 -46.35 -36.28 23.75
C HIS B 572 -44.93 -36.84 23.97
N LEU B 573 -43.90 -36.01 23.80
CA LEU B 573 -42.46 -36.42 23.76
C LEU B 573 -41.69 -35.68 24.86
N ASN B 574 -41.03 -36.44 25.74
CA ASN B 574 -40.31 -35.94 26.94
C ASN B 574 -41.31 -35.14 27.80
N SER B 575 -42.51 -35.69 28.01
CA SER B 575 -43.62 -35.08 28.79
C SER B 575 -44.13 -36.07 29.81
N ASP B 576 -44.45 -35.61 31.03
CA ASP B 576 -45.19 -36.40 32.04
C ASP B 576 -46.69 -36.08 31.91
N GLY B 577 -47.03 -34.98 31.21
CA GLY B 577 -48.42 -34.53 31.00
C GLY B 577 -48.60 -33.05 31.34
N GLN B 578 -47.74 -32.50 32.21
CA GLN B 578 -47.76 -31.07 32.65
C GLN B 578 -46.41 -30.42 32.34
N ASN B 579 -45.30 -31.09 32.65
CA ASN B 579 -43.90 -30.58 32.45
C ASN B 579 -43.19 -31.29 31.29
N LEU B 580 -42.26 -30.60 30.65
CA LEU B 580 -41.19 -31.16 29.76
C LEU B 580 -40.11 -31.75 30.64
N LEU B 581 -39.36 -32.74 30.15
CA LEU B 581 -38.43 -33.57 30.98
C LEU B 581 -36.99 -33.45 30.46
N ILE B 582 -36.11 -32.80 31.21
CA ILE B 582 -34.65 -32.71 30.85
C ILE B 582 -33.97 -33.97 31.38
N TYR B 583 -33.42 -34.79 30.48
CA TYR B 583 -32.82 -36.12 30.81
C TYR B 583 -31.31 -35.92 31.04
N GLY B 584 -30.77 -36.51 32.12
CA GLY B 584 -29.34 -36.50 32.47
C GLY B 584 -29.09 -36.71 33.96
N LYS B 585 -27.88 -36.40 34.44
CA LYS B 585 -27.53 -36.48 35.88
C LYS B 585 -26.41 -35.48 36.19
N GLU B 586 -26.68 -34.53 37.09
CA GLU B 586 -25.69 -33.52 37.57
C GLU B 586 -24.63 -34.20 38.46
N PHE B 587 -23.35 -33.94 38.21
CA PHE B 587 -22.18 -34.44 38.99
C PHE B 587 -21.36 -33.24 39.46
N GLY B 588 -22.02 -32.33 40.19
CA GLY B 588 -21.45 -31.05 40.63
C GLY B 588 -21.48 -30.03 39.52
N ASN B 589 -20.30 -29.67 39.01
CA ASN B 589 -20.10 -28.68 37.91
C ASN B 589 -20.09 -29.35 36.52
N VAL B 590 -19.95 -30.67 36.42
CA VAL B 590 -20.21 -31.44 35.17
C VAL B 590 -21.67 -31.90 35.16
N PHE B 591 -22.40 -31.71 34.05
CA PHE B 591 -23.77 -32.24 33.81
C PHE B 591 -23.78 -33.14 32.58
N ILE B 592 -23.96 -34.45 32.74
CA ILE B 592 -24.06 -35.44 31.62
C ILE B 592 -25.52 -35.50 31.16
N GLY B 593 -25.80 -34.92 30.00
CA GLY B 593 -27.17 -34.82 29.44
C GLY B 593 -27.45 -35.89 28.39
N VAL B 594 -28.73 -36.09 28.09
CA VAL B 594 -29.18 -37.04 27.03
C VAL B 594 -30.35 -36.40 26.28
N GLN B 595 -30.25 -36.41 24.94
CA GLN B 595 -31.36 -36.13 24.02
C GLN B 595 -31.56 -37.33 23.12
N PRO B 596 -32.53 -38.22 23.46
CA PRO B 596 -32.68 -39.49 22.74
C PRO B 596 -33.21 -39.30 21.30
N THR B 597 -33.81 -38.13 21.03
CA THR B 597 -34.70 -37.88 19.86
C THR B 597 -34.65 -36.38 19.52
N PHE B 598 -35.00 -36.03 18.27
CA PHE B 598 -34.85 -34.69 17.63
C PHE B 598 -36.22 -34.11 17.27
N SER B 614 -39.27 -29.06 12.00
CA SER B 614 -38.88 -28.35 13.26
C SER B 614 -38.70 -29.35 14.41
N PRO B 615 -37.80 -29.09 15.39
CA PRO B 615 -37.63 -29.98 16.54
C PRO B 615 -38.77 -29.80 17.55
N HIS B 616 -39.18 -30.89 18.22
CA HIS B 616 -40.25 -30.88 19.27
C HIS B 616 -39.79 -30.06 20.49
N HIS B 617 -40.73 -29.74 21.39
CA HIS B 617 -40.51 -28.88 22.59
C HIS B 617 -39.41 -29.45 23.49
N GLY B 618 -39.40 -30.78 23.68
CA GLY B 618 -38.37 -31.51 24.44
C GLY B 618 -36.95 -31.19 23.99
N PHE B 619 -36.70 -31.13 22.67
CA PHE B 619 -35.35 -30.85 22.09
C PHE B 619 -34.93 -29.41 22.43
N ALA B 620 -35.85 -28.45 22.27
CA ALA B 620 -35.64 -27.03 22.62
C ALA B 620 -35.38 -26.91 24.13
N ALA B 621 -36.32 -27.40 24.93
CA ALA B 621 -36.28 -27.52 26.42
C ALA B 621 -34.91 -27.96 26.91
N TYR B 622 -34.27 -28.93 26.26
CA TYR B 622 -32.96 -29.44 26.72
C TYR B 622 -31.93 -28.32 26.63
N TYR B 623 -31.92 -27.59 25.51
CA TYR B 623 -30.86 -26.58 25.24
C TYR B 623 -31.22 -25.30 26.01
N THR B 624 -32.51 -25.10 26.33
CA THR B 624 -33.02 -24.05 27.27
C THR B 624 -32.50 -24.30 28.68
N TYR B 625 -32.47 -25.55 29.14
CA TYR B 625 -31.94 -25.95 30.47
C TYR B 625 -30.44 -25.62 30.54
N LEU B 626 -29.62 -26.18 29.63
CA LEU B 626 -28.15 -25.97 29.60
C LEU B 626 -27.81 -24.47 29.62
N ASN B 627 -28.60 -23.63 28.93
CA ASN B 627 -28.23 -22.22 28.60
C ASN B 627 -28.69 -21.22 29.67
N HIS B 628 -29.92 -21.37 30.15
CA HIS B 628 -30.64 -20.36 30.98
C HIS B 628 -30.84 -20.84 32.42
N ILE B 629 -30.75 -22.15 32.71
CA ILE B 629 -31.07 -22.74 34.05
C ILE B 629 -29.83 -23.39 34.67
N TRP B 630 -29.35 -24.50 34.12
CA TRP B 630 -28.05 -25.08 34.57
C TRP B 630 -26.92 -24.09 34.28
N LYS B 631 -27.09 -23.23 33.25
CA LYS B 631 -26.11 -22.16 32.87
C LYS B 631 -24.72 -22.79 32.71
N ALA B 632 -24.53 -23.61 31.68
CA ALA B 632 -23.20 -24.13 31.26
C ALA B 632 -22.30 -22.99 30.76
N ASP B 633 -20.98 -23.18 30.88
CA ASP B 633 -19.93 -22.25 30.38
C ASP B 633 -19.31 -22.84 29.12
N ALA B 634 -19.45 -24.15 28.94
CA ALA B 634 -19.10 -24.91 27.71
C ALA B 634 -20.02 -26.12 27.59
N VAL B 635 -20.29 -26.55 26.36
CA VAL B 635 -20.98 -27.85 26.08
C VAL B 635 -20.07 -28.63 25.15
N LEU B 636 -19.97 -29.94 25.41
CA LEU B 636 -19.14 -30.91 24.64
C LEU B 636 -20.08 -31.95 24.03
N HIS B 637 -20.13 -32.00 22.70
CA HIS B 637 -20.86 -33.04 21.93
C HIS B 637 -19.89 -34.08 21.38
N PHE B 638 -20.40 -35.26 21.06
CA PHE B 638 -19.67 -36.26 20.23
C PHE B 638 -20.27 -36.23 18.82
N GLY B 639 -19.43 -36.32 17.77
CA GLY B 639 -19.86 -36.41 16.37
C GLY B 639 -20.41 -37.80 16.01
N THR B 640 -21.70 -38.05 16.31
CA THR B 640 -22.42 -39.33 16.04
C THR B 640 -23.84 -39.07 15.53
N GLU B 645 -28.01 -34.25 12.12
CA GLU B 645 -27.90 -33.55 13.43
C GLU B 645 -28.63 -32.20 13.38
N PHE B 646 -28.31 -31.37 12.37
CA PHE B 646 -28.89 -30.02 12.08
C PHE B 646 -29.83 -30.16 10.87
N GLY B 665 -26.74 -22.20 21.82
CA GLY B 665 -26.94 -20.75 21.96
C GLY B 665 -25.64 -19.96 21.77
N THR B 666 -25.15 -19.28 22.81
CA THR B 666 -23.94 -18.40 22.77
C THR B 666 -22.73 -19.11 23.38
N ILE B 667 -22.95 -20.09 24.24
CA ILE B 667 -21.85 -20.74 25.00
C ILE B 667 -20.95 -21.47 23.99
N PRO B 668 -19.63 -21.55 24.25
CA PRO B 668 -18.72 -22.33 23.44
C PRO B 668 -19.24 -23.75 23.23
N ASN B 669 -19.01 -24.28 22.02
CA ASN B 669 -19.59 -25.55 21.54
C ASN B 669 -18.45 -26.45 21.08
N LEU B 670 -18.08 -27.46 21.86
CA LEU B 670 -16.94 -28.34 21.53
C LEU B 670 -17.47 -29.69 21.01
N TYR B 671 -16.92 -30.18 19.90
CA TYR B 671 -17.16 -31.54 19.41
C TYR B 671 -15.86 -32.32 19.48
N TYR B 672 -15.95 -33.54 20.01
CA TYR B 672 -14.99 -34.63 19.74
C TYR B 672 -15.44 -35.33 18.45
N TYR B 673 -14.68 -35.18 17.37
CA TYR B 673 -15.00 -35.72 16.02
C TYR B 673 -13.86 -36.62 15.59
N ALA B 674 -14.19 -37.77 14.99
CA ALA B 674 -13.20 -38.68 14.35
C ALA B 674 -12.26 -37.85 13.45
N ALA B 675 -10.97 -38.12 13.56
CA ALA B 675 -9.90 -37.54 12.72
C ALA B 675 -10.15 -37.88 11.24
N ASN B 676 -10.82 -39.01 10.99
CA ASN B 676 -11.12 -39.55 9.64
C ASN B 676 -12.41 -38.94 9.05
N ASN B 677 -13.03 -37.95 9.69
CA ASN B 677 -14.27 -37.29 9.21
C ASN B 677 -14.08 -35.76 9.18
N PRO B 678 -13.14 -35.23 8.37
CA PRO B 678 -13.06 -33.79 8.11
C PRO B 678 -14.36 -33.13 7.60
N SER B 679 -15.02 -33.75 6.61
CA SER B 679 -16.21 -33.17 5.92
C SER B 679 -17.33 -32.84 6.91
N GLU B 680 -17.70 -33.77 7.78
CA GLU B 680 -18.82 -33.54 8.74
C GLU B 680 -18.33 -32.58 9.84
N ALA B 681 -17.07 -32.71 10.22
CA ALA B 681 -16.40 -31.82 11.20
C ALA B 681 -16.53 -30.41 10.66
N THR B 682 -16.29 -30.24 9.34
CA THR B 682 -16.34 -28.91 8.68
C THR B 682 -17.78 -28.41 8.73
N ILE B 683 -18.77 -29.28 8.52
CA ILE B 683 -20.20 -28.86 8.52
C ILE B 683 -20.56 -28.35 9.92
N ALA B 684 -20.07 -29.00 10.96
CA ALA B 684 -20.25 -28.59 12.37
C ALA B 684 -19.61 -27.21 12.63
N LYS B 685 -18.37 -26.96 12.15
CA LYS B 685 -17.71 -25.64 12.31
C LYS B 685 -18.63 -24.55 11.75
N ARG B 686 -19.36 -24.83 10.68
CA ARG B 686 -20.18 -23.83 9.95
C ARG B 686 -21.65 -23.80 10.38
N ARG B 687 -22.17 -24.84 11.05
CA ARG B 687 -23.63 -24.97 11.30
C ARG B 687 -23.91 -24.81 12.79
N GLY B 688 -23.01 -25.27 13.65
CA GLY B 688 -23.12 -25.14 15.13
C GLY B 688 -21.90 -24.52 15.75
N TYR B 689 -21.39 -23.45 15.14
CA TYR B 689 -20.46 -22.49 15.80
C TYR B 689 -19.31 -23.26 16.44
N ALA B 690 -18.94 -24.41 15.88
CA ALA B 690 -18.22 -25.49 16.59
C ALA B 690 -16.71 -25.32 16.50
N SER B 691 -16.04 -25.99 17.46
CA SER B 691 -14.59 -26.28 17.52
C SER B 691 -14.43 -27.80 17.64
N THR B 692 -13.72 -28.40 16.70
CA THR B 692 -13.83 -29.85 16.38
C THR B 692 -12.54 -30.58 16.75
N ILE B 693 -12.42 -31.01 18.00
CA ILE B 693 -11.21 -31.72 18.51
C ILE B 693 -11.28 -33.18 18.05
N SER B 694 -10.16 -33.70 17.55
CA SER B 694 -10.07 -34.98 16.82
C SER B 694 -9.64 -36.10 17.78
N TYR B 695 -10.27 -37.27 17.63
CA TYR B 695 -9.92 -38.54 18.31
C TYR B 695 -9.64 -39.60 17.23
N LEU B 696 -8.77 -40.56 17.55
CA LEU B 696 -8.30 -41.60 16.59
C LEU B 696 -9.35 -42.71 16.54
N THR B 697 -9.63 -43.28 15.35
CA THR B 697 -10.48 -44.50 15.24
C THR B 697 -9.64 -45.68 15.72
N PRO B 698 -10.28 -46.68 16.35
CA PRO B 698 -9.56 -47.83 16.89
C PRO B 698 -8.44 -48.35 15.98
N PRO B 699 -7.32 -48.80 16.58
CA PRO B 699 -6.14 -49.20 15.82
C PRO B 699 -6.51 -50.40 14.95
N ALA B 700 -6.52 -50.22 13.63
CA ALA B 700 -7.08 -51.22 12.70
C ALA B 700 -6.36 -52.56 12.87
N GLU B 701 -7.08 -53.66 12.69
CA GLU B 701 -6.53 -55.04 12.65
C GLU B 701 -6.80 -55.59 11.25
N ASN B 702 -5.97 -56.52 10.79
CA ASN B 702 -6.24 -57.37 9.59
C ASN B 702 -7.48 -58.22 9.91
N ALA B 703 -8.46 -58.29 9.00
CA ALA B 703 -9.79 -58.88 9.29
C ALA B 703 -9.60 -60.35 9.68
N GLY B 704 -8.66 -61.01 9.01
CA GLY B 704 -8.33 -62.43 9.24
C GLY B 704 -9.31 -63.39 8.58
N LEU B 705 -8.98 -64.68 8.63
CA LEU B 705 -9.85 -65.77 8.11
C LEU B 705 -10.45 -66.55 9.28
N TYR B 706 -11.55 -67.25 9.03
CA TYR B 706 -12.37 -67.94 10.05
C TYR B 706 -13.22 -69.03 9.38
N LYS B 707 -13.63 -70.06 10.15
CA LYS B 707 -14.59 -71.12 9.71
C LYS B 707 -14.25 -71.59 8.28
N GLY B 708 -15.23 -71.64 7.37
CA GLY B 708 -15.09 -72.11 5.97
C GLY B 708 -13.96 -71.46 5.21
N LEU B 709 -13.68 -70.17 5.48
CA LEU B 709 -12.64 -69.40 4.74
C LEU B 709 -11.24 -69.79 5.24
N GLN B 710 -11.08 -70.07 6.54
CA GLN B 710 -9.80 -70.60 7.11
C GLN B 710 -9.57 -71.98 6.48
N GLU B 711 -10.58 -72.88 6.53
CA GLU B 711 -10.55 -74.25 5.94
C GLU B 711 -10.01 -74.20 4.51
N LEU B 712 -10.52 -73.26 3.70
CA LEU B 712 -10.15 -73.11 2.27
C LEU B 712 -8.69 -72.63 2.15
N ASN B 713 -8.26 -71.71 3.02
CA ASN B 713 -6.87 -71.18 3.03
C ASN B 713 -5.93 -72.36 3.26
N GLU B 714 -6.37 -73.32 4.08
CA GLU B 714 -5.66 -74.58 4.39
C GLU B 714 -5.60 -75.44 3.12
N LEU B 715 -6.76 -75.85 2.55
CA LEU B 715 -6.81 -76.63 1.29
C LEU B 715 -5.80 -76.05 0.29
N ILE B 716 -5.79 -74.71 0.12
CA ILE B 716 -4.97 -74.00 -0.91
C ILE B 716 -3.49 -74.09 -0.52
N GLY B 717 -3.17 -73.92 0.76
CA GLY B 717 -1.81 -74.01 1.31
C GLY B 717 -1.19 -75.37 1.02
N SER B 718 -2.04 -76.39 0.84
CA SER B 718 -1.68 -77.81 0.58
C SER B 718 -1.55 -78.11 -0.93
N TYR B 719 -1.90 -77.18 -1.82
CA TYR B 719 -1.94 -77.39 -3.29
C TYR B 719 -0.51 -77.36 -3.88
N GLN B 720 0.39 -76.53 -3.34
CA GLN B 720 1.79 -76.40 -3.85
C GLN B 720 2.59 -77.65 -3.47
N THR B 721 2.25 -78.28 -2.34
CA THR B 721 2.92 -79.50 -1.82
C THR B 721 2.40 -80.74 -2.58
N LEU B 722 1.09 -80.82 -2.87
CA LEU B 722 0.44 -81.99 -3.55
C LEU B 722 0.72 -81.98 -5.06
N LYS B 723 1.36 -80.93 -5.59
CA LYS B 723 1.86 -80.91 -6.98
C LYS B 723 3.23 -81.61 -7.03
N ASP B 724 4.03 -81.44 -5.97
CA ASP B 724 5.34 -82.11 -5.75
C ASP B 724 5.15 -83.64 -5.68
N SER B 725 3.96 -84.11 -5.27
CA SER B 725 3.57 -85.55 -5.20
C SER B 725 2.84 -85.99 -6.50
N GLY B 726 2.73 -85.10 -7.49
CA GLY B 726 2.07 -85.38 -8.79
C GLY B 726 0.61 -85.79 -8.65
N ARG B 727 -0.03 -85.45 -7.53
CA ARG B 727 -1.46 -85.75 -7.24
C ARG B 727 -2.33 -84.53 -7.55
N GLY B 728 -1.71 -83.36 -7.76
CA GLY B 728 -2.36 -82.04 -7.77
C GLY B 728 -3.47 -81.92 -8.80
N ILE B 729 -4.54 -82.70 -8.67
CA ILE B 729 -5.77 -82.59 -9.51
C ILE B 729 -6.97 -82.54 -8.56
N GLN B 730 -7.21 -83.63 -7.83
CA GLN B 730 -8.44 -83.85 -7.01
C GLN B 730 -8.59 -82.74 -5.95
N ILE B 731 -7.47 -82.17 -5.48
CA ILE B 731 -7.46 -81.06 -4.49
C ILE B 731 -8.21 -79.85 -5.08
N VAL B 732 -7.96 -79.51 -6.35
CA VAL B 732 -8.60 -78.35 -7.04
C VAL B 732 -10.12 -78.55 -7.08
N ASN B 733 -10.59 -79.78 -7.30
CA ASN B 733 -12.02 -80.16 -7.20
C ASN B 733 -12.56 -79.85 -5.80
N THR B 734 -11.78 -80.18 -4.76
CA THR B 734 -12.12 -79.96 -3.32
C THR B 734 -12.07 -78.45 -3.02
N ILE B 735 -11.02 -77.76 -3.50
CA ILE B 735 -10.83 -76.28 -3.40
C ILE B 735 -12.08 -75.59 -3.97
N MET B 736 -12.53 -76.00 -5.17
CA MET B 736 -13.66 -75.37 -5.89
C MET B 736 -14.95 -75.59 -5.09
N ASP B 737 -15.06 -76.73 -4.40
CA ASP B 737 -16.28 -77.14 -3.65
C ASP B 737 -16.40 -76.28 -2.39
N GLN B 738 -15.28 -76.10 -1.66
CA GLN B 738 -15.24 -75.32 -0.40
C GLN B 738 -15.44 -73.84 -0.75
N ALA B 739 -14.77 -73.36 -1.79
CA ALA B 739 -14.98 -72.02 -2.40
C ALA B 739 -16.48 -71.83 -2.66
N ARG B 740 -17.18 -72.89 -3.10
CA ARG B 740 -18.63 -72.80 -3.43
C ARG B 740 -19.46 -72.70 -2.14
N ILE B 741 -19.00 -73.28 -1.03
CA ILE B 741 -19.76 -73.32 0.26
C ILE B 741 -19.67 -71.93 0.91
N CYS B 742 -18.51 -71.28 0.75
CA CYS B 742 -18.21 -69.90 1.24
C CYS B 742 -18.93 -68.84 0.39
N ASN B 743 -19.55 -69.24 -0.71
CA ASN B 743 -20.30 -68.38 -1.66
C ASN B 743 -19.31 -67.51 -2.44
N LEU B 744 -18.03 -67.91 -2.49
CA LEU B 744 -16.98 -67.22 -3.30
C LEU B 744 -17.23 -67.48 -4.79
N ASP B 745 -18.19 -68.32 -5.15
CA ASP B 745 -18.61 -68.59 -6.55
C ASP B 745 -19.17 -67.29 -7.18
N GLN B 746 -19.66 -66.35 -6.38
CA GLN B 746 -20.23 -65.05 -6.87
C GLN B 746 -19.12 -64.02 -7.19
N ASP B 747 -17.90 -64.24 -6.71
CA ASP B 747 -16.76 -63.27 -6.77
C ASP B 747 -15.65 -63.81 -7.69
N VAL B 748 -15.53 -65.13 -7.81
CA VAL B 748 -14.68 -65.84 -8.81
C VAL B 748 -15.61 -66.63 -9.73
N ASN B 749 -15.37 -66.58 -11.04
CA ASN B 749 -16.03 -67.47 -12.04
C ASN B 749 -15.51 -68.90 -11.81
N LEU B 750 -16.35 -69.77 -11.23
CA LEU B 750 -15.96 -71.16 -10.83
C LEU B 750 -16.68 -72.17 -11.72
N PRO B 751 -16.30 -72.28 -13.01
CA PRO B 751 -17.09 -73.02 -14.00
C PRO B 751 -17.32 -74.47 -13.54
N ASP B 752 -18.50 -75.02 -13.84
CA ASP B 752 -18.87 -76.40 -13.44
C ASP B 752 -18.13 -77.40 -14.34
N ILE B 753 -16.85 -77.64 -14.04
CA ILE B 753 -15.91 -78.47 -14.85
C ILE B 753 -14.92 -79.11 -13.87
N ASN B 754 -14.89 -80.45 -13.79
CA ASN B 754 -13.92 -81.21 -12.96
C ASN B 754 -12.49 -80.83 -13.38
N ALA B 755 -11.56 -80.84 -12.41
CA ALA B 755 -10.16 -80.37 -12.54
C ALA B 755 -9.43 -81.21 -13.60
N GLU B 756 -9.53 -82.52 -13.49
CA GLU B 756 -9.02 -83.56 -14.44
C GLU B 756 -9.29 -83.16 -15.91
N GLU B 757 -10.38 -82.45 -16.19
CA GLU B 757 -10.82 -82.07 -17.57
C GLU B 757 -10.31 -80.65 -17.92
N MET B 758 -9.37 -80.12 -17.11
CA MET B 758 -8.71 -78.80 -17.28
C MET B 758 -7.19 -79.02 -17.42
N ASP B 759 -6.50 -78.20 -18.23
CA ASP B 759 -5.02 -78.25 -18.40
C ASP B 759 -4.34 -77.74 -17.11
N GLN B 760 -3.01 -77.69 -17.10
CA GLN B 760 -2.19 -77.17 -15.96
C GLN B 760 -2.52 -75.69 -15.75
N GLY B 761 -2.33 -74.88 -16.79
CA GLY B 761 -2.51 -73.41 -16.79
C GLY B 761 -3.73 -72.98 -16.00
N GLN B 762 -4.91 -73.53 -16.33
CA GLN B 762 -6.21 -72.99 -15.87
C GLN B 762 -6.65 -73.65 -14.57
N ARG B 763 -5.94 -74.68 -14.08
CA ARG B 763 -6.13 -75.20 -12.71
C ARG B 763 -5.46 -74.23 -11.73
N ASP B 764 -4.21 -73.86 -12.02
CA ASP B 764 -3.43 -72.82 -11.30
C ASP B 764 -4.26 -71.53 -11.17
N THR B 765 -4.79 -71.07 -12.31
CA THR B 765 -5.61 -69.84 -12.47
C THR B 765 -6.91 -69.94 -11.66
N ILE B 766 -7.48 -71.13 -11.49
CA ILE B 766 -8.69 -71.31 -10.64
C ILE B 766 -8.29 -71.09 -9.18
N VAL B 767 -7.13 -71.62 -8.77
CA VAL B 767 -6.61 -71.44 -7.38
C VAL B 767 -6.25 -69.98 -7.17
N GLY B 768 -5.24 -69.47 -7.91
CA GLY B 768 -4.86 -68.05 -7.92
C GLY B 768 -6.06 -67.11 -7.77
N SER B 769 -7.14 -67.37 -8.50
CA SER B 769 -8.42 -66.60 -8.46
C SER B 769 -9.02 -66.64 -7.05
N VAL B 770 -9.25 -67.84 -6.52
CA VAL B 770 -9.89 -68.04 -5.19
C VAL B 770 -8.97 -67.48 -4.10
N TYR B 771 -7.66 -67.60 -4.27
CA TYR B 771 -6.67 -67.29 -3.21
C TYR B 771 -6.54 -65.76 -3.07
N ARG B 772 -6.60 -65.02 -4.18
CA ARG B 772 -6.45 -63.54 -4.16
C ARG B 772 -7.67 -62.92 -3.45
N LYS B 773 -8.86 -63.52 -3.61
CA LYS B 773 -10.11 -63.05 -2.95
C LYS B 773 -10.10 -63.44 -1.47
N LEU B 774 -9.51 -64.58 -1.12
CA LEU B 774 -9.26 -64.95 0.31
C LEU B 774 -8.30 -63.94 0.93
N MET B 775 -7.28 -63.52 0.17
CA MET B 775 -6.20 -62.62 0.68
C MET B 775 -6.75 -61.20 0.89
N GLU B 776 -7.60 -60.73 -0.03
CA GLU B 776 -8.42 -59.48 0.08
C GLU B 776 -9.16 -59.49 1.41
N ILE B 777 -9.85 -60.58 1.73
CA ILE B 777 -10.62 -60.74 3.00
C ILE B 777 -9.63 -60.68 4.18
N GLU B 778 -8.58 -61.49 4.14
CA GLU B 778 -7.61 -61.65 5.28
C GLU B 778 -6.94 -60.30 5.59
N SER B 779 -6.40 -59.63 4.56
CA SER B 779 -5.56 -58.40 4.67
C SER B 779 -6.38 -57.11 4.73
N ARG B 780 -7.72 -57.16 4.64
CA ARG B 780 -8.49 -55.90 4.77
C ARG B 780 -8.15 -55.34 6.15
N LEU B 781 -7.79 -54.05 6.21
CA LEU B 781 -7.42 -53.34 7.46
C LEU B 781 -8.59 -52.48 7.94
N LEU B 782 -9.25 -52.90 9.02
CA LEU B 782 -10.41 -52.17 9.58
C LEU B 782 -10.32 -52.19 11.10
N PRO B 783 -10.95 -51.22 11.80
CA PRO B 783 -11.14 -51.32 13.24
C PRO B 783 -12.13 -52.41 13.64
N CYS B 784 -11.82 -53.16 14.71
CA CYS B 784 -12.66 -54.27 15.27
C CYS B 784 -13.03 -53.95 16.72
N GLY B 785 -13.29 -52.68 17.03
CA GLY B 785 -13.73 -52.22 18.36
C GLY B 785 -13.95 -50.72 18.40
N LEU B 786 -14.19 -50.18 19.59
CA LEU B 786 -14.53 -48.75 19.83
C LEU B 786 -13.39 -48.06 20.57
N HIS B 787 -13.29 -46.75 20.37
CA HIS B 787 -12.26 -45.87 20.98
C HIS B 787 -12.85 -45.22 22.24
N VAL B 788 -12.05 -45.23 23.29
CA VAL B 788 -12.24 -44.38 24.50
C VAL B 788 -11.31 -43.20 24.31
N ILE B 789 -11.84 -41.98 24.46
CA ILE B 789 -11.04 -40.73 24.37
C ILE B 789 -9.96 -40.76 25.46
N GLY B 790 -8.70 -40.58 25.07
CA GLY B 790 -7.58 -40.51 26.02
C GLY B 790 -6.86 -41.84 26.15
N GLN B 791 -7.41 -42.93 25.63
CA GLN B 791 -6.81 -44.30 25.69
C GLN B 791 -6.26 -44.68 24.32
N PRO B 792 -5.02 -44.23 23.98
CA PRO B 792 -4.41 -44.48 22.67
C PRO B 792 -3.86 -45.89 22.48
N PRO B 793 -3.59 -46.28 21.23
CA PRO B 793 -3.14 -47.64 20.96
C PRO B 793 -1.70 -47.84 21.44
N SER B 794 -1.45 -48.99 22.06
CA SER B 794 -0.10 -49.53 22.40
C SER B 794 0.68 -49.73 21.10
N ALA B 795 2.01 -49.80 21.18
CA ALA B 795 2.92 -49.93 20.02
C ALA B 795 2.56 -51.19 19.22
N GLU B 796 2.13 -52.26 19.90
CA GLU B 796 1.75 -53.55 19.25
C GLU B 796 0.53 -53.34 18.38
N GLU B 797 -0.56 -52.80 18.95
CA GLU B 797 -1.84 -52.61 18.22
C GLU B 797 -1.65 -51.54 17.13
N ALA B 798 -0.46 -50.94 16.98
CA ALA B 798 -0.18 -49.92 15.95
C ALA B 798 0.55 -50.54 14.74
N ILE B 799 0.95 -51.82 14.81
CA ILE B 799 1.82 -52.45 13.77
C ILE B 799 1.06 -52.53 12.45
N ALA B 800 -0.17 -53.06 12.46
CA ALA B 800 -1.01 -53.25 11.26
C ALA B 800 -1.15 -51.89 10.54
N THR B 801 -1.55 -50.86 11.29
CA THR B 801 -1.67 -49.47 10.77
C THR B 801 -0.37 -49.10 10.04
N LEU B 802 0.77 -49.32 10.70
CA LEU B 802 2.13 -49.00 10.18
C LEU B 802 2.44 -49.79 8.90
N VAL B 803 2.03 -51.06 8.83
CA VAL B 803 2.21 -51.97 7.65
C VAL B 803 1.70 -51.25 6.39
N ASN B 804 0.48 -50.70 6.45
CA ASN B 804 -0.17 -50.06 5.28
C ASN B 804 0.41 -48.66 5.08
N ILE B 805 0.81 -47.97 6.17
CA ILE B 805 1.54 -46.67 6.07
C ILE B 805 2.82 -46.92 5.27
N ALA B 806 3.44 -48.08 5.52
CA ALA B 806 4.72 -48.49 4.92
C ALA B 806 4.51 -48.89 3.46
N SER B 807 3.27 -49.15 3.05
CA SER B 807 2.91 -49.76 1.73
C SER B 807 2.51 -48.73 0.66
N LEU B 808 2.89 -47.45 0.82
CA LEU B 808 2.52 -46.32 -0.08
C LEU B 808 3.76 -45.48 -0.47
N ASP B 809 4.02 -45.32 -1.77
CA ASP B 809 5.11 -44.45 -2.25
C ASP B 809 4.79 -43.00 -1.86
N ARG B 810 5.77 -42.24 -1.34
CA ARG B 810 5.62 -40.81 -0.93
C ARG B 810 6.71 -39.92 -1.56
N GLU B 811 6.40 -39.27 -2.69
CA GLU B 811 7.30 -38.30 -3.39
C GLU B 811 7.57 -37.09 -2.48
N ASP B 812 6.54 -36.63 -1.76
CA ASP B 812 6.61 -35.39 -0.92
C ASP B 812 7.33 -35.71 0.41
N GLU B 813 7.59 -36.99 0.71
CA GLU B 813 8.44 -37.41 1.86
C GLU B 813 9.73 -38.06 1.31
N GLY B 814 9.92 -38.03 -0.01
CA GLY B 814 11.06 -38.63 -0.74
C GLY B 814 11.36 -40.07 -0.34
N ILE B 815 10.34 -40.89 -0.06
CA ILE B 815 10.52 -42.32 0.30
C ILE B 815 9.57 -43.20 -0.53
N TRP B 816 9.96 -44.44 -0.71
CA TRP B 816 9.21 -45.46 -1.49
C TRP B 816 8.57 -46.45 -0.50
N ALA B 817 7.49 -47.09 -0.91
CA ALA B 817 6.79 -48.14 -0.14
C ALA B 817 7.72 -49.34 0.01
N LEU B 818 7.86 -49.86 1.23
CA LEU B 818 8.66 -51.08 1.52
C LEU B 818 8.37 -52.15 0.47
N PRO B 819 7.10 -52.50 0.15
CA PRO B 819 6.81 -53.46 -0.92
C PRO B 819 7.45 -53.12 -2.28
N THR B 820 7.58 -51.84 -2.64
CA THR B 820 8.21 -51.43 -3.94
C THR B 820 9.68 -51.87 -3.91
N LEU B 821 10.36 -51.65 -2.78
CA LEU B 821 11.82 -51.95 -2.62
C LEU B 821 12.04 -53.45 -2.68
N ILE B 822 11.20 -54.23 -1.99
CA ILE B 822 11.22 -55.73 -1.94
C ILE B 822 11.05 -56.29 -3.37
N ALA B 823 10.13 -55.73 -4.14
CA ALA B 823 9.87 -56.13 -5.54
C ALA B 823 11.03 -55.68 -6.43
N GLU B 824 11.59 -54.49 -6.17
CA GLU B 824 12.71 -53.92 -6.97
C GLU B 824 13.93 -54.85 -6.83
N SER B 825 14.11 -55.46 -5.64
CA SER B 825 15.24 -56.36 -5.26
C SER B 825 15.25 -57.63 -6.12
N ILE B 826 14.13 -57.95 -6.78
CA ILE B 826 13.95 -59.13 -7.67
C ILE B 826 13.80 -58.66 -9.12
N GLY B 827 14.15 -57.40 -9.41
CA GLY B 827 13.84 -56.74 -10.69
C GLY B 827 12.38 -56.97 -11.06
N ARG B 828 11.48 -56.43 -10.24
CA ARG B 828 10.00 -56.61 -10.37
C ARG B 828 9.32 -55.25 -10.10
N ASN B 829 8.40 -54.86 -10.98
CA ASN B 829 7.52 -53.67 -10.82
C ASN B 829 6.28 -54.12 -10.03
N MET B 830 6.00 -53.50 -8.88
CA MET B 830 4.92 -53.92 -7.94
C MET B 830 3.54 -53.67 -8.58
N GLU B 831 3.45 -52.81 -9.60
CA GLU B 831 2.19 -52.54 -10.37
C GLU B 831 1.86 -53.77 -11.22
N GLU B 832 2.86 -54.36 -11.85
CA GLU B 832 2.75 -55.58 -12.70
C GLU B 832 2.25 -56.76 -11.85
N ILE B 833 2.72 -56.88 -10.61
CA ILE B 833 2.37 -57.96 -9.64
C ILE B 833 0.89 -57.84 -9.25
N TYR B 834 0.45 -56.61 -8.92
CA TYR B 834 -0.94 -56.30 -8.49
C TYR B 834 -1.89 -56.74 -9.60
N ARG B 835 -1.59 -56.34 -10.84
CA ARG B 835 -2.42 -56.59 -12.05
C ARG B 835 -2.38 -58.09 -12.40
N ASN B 836 -1.28 -58.79 -12.11
CA ASN B 836 -1.14 -60.24 -12.36
C ASN B 836 -1.86 -61.01 -11.25
N SER B 837 -1.79 -60.51 -10.01
CA SER B 837 -2.61 -60.99 -8.86
C SER B 837 -4.11 -60.82 -9.17
N ASP B 838 -4.47 -59.77 -9.91
CA ASP B 838 -5.90 -59.47 -10.19
C ASP B 838 -6.37 -60.54 -11.19
N LYS B 839 -5.49 -60.96 -12.09
CA LYS B 839 -5.80 -61.94 -13.17
C LYS B 839 -5.93 -63.36 -12.61
N GLY B 840 -5.39 -63.62 -11.41
CA GLY B 840 -5.46 -64.95 -10.77
C GLY B 840 -4.34 -65.86 -11.25
N ILE B 841 -3.27 -65.27 -11.80
CA ILE B 841 -1.97 -65.96 -12.07
C ILE B 841 -1.41 -66.41 -10.70
N LEU B 842 -1.44 -67.71 -10.41
CA LEU B 842 -1.08 -68.31 -9.10
C LEU B 842 0.28 -67.80 -8.61
N ALA B 843 1.29 -67.81 -9.48
CA ALA B 843 2.69 -67.45 -9.17
C ALA B 843 2.75 -66.04 -8.55
N ASP B 844 1.98 -65.10 -9.11
CA ASP B 844 2.03 -63.68 -8.72
C ASP B 844 1.12 -63.43 -7.50
N VAL B 845 0.15 -64.33 -7.23
CA VAL B 845 -0.70 -64.24 -6.01
C VAL B 845 0.15 -64.63 -4.79
N GLU B 846 0.92 -65.71 -4.93
CA GLU B 846 1.86 -66.23 -3.88
C GLU B 846 2.98 -65.20 -3.67
N LEU B 847 3.57 -64.67 -4.74
CA LEU B 847 4.66 -63.65 -4.67
C LEU B 847 4.14 -62.47 -3.84
N LEU B 848 2.92 -61.99 -4.15
CA LEU B 848 2.29 -60.83 -3.47
C LEU B 848 2.09 -61.14 -1.98
N GLN B 849 1.44 -62.27 -1.67
CA GLN B 849 1.20 -62.70 -0.27
C GLN B 849 2.56 -62.85 0.44
N ASP B 850 3.58 -63.34 -0.26
CA ASP B 850 4.94 -63.49 0.32
C ASP B 850 5.46 -62.10 0.70
N ILE B 851 5.47 -61.17 -0.26
CA ILE B 851 5.99 -59.77 -0.10
C ILE B 851 5.25 -59.07 1.05
N THR B 852 3.94 -59.27 1.12
CA THR B 852 3.04 -58.76 2.20
C THR B 852 3.55 -59.27 3.56
N LEU B 853 3.73 -60.59 3.70
CA LEU B 853 4.21 -61.26 4.95
C LEU B 853 5.59 -60.71 5.34
N ALA B 854 6.48 -60.55 4.35
CA ALA B 854 7.80 -59.88 4.44
C ALA B 854 7.63 -58.48 5.05
N THR B 855 6.77 -57.66 4.45
CA THR B 855 6.51 -56.25 4.87
C THR B 855 5.95 -56.25 6.30
N ARG B 856 5.05 -57.18 6.64
CA ARG B 856 4.41 -57.25 7.98
C ARG B 856 5.48 -57.52 9.05
N ALA B 857 6.44 -58.40 8.76
CA ALA B 857 7.51 -58.81 9.69
C ALA B 857 8.51 -57.68 9.88
N ALA B 858 9.04 -57.13 8.78
CA ALA B 858 10.02 -56.02 8.79
C ALA B 858 9.52 -54.94 9.75
N VAL B 859 8.28 -54.50 9.56
CA VAL B 859 7.66 -53.40 10.34
C VAL B 859 7.46 -53.86 11.80
N ALA B 860 7.11 -55.13 12.01
CA ALA B 860 6.94 -55.73 13.37
C ALA B 860 8.29 -55.81 14.11
N ALA B 861 9.40 -56.00 13.38
CA ALA B 861 10.77 -56.00 13.92
C ALA B 861 11.11 -54.62 14.51
N LEU B 862 10.89 -53.56 13.73
CA LEU B 862 11.11 -52.14 14.13
C LEU B 862 10.32 -51.80 15.39
N VAL B 863 9.04 -52.22 15.47
CA VAL B 863 8.16 -51.89 16.62
C VAL B 863 8.64 -52.69 17.83
N GLN B 864 9.02 -53.97 17.64
CA GLN B 864 9.49 -54.87 18.73
C GLN B 864 10.86 -54.38 19.25
N GLU B 865 11.74 -53.93 18.35
CA GLU B 865 13.05 -53.32 18.69
C GLU B 865 12.84 -52.10 19.60
N GLN B 866 11.90 -51.22 19.26
CA GLN B 866 11.69 -49.92 19.95
C GLN B 866 10.90 -50.12 21.25
N ILE B 867 10.26 -51.27 21.45
CA ILE B 867 9.56 -51.57 22.75
C ILE B 867 10.65 -51.74 23.84
N ASN B 868 11.72 -52.49 23.53
CA ASN B 868 12.74 -52.92 24.53
C ASN B 868 13.98 -51.98 24.50
N ALA B 869 14.06 -51.04 23.55
CA ALA B 869 14.94 -49.85 23.67
C ALA B 869 14.43 -48.99 24.83
N ASP B 870 13.12 -49.07 25.11
CA ASP B 870 12.42 -48.52 26.30
C ASP B 870 12.76 -47.04 26.51
N GLY B 871 12.71 -46.24 25.42
CA GLY B 871 12.75 -44.76 25.45
C GLY B 871 14.12 -44.19 25.80
N ARG B 872 15.17 -45.02 25.80
CA ARG B 872 16.57 -44.62 26.16
C ARG B 872 17.22 -43.92 24.97
N VAL B 873 16.93 -44.37 23.74
CA VAL B 873 17.31 -43.69 22.45
C VAL B 873 16.10 -42.89 21.96
N SER B 874 16.33 -41.71 21.37
CA SER B 874 15.27 -40.81 20.87
C SER B 874 14.67 -41.37 19.57
N PHE B 875 15.50 -41.98 18.70
CA PHE B 875 15.06 -42.63 17.43
C PHE B 875 15.88 -43.91 17.18
N VAL B 876 15.25 -45.07 17.42
CA VAL B 876 15.84 -46.44 17.28
C VAL B 876 16.17 -46.75 15.82
N SER B 877 15.70 -45.92 14.87
CA SER B 877 15.86 -46.15 13.41
C SER B 877 17.21 -45.61 12.92
N LYS B 878 17.97 -44.93 13.78
CA LYS B 878 19.17 -44.13 13.42
C LYS B 878 20.42 -44.63 14.15
N LEU B 879 20.41 -45.87 14.69
CA LEU B 879 21.60 -46.52 15.30
C LEU B 879 22.42 -47.19 14.19
N ALA B 888 20.70 -54.03 11.46
CA ALA B 888 19.49 -53.66 12.23
C ALA B 888 18.36 -54.66 11.97
N PRO B 889 17.44 -54.89 12.93
CA PRO B 889 16.58 -56.08 12.94
C PRO B 889 15.57 -56.22 11.78
N TRP B 890 15.37 -55.13 11.01
CA TRP B 890 14.43 -55.08 9.85
C TRP B 890 15.16 -55.38 8.54
N VAL B 891 16.50 -55.30 8.51
CA VAL B 891 17.31 -55.87 7.39
C VAL B 891 17.46 -57.38 7.63
N LYS B 892 17.45 -57.80 8.91
CA LYS B 892 17.39 -59.23 9.32
C LYS B 892 16.09 -59.84 8.79
N SER B 893 14.96 -59.29 9.23
CA SER B 893 13.59 -59.82 9.00
C SER B 893 13.15 -59.55 7.57
N LEU B 894 14.06 -58.99 6.74
CA LEU B 894 13.93 -58.97 5.25
C LEU B 894 14.74 -60.13 4.67
N CYS B 895 15.92 -60.41 5.23
CA CYS B 895 16.82 -61.52 4.78
C CYS B 895 16.19 -62.86 5.21
N ASP B 896 15.80 -63.00 6.49
CA ASP B 896 15.03 -64.18 7.00
C ASP B 896 13.82 -64.48 6.10
N SER B 897 13.17 -63.44 5.56
CA SER B 897 11.97 -63.55 4.67
C SER B 897 12.39 -64.03 3.28
N GLY B 898 13.62 -63.68 2.85
CA GLY B 898 14.27 -64.18 1.63
C GLY B 898 14.43 -63.11 0.57
N TYR B 899 14.73 -61.87 0.99
CA TYR B 899 14.92 -60.68 0.12
C TYR B 899 16.14 -59.95 0.68
N PRO B 900 17.37 -60.39 0.34
CA PRO B 900 18.58 -59.83 0.95
C PRO B 900 19.14 -58.56 0.28
N ASN B 901 18.76 -58.27 -0.98
CA ASN B 901 19.35 -57.17 -1.80
C ASN B 901 18.39 -55.97 -1.85
N VAL B 902 17.80 -55.62 -0.70
CA VAL B 902 16.85 -54.48 -0.55
C VAL B 902 17.67 -53.20 -0.31
N ASN B 903 17.75 -52.32 -1.31
CA ASN B 903 18.53 -51.04 -1.29
C ASN B 903 18.45 -50.34 0.09
N GLU B 904 19.55 -50.34 0.85
CA GLU B 904 19.62 -49.90 2.26
C GLU B 904 19.60 -48.38 2.37
N GLU B 905 20.15 -47.68 1.36
CA GLU B 905 20.11 -46.18 1.27
C GLU B 905 18.65 -45.73 1.42
N LYS B 906 17.70 -46.50 0.86
CA LYS B 906 16.24 -46.18 0.77
C LYS B 906 15.47 -46.74 1.98
N LEU B 907 15.93 -47.83 2.60
CA LEU B 907 15.32 -48.36 3.86
C LEU B 907 15.48 -47.35 5.00
N LYS B 908 16.68 -46.76 5.13
CA LYS B 908 17.02 -45.75 6.18
C LYS B 908 15.85 -44.77 6.34
N PRO B 909 15.59 -43.85 5.39
CA PRO B 909 14.57 -42.81 5.60
C PRO B 909 13.16 -43.39 5.86
N LEU B 910 12.77 -44.46 5.16
CA LEU B 910 11.44 -45.13 5.35
C LEU B 910 11.24 -45.46 6.83
N PHE B 911 12.18 -46.17 7.46
CA PHE B 911 12.02 -46.64 8.87
C PHE B 911 12.17 -45.46 9.84
N GLU B 912 12.87 -44.39 9.41
CA GLU B 912 12.88 -43.09 10.13
C GLU B 912 11.43 -42.57 10.20
N TYR B 913 10.79 -42.45 9.04
CA TYR B 913 9.35 -42.08 8.89
C TYR B 913 8.50 -43.03 9.76
N LEU B 914 8.56 -44.36 9.56
CA LEU B 914 7.71 -45.33 10.32
C LEU B 914 7.80 -45.07 11.83
N GLU B 915 9.03 -44.94 12.37
CA GLU B 915 9.25 -44.69 13.82
C GLU B 915 8.52 -43.41 14.24
N PHE B 916 8.71 -42.31 13.50
CA PHE B 916 7.96 -41.03 13.69
C PHE B 916 6.45 -41.30 13.67
N CYS B 917 5.98 -42.05 12.65
CA CYS B 917 4.55 -42.36 12.43
C CYS B 917 4.02 -43.11 13.65
N LEU B 918 4.77 -44.11 14.11
CA LEU B 918 4.45 -44.93 15.31
C LEU B 918 4.19 -44.01 16.52
N GLU B 919 5.06 -43.00 16.69
CA GLU B 919 5.07 -42.08 17.86
C GLU B 919 3.82 -41.21 17.83
N GLN B 920 3.42 -40.74 16.63
CA GLN B 920 2.23 -39.88 16.40
C GLN B 920 0.93 -40.68 16.64
N VAL B 921 0.89 -41.94 16.19
CA VAL B 921 -0.28 -42.86 16.41
C VAL B 921 -0.53 -43.01 17.92
N CYS B 922 0.56 -43.11 18.70
CA CYS B 922 0.55 -43.50 20.14
C CYS B 922 0.43 -42.27 21.04
N ALA B 923 0.65 -41.07 20.50
CA ALA B 923 0.47 -39.77 21.18
C ALA B 923 -0.87 -39.77 21.93
N ASP B 924 -0.93 -39.10 23.09
CA ASP B 924 -2.13 -38.99 23.96
C ASP B 924 -2.45 -37.51 24.18
N ASN B 925 -2.91 -36.83 23.12
CA ASN B 925 -3.10 -35.35 23.11
C ASN B 925 -4.60 -35.06 23.17
N GLU B 926 -5.44 -36.10 23.20
CA GLU B 926 -6.92 -35.98 22.99
C GLU B 926 -7.54 -35.23 24.17
N PHE B 927 -7.27 -35.64 25.41
CA PHE B 927 -7.79 -34.93 26.61
C PHE B 927 -7.16 -33.53 26.65
N GLY B 928 -5.88 -33.42 26.28
CA GLY B 928 -5.13 -32.15 26.20
C GLY B 928 -5.86 -31.08 25.41
N GLY B 929 -6.33 -31.42 24.22
CA GLY B 929 -7.10 -30.50 23.35
C GLY B 929 -8.36 -29.97 24.01
N LEU B 930 -9.08 -30.80 24.77
CA LEU B 930 -10.35 -30.37 25.43
C LEU B 930 -10.00 -29.38 26.54
N LEU B 931 -8.95 -29.68 27.31
CA LEU B 931 -8.41 -28.78 28.38
C LEU B 931 -8.14 -27.39 27.81
N GLN B 932 -7.27 -27.31 26.79
CA GLN B 932 -6.91 -26.05 26.10
C GLN B 932 -8.19 -25.28 25.76
N ALA B 933 -9.18 -25.96 25.20
CA ALA B 933 -10.44 -25.30 24.75
C ALA B 933 -11.18 -24.72 25.96
N LEU B 934 -11.20 -25.46 27.07
CA LEU B 934 -11.99 -25.11 28.28
C LEU B 934 -11.26 -24.02 29.10
N GLU B 935 -9.92 -23.97 29.03
CA GLU B 935 -9.08 -22.92 29.67
C GLU B 935 -9.29 -21.57 28.94
N GLY B 936 -9.78 -21.61 27.70
CA GLY B 936 -9.85 -20.44 26.80
C GLY B 936 -8.53 -20.22 26.10
N GLU B 937 -7.80 -21.30 25.79
CA GLU B 937 -6.58 -21.27 24.93
C GLU B 937 -6.95 -21.63 23.48
N TYR B 938 -6.00 -21.46 22.56
CA TYR B 938 -6.10 -21.78 21.13
C TYR B 938 -5.68 -23.23 20.91
N VAL B 939 -6.58 -24.01 20.31
CA VAL B 939 -6.36 -25.45 19.99
C VAL B 939 -5.60 -25.51 18.66
N LEU B 940 -4.48 -26.23 18.62
CA LEU B 940 -3.66 -26.45 17.39
C LEU B 940 -4.55 -27.05 16.29
N PRO B 941 -4.66 -26.40 15.12
CA PRO B 941 -5.43 -26.95 14.01
C PRO B 941 -4.55 -27.98 13.29
N GLY B 942 -5.16 -28.89 12.52
CA GLY B 942 -4.45 -29.88 11.68
C GLY B 942 -5.39 -30.48 10.64
N PRO B 943 -4.86 -31.19 9.62
CA PRO B 943 -5.73 -31.80 8.62
C PRO B 943 -6.51 -33.00 9.18
N GLY B 944 -7.84 -33.03 8.92
CA GLY B 944 -8.64 -34.27 8.89
C GLY B 944 -8.27 -35.15 7.70
N GLY B 945 -8.57 -36.45 7.75
CA GLY B 945 -8.32 -37.37 6.63
C GLY B 945 -8.07 -38.80 7.04
N ASP B 946 -7.48 -39.58 6.15
CA ASP B 946 -6.99 -40.97 6.42
C ASP B 946 -5.58 -40.86 6.99
N PRO B 947 -5.36 -41.29 8.27
CA PRO B 947 -4.01 -41.40 8.84
C PRO B 947 -3.03 -42.17 7.96
N ILE B 948 -3.51 -43.25 7.33
CA ILE B 948 -2.68 -44.20 6.56
C ILE B 948 -2.22 -43.52 5.27
N ARG B 949 -3.10 -42.75 4.62
CA ARG B 949 -2.72 -42.05 3.35
C ARG B 949 -2.05 -40.72 3.66
N ASN B 950 -2.35 -40.12 4.81
CA ASN B 950 -1.74 -38.85 5.26
C ASN B 950 -1.49 -38.91 6.77
N PRO B 951 -0.33 -39.43 7.21
CA PRO B 951 0.04 -39.45 8.63
C PRO B 951 0.08 -38.10 9.36
N ASN B 952 0.07 -36.98 8.63
CA ASN B 952 -0.02 -35.64 9.26
C ASN B 952 -1.39 -35.42 9.89
N VAL B 953 -2.35 -36.32 9.66
CA VAL B 953 -3.67 -36.31 10.35
C VAL B 953 -3.38 -36.67 11.82
N LEU B 954 -2.24 -37.33 12.04
CA LEU B 954 -1.69 -37.65 13.38
C LEU B 954 -0.64 -36.60 13.79
N PRO B 955 -0.47 -36.34 15.11
CA PRO B 955 -1.30 -36.95 16.14
C PRO B 955 -2.69 -36.28 16.20
N THR B 956 -3.64 -36.93 16.88
CA THR B 956 -5.01 -36.43 17.13
C THR B 956 -5.00 -35.40 18.27
N GLY B 957 -6.17 -34.96 18.75
CA GLY B 957 -6.32 -33.86 19.72
C GLY B 957 -6.36 -32.47 19.06
N LYS B 958 -6.67 -32.37 17.77
CA LYS B 958 -6.61 -31.07 17.03
C LYS B 958 -8.00 -30.60 16.56
N ASN B 959 -8.14 -29.29 16.35
CA ASN B 959 -9.27 -28.64 15.63
C ASN B 959 -9.10 -28.90 14.13
N ILE B 960 -9.57 -30.06 13.68
CA ILE B 960 -9.29 -30.59 12.31
C ILE B 960 -10.08 -29.77 11.29
N HIS B 961 -9.49 -29.58 10.12
CA HIS B 961 -10.01 -28.73 9.02
C HIS B 961 -10.06 -29.61 7.77
N ALA B 962 -10.87 -29.24 6.77
CA ALA B 962 -10.84 -29.87 5.43
C ALA B 962 -9.59 -29.37 4.70
N LEU B 963 -9.73 -28.62 3.60
CA LEU B 963 -8.60 -28.12 2.77
C LEU B 963 -9.11 -27.07 1.78
N ASP B 964 -8.21 -26.29 1.19
CA ASP B 964 -8.55 -25.26 0.16
C ASP B 964 -9.29 -25.98 -0.95
N PRO B 965 -10.61 -25.74 -1.14
CA PRO B 965 -11.35 -26.31 -2.26
C PRO B 965 -10.78 -26.00 -3.66
N GLN B 966 -9.79 -25.12 -3.77
CA GLN B 966 -9.11 -24.77 -5.03
C GLN B 966 -7.75 -25.46 -5.14
N SER B 967 -7.41 -26.32 -4.20
CA SER B 967 -6.12 -27.08 -4.20
C SER B 967 -6.29 -28.46 -4.86
N ILE B 968 -7.46 -28.75 -5.43
CA ILE B 968 -7.80 -30.10 -5.97
C ILE B 968 -8.53 -29.98 -7.31
N PRO B 969 -8.43 -31.00 -8.18
CA PRO B 969 -7.60 -32.16 -7.90
C PRO B 969 -6.14 -31.83 -8.23
N THR B 970 -5.21 -32.58 -7.62
CA THR B 970 -3.74 -32.54 -7.84
C THR B 970 -3.38 -33.45 -9.01
N LEU B 971 -2.21 -33.26 -9.65
CA LEU B 971 -1.80 -34.03 -10.87
C LEU B 971 -1.74 -35.52 -10.53
N ALA B 972 -1.50 -35.87 -9.28
CA ALA B 972 -1.46 -37.28 -8.85
C ALA B 972 -2.89 -37.82 -8.84
N ALA B 973 -3.82 -37.09 -8.24
CA ALA B 973 -5.26 -37.48 -8.18
C ALA B 973 -5.79 -37.66 -9.61
N VAL B 974 -5.47 -36.74 -10.52
CA VAL B 974 -5.90 -36.79 -11.96
C VAL B 974 -5.39 -38.08 -12.59
N GLN B 975 -4.10 -38.37 -12.41
CA GLN B 975 -3.42 -39.54 -13.03
C GLN B 975 -4.05 -40.84 -12.49
N SER B 976 -4.24 -40.97 -11.17
CA SER B 976 -4.92 -42.11 -10.50
C SER B 976 -6.39 -42.23 -10.95
N ALA B 977 -7.07 -41.10 -11.14
CA ALA B 977 -8.45 -41.04 -11.69
C ALA B 977 -8.56 -41.79 -13.03
N LYS B 978 -7.63 -41.57 -13.97
CA LYS B 978 -7.67 -42.18 -15.34
C LYS B 978 -7.54 -43.71 -15.23
N VAL B 979 -6.66 -44.19 -14.36
CA VAL B 979 -6.44 -45.64 -14.12
C VAL B 979 -7.79 -46.22 -13.67
N VAL B 980 -8.38 -45.68 -12.60
CA VAL B 980 -9.73 -46.11 -12.10
C VAL B 980 -10.73 -46.12 -13.28
N VAL B 981 -10.84 -45.03 -14.05
CA VAL B 981 -11.87 -44.90 -15.12
C VAL B 981 -11.59 -45.96 -16.19
N ASP B 982 -10.37 -45.97 -16.74
CA ASP B 982 -9.91 -47.04 -17.67
C ASP B 982 -10.35 -48.42 -17.09
N ARG B 983 -10.25 -48.62 -15.78
CA ARG B 983 -10.52 -49.96 -15.18
C ARG B 983 -12.04 -50.19 -15.11
N LEU B 984 -12.81 -49.18 -14.71
CA LEU B 984 -14.30 -49.26 -14.66
C LEU B 984 -14.82 -49.56 -16.08
N LEU B 985 -14.36 -48.82 -17.10
CA LEU B 985 -14.84 -49.02 -18.50
C LEU B 985 -14.45 -50.42 -19.03
N GLU B 986 -13.28 -50.94 -18.66
CA GLU B 986 -12.82 -52.29 -19.10
C GLU B 986 -13.78 -53.34 -18.53
N ARG B 987 -14.13 -53.20 -17.25
CA ARG B 987 -14.99 -54.17 -16.54
C ARG B 987 -16.44 -54.11 -17.08
N GLN B 988 -16.92 -52.94 -17.52
CA GLN B 988 -18.34 -52.72 -17.91
C GLN B 988 -18.51 -53.23 -19.34
N ARG B 989 -17.49 -53.06 -20.18
CA ARG B 989 -17.51 -53.60 -21.56
C ARG B 989 -17.57 -55.13 -21.46
N ALA B 990 -16.63 -55.72 -20.73
CA ALA B 990 -16.50 -57.18 -20.50
C ALA B 990 -17.86 -57.82 -20.19
N GLU B 991 -18.70 -57.18 -19.37
CA GLU B 991 -20.00 -57.75 -18.91
C GLU B 991 -21.14 -57.12 -19.73
N ASN B 992 -20.92 -56.85 -21.02
CA ASN B 992 -21.88 -56.15 -21.93
C ASN B 992 -21.32 -56.13 -23.37
N GLY B 993 -20.95 -57.29 -23.91
CA GLY B 993 -20.57 -57.53 -25.31
C GLY B 993 -19.45 -56.63 -25.85
N GLY B 994 -18.75 -55.88 -24.99
CA GLY B 994 -17.63 -55.00 -25.42
C GLY B 994 -18.08 -53.58 -25.79
N ASN B 995 -19.34 -53.23 -25.54
CA ASN B 995 -19.87 -51.86 -25.76
C ASN B 995 -19.64 -51.00 -24.50
N TYR B 996 -18.90 -49.90 -24.64
CA TYR B 996 -18.80 -48.81 -23.62
C TYR B 996 -20.19 -48.46 -23.10
N PRO B 997 -20.37 -48.06 -21.83
CA PRO B 997 -21.66 -47.50 -21.42
C PRO B 997 -21.80 -46.11 -22.05
N GLU B 998 -23.02 -45.65 -22.26
CA GLU B 998 -23.26 -44.29 -22.81
C GLU B 998 -23.34 -43.25 -21.68
N THR B 999 -23.85 -43.66 -20.50
CA THR B 999 -23.99 -42.81 -19.30
C THR B 999 -23.59 -43.59 -18.03
N ILE B 1000 -22.75 -43.00 -17.18
CA ILE B 1000 -22.47 -43.51 -15.80
C ILE B 1000 -23.04 -42.49 -14.82
N ALA B 1001 -23.85 -42.96 -13.88
CA ALA B 1001 -24.41 -42.20 -12.76
C ALA B 1001 -23.46 -42.38 -11.58
N SER B 1002 -22.99 -41.29 -11.00
CA SER B 1002 -21.94 -41.31 -9.96
C SER B 1002 -22.46 -40.48 -8.78
N VAL B 1003 -22.06 -40.85 -7.57
CA VAL B 1003 -22.16 -39.99 -6.36
C VAL B 1003 -20.79 -39.31 -6.16
N LEU B 1004 -20.78 -38.08 -5.64
CA LEU B 1004 -19.57 -37.36 -5.15
C LEU B 1004 -19.78 -36.99 -3.70
N TRP B 1005 -18.88 -37.47 -2.82
CA TRP B 1005 -18.82 -37.09 -1.39
C TRP B 1005 -17.62 -36.17 -1.17
N GLY B 1006 -17.72 -35.21 -0.25
CA GLY B 1006 -16.58 -34.41 0.22
C GLY B 1006 -15.49 -35.31 0.79
N THR B 1007 -15.89 -36.27 1.61
CA THR B 1007 -14.98 -37.06 2.49
C THR B 1007 -13.83 -37.68 1.66
N ASP B 1008 -14.12 -38.50 0.65
CA ASP B 1008 -13.07 -39.22 -0.10
C ASP B 1008 -12.20 -38.25 -0.92
N ASN B 1009 -12.76 -37.13 -1.40
CA ASN B 1009 -12.02 -36.13 -2.23
C ASN B 1009 -11.06 -35.30 -1.37
N ILE B 1010 -11.39 -35.10 -0.10
CA ILE B 1010 -10.45 -34.51 0.89
C ILE B 1010 -9.28 -35.48 1.08
N LYS B 1011 -9.58 -36.77 1.22
CA LYS B 1011 -8.59 -37.82 1.60
C LYS B 1011 -7.73 -38.24 0.41
N THR B 1012 -8.13 -37.94 -0.83
CA THR B 1012 -7.43 -38.43 -2.05
C THR B 1012 -7.00 -37.25 -2.93
N TYR B 1013 -7.21 -36.03 -2.44
CA TYR B 1013 -6.92 -34.74 -3.14
C TYR B 1013 -7.65 -34.70 -4.49
N GLY B 1014 -8.92 -35.15 -4.51
CA GLY B 1014 -9.88 -35.02 -5.62
C GLY B 1014 -9.86 -36.15 -6.66
N GLU B 1015 -9.49 -37.38 -6.30
CA GLU B 1015 -9.55 -38.53 -7.25
C GLU B 1015 -10.97 -38.71 -7.82
N SER B 1016 -11.97 -38.97 -6.98
CA SER B 1016 -13.34 -39.33 -7.45
C SER B 1016 -13.85 -38.21 -8.35
N LEU B 1017 -13.68 -36.98 -7.90
CA LEU B 1017 -14.00 -35.76 -8.67
C LEU B 1017 -13.32 -35.78 -10.05
N ALA B 1018 -12.05 -36.14 -10.08
CA ALA B 1018 -11.21 -36.16 -11.31
C ALA B 1018 -11.66 -37.31 -12.24
N GLN B 1019 -12.18 -38.41 -11.67
CA GLN B 1019 -12.69 -39.55 -12.46
C GLN B 1019 -13.83 -39.01 -13.32
N ILE B 1020 -14.71 -38.17 -12.76
CA ILE B 1020 -15.90 -37.69 -13.51
C ILE B 1020 -15.44 -36.75 -14.62
N MET B 1021 -14.39 -35.96 -14.35
CA MET B 1021 -13.71 -35.09 -15.35
C MET B 1021 -13.20 -35.96 -16.51
N TRP B 1022 -12.58 -37.10 -16.18
CA TRP B 1022 -11.93 -37.92 -17.25
C TRP B 1022 -13.01 -38.60 -18.12
N MET B 1023 -14.17 -38.93 -17.55
CA MET B 1023 -15.32 -39.61 -18.22
C MET B 1023 -15.74 -38.80 -19.47
N VAL B 1024 -15.90 -37.47 -19.36
CA VAL B 1024 -16.28 -36.56 -20.50
C VAL B 1024 -15.01 -36.08 -21.25
N GLY B 1025 -13.81 -36.49 -20.83
CA GLY B 1025 -12.55 -36.10 -21.49
C GLY B 1025 -12.18 -34.65 -21.22
N ALA B 1026 -12.08 -34.27 -19.95
CA ALA B 1026 -11.75 -32.89 -19.49
C ALA B 1026 -10.61 -32.96 -18.48
N LYS B 1027 -9.73 -31.96 -18.43
CA LYS B 1027 -8.69 -31.84 -17.37
C LYS B 1027 -8.83 -30.50 -16.67
N PRO B 1028 -8.62 -30.50 -15.33
CA PRO B 1028 -8.58 -29.27 -14.55
C PRO B 1028 -7.27 -28.56 -14.88
N VAL B 1029 -7.33 -27.23 -15.02
CA VAL B 1029 -6.20 -26.34 -15.41
C VAL B 1029 -5.83 -25.49 -14.19
N PRO B 1030 -4.78 -25.84 -13.43
CA PRO B 1030 -4.32 -24.99 -12.33
C PRO B 1030 -3.63 -23.74 -12.89
N ASP B 1031 -3.84 -22.57 -12.26
CA ASP B 1031 -3.25 -21.26 -12.68
C ASP B 1031 -1.81 -21.10 -12.18
N ALA B 1032 -1.21 -19.94 -12.43
CA ALA B 1032 0.12 -19.50 -11.92
C ALA B 1032 0.32 -19.89 -10.45
N LEU B 1033 -0.63 -19.57 -9.56
CA LEU B 1033 -0.51 -19.75 -8.09
C LEU B 1033 -0.98 -21.16 -7.64
N GLY B 1034 -1.20 -22.11 -8.56
CA GLY B 1034 -1.52 -23.52 -8.25
C GLY B 1034 -2.98 -23.75 -7.89
N ARG B 1035 -3.85 -22.76 -8.13
CA ARG B 1035 -5.33 -22.80 -7.96
C ARG B 1035 -6.02 -23.43 -9.19
N VAL B 1036 -6.82 -24.47 -8.93
CA VAL B 1036 -7.69 -25.13 -9.93
C VAL B 1036 -9.03 -24.39 -9.98
N ASN B 1037 -9.17 -23.47 -10.94
CA ASN B 1037 -10.35 -22.58 -11.12
C ASN B 1037 -10.77 -22.56 -12.61
N LYS B 1038 -10.13 -23.38 -13.46
CA LYS B 1038 -10.48 -23.53 -14.90
C LYS B 1038 -10.47 -25.01 -15.29
N ILE B 1039 -11.13 -25.34 -16.41
CA ILE B 1039 -11.26 -26.71 -16.98
C ILE B 1039 -11.40 -26.58 -18.50
N GLU B 1040 -10.97 -27.62 -19.22
CA GLU B 1040 -10.88 -27.67 -20.70
C GLU B 1040 -11.11 -29.11 -21.16
N LEU B 1041 -11.61 -29.26 -22.38
CA LEU B 1041 -11.77 -30.60 -23.00
C LEU B 1041 -10.43 -31.02 -23.55
N VAL B 1042 -10.17 -32.31 -23.43
CA VAL B 1042 -9.04 -33.03 -24.06
C VAL B 1042 -9.52 -33.45 -25.44
N PRO B 1043 -8.71 -33.32 -26.52
CA PRO B 1043 -9.08 -33.86 -27.82
C PRO B 1043 -9.26 -35.38 -27.78
N LEU B 1044 -10.05 -35.92 -28.71
CA LEU B 1044 -10.41 -37.37 -28.73
C LEU B 1044 -9.15 -38.22 -28.90
N GLU B 1045 -8.20 -37.77 -29.72
CA GLU B 1045 -6.85 -38.37 -29.87
C GLU B 1045 -6.36 -38.85 -28.51
N GLU B 1046 -6.40 -37.97 -27.50
CA GLU B 1046 -5.77 -38.16 -26.16
C GLU B 1046 -6.65 -39.04 -25.27
N LEU B 1047 -7.95 -39.05 -25.47
CA LEU B 1047 -8.93 -39.83 -24.65
C LEU B 1047 -8.94 -41.28 -25.15
N GLY B 1048 -8.72 -41.46 -26.45
CA GLY B 1048 -8.68 -42.76 -27.14
C GLY B 1048 -9.97 -43.55 -27.06
N ARG B 1049 -11.09 -42.87 -26.80
CA ARG B 1049 -12.43 -43.49 -26.65
C ARG B 1049 -13.47 -42.39 -26.64
N PRO B 1050 -14.77 -42.72 -26.69
CA PRO B 1050 -15.80 -41.70 -26.72
C PRO B 1050 -15.95 -41.06 -25.34
N ARG B 1051 -16.40 -39.80 -25.36
CA ARG B 1051 -16.79 -39.08 -24.13
C ARG B 1051 -18.05 -39.78 -23.57
N ILE B 1052 -17.95 -40.37 -22.38
CA ILE B 1052 -19.09 -40.98 -21.66
C ILE B 1052 -19.91 -39.86 -21.05
N ASP B 1053 -21.25 -39.96 -21.12
CA ASP B 1053 -22.19 -39.02 -20.46
C ASP B 1053 -22.20 -39.36 -18.98
N VAL B 1054 -22.65 -38.42 -18.16
CA VAL B 1054 -22.55 -38.54 -16.66
C VAL B 1054 -23.83 -37.99 -16.04
N VAL B 1055 -24.29 -38.62 -14.96
CA VAL B 1055 -25.24 -38.00 -14.00
C VAL B 1055 -24.52 -37.95 -12.65
N VAL B 1056 -24.24 -36.74 -12.17
CA VAL B 1056 -23.43 -36.58 -10.91
C VAL B 1056 -24.37 -36.17 -9.77
N ASN B 1057 -24.55 -37.08 -8.81
CA ASN B 1057 -25.29 -36.81 -7.55
C ASN B 1057 -24.29 -36.35 -6.49
N CYS B 1058 -24.21 -35.03 -6.30
CA CYS B 1058 -23.32 -34.41 -5.29
C CYS B 1058 -24.08 -34.41 -3.97
N SER B 1059 -23.47 -34.93 -2.91
CA SER B 1059 -24.02 -34.83 -1.54
C SER B 1059 -24.27 -33.35 -1.22
N GLY B 1060 -25.13 -33.05 -0.26
CA GLY B 1060 -25.22 -31.69 0.31
C GLY B 1060 -23.87 -31.27 0.86
N VAL B 1061 -23.16 -32.19 1.49
CA VAL B 1061 -21.85 -31.82 2.11
C VAL B 1061 -20.87 -31.48 0.99
N PHE B 1062 -20.89 -32.25 -0.11
CA PHE B 1062 -19.99 -31.98 -1.26
C PHE B 1062 -20.33 -30.59 -1.78
N ARG B 1063 -21.62 -30.29 -1.90
CA ARG B 1063 -22.11 -28.95 -2.33
C ARG B 1063 -21.50 -27.87 -1.42
N ASP B 1064 -21.64 -28.02 -0.10
CA ASP B 1064 -21.22 -27.01 0.91
C ASP B 1064 -19.72 -26.71 0.80
N LEU B 1065 -18.87 -27.71 0.61
CA LEU B 1065 -17.38 -27.52 0.62
C LEU B 1065 -16.84 -27.20 -0.77
N PHE B 1066 -17.47 -27.73 -1.83
CA PHE B 1066 -16.81 -27.94 -3.13
C PHE B 1066 -17.73 -27.50 -4.27
N ILE B 1067 -18.64 -26.58 -4.01
CA ILE B 1067 -19.55 -26.05 -5.09
C ILE B 1067 -18.68 -25.51 -6.22
N ASN B 1068 -17.41 -25.15 -5.95
CA ASN B 1068 -16.52 -24.62 -6.99
C ASN B 1068 -16.23 -25.72 -8.02
N GLN B 1069 -16.16 -26.98 -7.56
CA GLN B 1069 -15.86 -28.15 -8.42
C GLN B 1069 -17.10 -28.55 -9.22
N MET B 1070 -18.27 -28.43 -8.60
CA MET B 1070 -19.59 -28.57 -9.24
C MET B 1070 -19.64 -27.62 -10.42
N ASN B 1071 -19.14 -26.39 -10.22
CA ASN B 1071 -19.04 -25.35 -11.28
C ASN B 1071 -18.15 -25.88 -12.41
N LEU B 1072 -16.95 -26.40 -12.12
CA LEU B 1072 -16.02 -26.93 -13.15
C LEU B 1072 -16.68 -28.11 -13.90
N LEU B 1073 -17.33 -29.03 -13.17
CA LEU B 1073 -17.90 -30.26 -13.76
C LEU B 1073 -18.98 -29.89 -14.76
N ASP B 1074 -19.82 -28.93 -14.39
CA ASP B 1074 -20.95 -28.48 -15.25
C ASP B 1074 -20.38 -27.80 -16.48
N GLN B 1075 -19.27 -27.06 -16.34
CA GLN B 1075 -18.58 -26.35 -17.46
C GLN B 1075 -18.06 -27.41 -18.43
N ALA B 1076 -17.49 -28.49 -17.88
CA ALA B 1076 -16.82 -29.59 -18.62
C ALA B 1076 -17.85 -30.34 -19.44
N VAL B 1077 -18.93 -30.77 -18.79
CA VAL B 1077 -20.05 -31.48 -19.46
C VAL B 1077 -20.59 -30.65 -20.63
N LYS B 1078 -20.79 -29.36 -20.43
CA LYS B 1078 -21.47 -28.50 -21.44
C LYS B 1078 -20.54 -28.25 -22.63
N LEU B 1079 -19.22 -28.15 -22.42
CA LEU B 1079 -18.21 -28.09 -23.53
C LEU B 1079 -18.25 -29.40 -24.32
N ALA B 1080 -18.38 -30.54 -23.64
CA ALA B 1080 -18.54 -31.86 -24.28
C ALA B 1080 -19.77 -31.85 -25.20
N ALA B 1081 -20.92 -31.38 -24.71
CA ALA B 1081 -22.18 -31.39 -25.49
C ALA B 1081 -22.06 -30.43 -26.69
N GLU B 1082 -21.31 -29.34 -26.56
CA GLU B 1082 -21.24 -28.29 -27.61
C GLU B 1082 -20.21 -28.67 -28.69
N ALA B 1083 -19.35 -29.64 -28.40
CA ALA B 1083 -18.16 -30.02 -29.19
C ALA B 1083 -18.58 -30.55 -30.57
N ASP B 1084 -17.82 -30.19 -31.61
CA ASP B 1084 -18.10 -30.50 -33.03
C ASP B 1084 -17.46 -31.86 -33.33
N GLU B 1085 -18.06 -32.90 -32.79
CA GLU B 1085 -17.56 -34.30 -32.83
C GLU B 1085 -18.70 -35.23 -33.23
N PRO B 1086 -18.37 -36.37 -33.87
CA PRO B 1086 -19.36 -37.35 -34.28
C PRO B 1086 -20.05 -37.90 -33.02
N LEU B 1087 -21.37 -38.04 -33.08
CA LEU B 1087 -22.20 -38.44 -31.91
C LEU B 1087 -21.74 -39.78 -31.35
N GLU B 1088 -21.25 -40.66 -32.21
CA GLU B 1088 -20.81 -42.01 -31.71
CA GLU B 1088 -20.68 -42.02 -31.90
C GLU B 1088 -19.44 -41.87 -31.00
N MET B 1089 -18.76 -40.72 -31.07
CA MET B 1089 -17.52 -40.48 -30.30
C MET B 1089 -17.76 -39.58 -29.07
N ASN B 1090 -18.99 -39.14 -28.82
CA ASN B 1090 -19.32 -38.10 -27.82
C ASN B 1090 -20.78 -38.26 -27.37
N PHE B 1091 -21.00 -39.07 -26.34
CA PHE B 1091 -22.31 -39.52 -25.84
C PHE B 1091 -23.02 -38.38 -25.12
N VAL B 1092 -22.26 -37.47 -24.51
CA VAL B 1092 -22.85 -36.26 -23.88
C VAL B 1092 -23.63 -35.56 -25.00
N ARG B 1093 -22.97 -35.31 -26.11
CA ARG B 1093 -23.59 -34.57 -27.24
C ARG B 1093 -24.65 -35.45 -27.89
N LYS B 1094 -24.47 -36.76 -28.00
CA LYS B 1094 -25.55 -37.63 -28.57
C LYS B 1094 -26.85 -37.41 -27.75
N HIS B 1095 -26.77 -37.60 -26.44
CA HIS B 1095 -27.88 -37.43 -25.48
C HIS B 1095 -28.42 -36.00 -25.47
N ALA B 1096 -27.54 -35.01 -25.32
CA ALA B 1096 -27.96 -33.59 -25.19
C ALA B 1096 -28.79 -33.21 -26.41
N LEU B 1097 -28.31 -33.51 -27.63
CA LEU B 1097 -29.04 -33.17 -28.90
C LEU B 1097 -30.46 -33.76 -28.85
N GLU B 1098 -30.58 -35.03 -28.45
CA GLU B 1098 -31.90 -35.72 -28.44
C GLU B 1098 -32.77 -35.01 -27.40
N GLN B 1099 -32.28 -34.87 -26.17
CA GLN B 1099 -33.03 -34.28 -25.03
C GLN B 1099 -33.39 -32.83 -25.31
N ALA B 1100 -32.49 -32.08 -25.97
CA ALA B 1100 -32.74 -30.69 -26.41
C ALA B 1100 -33.99 -30.65 -27.29
N GLU B 1101 -34.13 -31.59 -28.24
CA GLU B 1101 -35.27 -31.58 -29.20
C GLU B 1101 -36.58 -31.94 -28.47
N GLU B 1102 -36.61 -33.06 -27.75
CA GLU B 1102 -37.78 -33.50 -26.93
C GLU B 1102 -38.21 -32.38 -25.96
N MET B 1103 -37.29 -31.74 -25.25
CA MET B 1103 -37.63 -30.73 -24.20
C MET B 1103 -37.84 -29.32 -24.81
N GLY B 1104 -37.64 -29.16 -26.12
CA GLY B 1104 -37.63 -27.86 -26.83
C GLY B 1104 -36.69 -26.81 -26.23
N ILE B 1105 -35.40 -27.11 -26.09
CA ILE B 1105 -34.39 -26.16 -25.51
C ILE B 1105 -33.05 -26.33 -26.25
N GLY B 1106 -32.07 -25.49 -25.89
CA GLY B 1106 -30.72 -25.53 -26.47
C GLY B 1106 -29.92 -26.73 -25.97
N VAL B 1107 -28.85 -27.08 -26.69
CA VAL B 1107 -27.99 -28.28 -26.40
C VAL B 1107 -27.30 -28.08 -25.04
N ARG B 1108 -26.97 -26.85 -24.71
CA ARG B 1108 -26.23 -26.56 -23.46
C ARG B 1108 -27.18 -26.72 -22.27
N GLU B 1109 -28.38 -26.14 -22.34
CA GLU B 1109 -29.40 -26.30 -21.26
C GLU B 1109 -29.72 -27.79 -21.13
N ALA B 1110 -29.78 -28.54 -22.24
CA ALA B 1110 -30.12 -29.98 -22.24
C ALA B 1110 -28.98 -30.82 -21.60
N ALA B 1111 -27.75 -30.31 -21.66
CA ALA B 1111 -26.54 -30.95 -21.09
C ALA B 1111 -26.44 -30.74 -19.57
N THR B 1112 -27.56 -30.57 -18.86
CA THR B 1112 -27.58 -30.38 -17.38
C THR B 1112 -27.45 -31.75 -16.70
N ARG B 1113 -26.34 -31.97 -16.00
CA ARG B 1113 -25.99 -33.29 -15.42
C ARG B 1113 -25.52 -33.20 -13.96
N ILE B 1114 -25.30 -32.00 -13.44
CA ILE B 1114 -24.74 -31.81 -12.06
C ILE B 1114 -25.88 -31.44 -11.11
N PHE B 1115 -26.06 -32.25 -10.08
CA PHE B 1115 -27.28 -32.29 -9.23
C PHE B 1115 -26.90 -32.37 -7.74
N SER B 1116 -27.79 -31.80 -6.91
CA SER B 1116 -27.72 -31.97 -5.45
C SER B 1116 -29.10 -31.75 -4.84
N ASN B 1117 -29.11 -31.86 -3.51
CA ASN B 1117 -30.17 -31.32 -2.62
C ASN B 1117 -30.27 -29.84 -2.89
N ALA B 1118 -31.49 -29.29 -2.77
CA ALA B 1118 -31.73 -27.84 -2.62
C ALA B 1118 -30.67 -27.29 -1.66
N SER B 1119 -30.26 -26.06 -1.90
CA SER B 1119 -29.50 -25.20 -0.95
C SER B 1119 -30.10 -25.33 0.45
N GLY B 1120 -29.30 -25.71 1.45
CA GLY B 1120 -29.74 -25.90 2.84
C GLY B 1120 -30.16 -27.32 3.18
N SER B 1121 -30.34 -28.21 2.19
CA SER B 1121 -30.81 -29.61 2.44
C SER B 1121 -29.68 -30.63 2.27
N TYR B 1122 -29.85 -31.83 2.85
CA TYR B 1122 -28.84 -32.92 2.90
C TYR B 1122 -29.54 -34.27 2.78
N SER B 1123 -29.04 -35.14 1.89
CA SER B 1123 -29.46 -36.57 1.77
C SER B 1123 -30.80 -36.67 1.03
N SER B 1124 -31.12 -37.84 0.49
CA SER B 1124 -32.41 -38.16 -0.17
C SER B 1124 -33.53 -38.41 0.86
N ASN B 1125 -33.21 -38.50 2.15
CA ASN B 1125 -34.16 -38.94 3.22
C ASN B 1125 -34.47 -40.44 3.10
N VAL B 1126 -33.84 -41.16 2.16
CA VAL B 1126 -34.00 -42.64 2.06
C VAL B 1126 -33.41 -43.27 3.34
N ASN B 1127 -32.31 -42.70 3.87
CA ASN B 1127 -31.69 -43.13 5.16
C ASN B 1127 -32.73 -43.06 6.30
N LEU B 1128 -33.60 -42.03 6.33
CA LEU B 1128 -34.54 -41.80 7.46
C LEU B 1128 -35.68 -42.82 7.36
N ALA B 1129 -36.32 -42.89 6.21
CA ALA B 1129 -37.32 -43.93 5.88
C ALA B 1129 -36.81 -45.33 6.29
N VAL B 1130 -35.56 -45.69 5.97
CA VAL B 1130 -35.07 -47.08 6.17
C VAL B 1130 -34.75 -47.25 7.66
N GLU B 1131 -34.34 -46.19 8.35
CA GLU B 1131 -34.03 -46.29 9.80
C GLU B 1131 -35.37 -46.40 10.55
N ASN B 1132 -36.46 -45.87 10.00
CA ASN B 1132 -37.78 -45.74 10.67
C ASN B 1132 -38.75 -46.81 10.13
N SER B 1133 -38.28 -47.75 9.32
CA SER B 1133 -39.13 -48.74 8.62
C SER B 1133 -40.50 -48.11 8.27
N SER B 1134 -40.51 -46.85 7.80
CA SER B 1134 -41.72 -46.01 7.58
C SER B 1134 -41.99 -45.79 6.07
N TRP B 1135 -41.98 -46.85 5.27
CA TRP B 1135 -42.15 -46.78 3.80
C TRP B 1135 -42.85 -48.05 3.33
N GLU B 1136 -43.88 -47.91 2.48
CA GLU B 1136 -44.62 -49.09 1.95
C GLU B 1136 -43.77 -49.79 0.88
N ASP B 1137 -43.49 -49.15 -0.25
CA ASP B 1137 -42.82 -49.84 -1.41
C ASP B 1137 -41.66 -48.97 -1.90
N GLU B 1138 -40.79 -49.56 -2.72
CA GLU B 1138 -39.59 -48.91 -3.30
C GLU B 1138 -39.97 -47.62 -4.04
N SER B 1139 -41.12 -47.56 -4.71
CA SER B 1139 -41.61 -46.36 -5.42
C SER B 1139 -41.69 -45.14 -4.49
N GLU B 1140 -41.90 -45.33 -3.19
CA GLU B 1140 -41.94 -44.18 -2.22
C GLU B 1140 -40.52 -43.61 -2.04
N LEU B 1141 -39.56 -44.48 -1.70
CA LEU B 1141 -38.11 -44.18 -1.63
C LEU B 1141 -37.69 -43.46 -2.92
N GLN B 1142 -37.94 -44.11 -4.04
CA GLN B 1142 -37.56 -43.59 -5.38
C GLN B 1142 -38.23 -42.24 -5.62
N GLU B 1143 -39.47 -42.06 -5.17
CA GLU B 1143 -40.23 -40.80 -5.38
C GLU B 1143 -39.53 -39.66 -4.62
N MET B 1144 -39.27 -39.81 -3.31
CA MET B 1144 -38.70 -38.68 -2.53
C MET B 1144 -37.27 -38.36 -3.01
N TYR B 1145 -36.52 -39.37 -3.48
CA TYR B 1145 -35.19 -39.18 -4.12
C TYR B 1145 -35.32 -38.18 -5.28
N LEU B 1146 -36.23 -38.47 -6.22
CA LEU B 1146 -36.46 -37.60 -7.40
C LEU B 1146 -36.91 -36.19 -6.96
N LYS B 1147 -37.72 -36.09 -5.91
CA LYS B 1147 -38.18 -34.78 -5.38
C LYS B 1147 -37.01 -33.99 -4.82
N ARG B 1148 -36.14 -34.67 -4.06
CA ARG B 1148 -35.18 -34.02 -3.13
C ARG B 1148 -33.79 -33.87 -3.74
N LYS B 1149 -33.45 -34.68 -4.73
CA LYS B 1149 -32.06 -34.78 -5.28
C LYS B 1149 -31.98 -34.14 -6.68
N SER B 1150 -33.08 -33.59 -7.20
CA SER B 1150 -33.15 -33.10 -8.60
C SER B 1150 -32.95 -31.59 -8.70
N PHE B 1151 -32.16 -31.00 -7.80
CA PHE B 1151 -31.75 -29.58 -7.84
C PHE B 1151 -30.46 -29.46 -8.67
N ALA B 1152 -30.59 -28.80 -9.82
CA ALA B 1152 -29.56 -28.73 -10.89
C ALA B 1152 -28.67 -27.51 -10.66
N PHE B 1153 -27.37 -27.77 -10.51
CA PHE B 1153 -26.30 -26.75 -10.51
C PHE B 1153 -26.24 -26.14 -11.92
N ASN B 1154 -25.92 -24.84 -12.02
CA ASN B 1154 -25.81 -24.12 -13.32
C ASN B 1154 -24.63 -23.15 -13.29
N SER B 1155 -23.54 -23.49 -13.99
CA SER B 1155 -22.31 -22.67 -14.02
C SER B 1155 -22.57 -21.34 -14.73
N ASP B 1156 -23.61 -21.24 -15.57
CA ASP B 1156 -24.01 -19.97 -16.23
C ASP B 1156 -24.93 -19.12 -15.31
N ASN B 1157 -25.48 -19.67 -14.22
CA ASN B 1157 -26.23 -18.91 -13.18
C ASN B 1157 -26.03 -19.56 -11.81
N PRO B 1158 -24.83 -19.45 -11.20
CA PRO B 1158 -24.47 -20.33 -10.08
C PRO B 1158 -25.35 -20.17 -8.83
N GLY B 1159 -25.94 -18.98 -8.67
CA GLY B 1159 -26.82 -18.65 -7.53
C GLY B 1159 -28.12 -19.42 -7.61
N MET B 1160 -28.68 -19.55 -8.81
CA MET B 1160 -29.97 -20.26 -9.06
C MET B 1160 -29.68 -21.75 -9.28
N MET B 1161 -29.82 -22.52 -8.21
CA MET B 1161 -29.93 -23.99 -8.22
C MET B 1161 -31.43 -24.38 -8.16
N ASP B 1162 -32.15 -24.25 -9.28
CA ASP B 1162 -33.60 -24.58 -9.38
C ASP B 1162 -33.79 -26.09 -9.42
N GLN B 1163 -34.96 -26.58 -8.99
CA GLN B 1163 -35.40 -27.99 -9.21
C GLN B 1163 -35.55 -28.20 -10.71
N ASN B 1164 -35.14 -29.39 -11.20
CA ASN B 1164 -35.25 -29.75 -12.63
C ASN B 1164 -35.46 -31.26 -12.77
N ARG B 1165 -36.63 -31.75 -12.38
CA ARG B 1165 -36.90 -33.19 -12.25
C ARG B 1165 -37.13 -33.82 -13.62
N ASP B 1166 -37.55 -33.04 -14.61
CA ASP B 1166 -37.67 -33.52 -16.02
C ASP B 1166 -36.26 -33.90 -16.50
N MET B 1167 -35.26 -33.07 -16.21
CA MET B 1167 -33.87 -33.29 -16.70
C MET B 1167 -33.24 -34.43 -15.92
N PHE B 1168 -33.44 -34.43 -14.60
CA PHE B 1168 -32.91 -35.49 -13.71
C PHE B 1168 -33.40 -36.85 -14.20
N GLU B 1169 -34.69 -36.94 -14.55
CA GLU B 1169 -35.29 -38.22 -15.00
C GLU B 1169 -34.71 -38.59 -16.36
N ARG B 1170 -34.66 -37.65 -17.30
CA ARG B 1170 -34.21 -37.92 -18.70
C ARG B 1170 -32.75 -38.34 -18.72
N ALA B 1171 -31.94 -37.81 -17.80
CA ALA B 1171 -30.51 -38.14 -17.72
C ALA B 1171 -30.36 -39.54 -17.11
N LEU B 1172 -30.92 -39.75 -15.92
CA LEU B 1172 -30.84 -41.04 -15.17
C LEU B 1172 -31.36 -42.20 -16.03
N LYS B 1173 -32.47 -41.97 -16.74
CA LYS B 1173 -33.07 -42.83 -17.80
C LYS B 1173 -31.99 -43.44 -18.72
N THR B 1174 -30.88 -42.74 -18.97
CA THR B 1174 -29.83 -43.14 -19.96
C THR B 1174 -28.71 -43.92 -19.28
N ALA B 1175 -28.77 -44.07 -17.95
CA ALA B 1175 -27.64 -44.62 -17.16
C ALA B 1175 -27.51 -46.12 -17.41
N ASP B 1176 -26.30 -46.58 -17.78
CA ASP B 1176 -25.96 -48.02 -17.98
C ASP B 1176 -25.33 -48.55 -16.69
N ALA B 1177 -24.69 -47.70 -15.89
CA ALA B 1177 -24.03 -48.09 -14.62
C ALA B 1177 -24.18 -46.99 -13.55
N THR B 1178 -24.24 -47.41 -12.28
CA THR B 1178 -24.07 -46.56 -11.07
C THR B 1178 -22.67 -46.80 -10.51
N PHE B 1179 -22.14 -45.83 -9.76
CA PHE B 1179 -20.71 -45.73 -9.36
C PHE B 1179 -20.57 -44.81 -8.15
N GLN B 1180 -19.85 -45.28 -7.13
CA GLN B 1180 -19.32 -44.48 -5.99
C GLN B 1180 -17.85 -44.87 -5.73
N ASN B 1181 -17.13 -44.03 -4.97
CA ASN B 1181 -15.79 -44.34 -4.41
C ASN B 1181 -15.98 -44.61 -2.92
N LEU B 1182 -15.44 -45.74 -2.45
CA LEU B 1182 -15.44 -46.12 -1.01
C LEU B 1182 -14.58 -45.09 -0.29
N ASP B 1183 -15.01 -44.61 0.87
CA ASP B 1183 -14.22 -43.63 1.64
C ASP B 1183 -12.93 -44.32 2.08
N SER B 1184 -13.12 -45.36 2.90
CA SER B 1184 -12.08 -46.05 3.71
C SER B 1184 -12.66 -47.40 4.11
N SER B 1185 -11.87 -48.23 4.76
CA SER B 1185 -12.35 -49.53 5.27
C SER B 1185 -13.19 -49.32 6.54
N GLU B 1186 -12.97 -48.22 7.26
CA GLU B 1186 -13.72 -47.91 8.51
C GLU B 1186 -15.04 -47.21 8.11
N ILE B 1187 -15.05 -46.37 7.06
CA ILE B 1187 -16.31 -45.74 6.54
C ILE B 1187 -16.69 -46.46 5.23
N SER B 1188 -16.99 -47.75 5.31
CA SER B 1188 -17.37 -48.61 4.16
C SER B 1188 -18.89 -48.59 3.98
N LEU B 1189 -19.40 -49.43 3.08
CA LEU B 1189 -20.82 -49.40 2.62
C LEU B 1189 -21.81 -49.68 3.75
N THR B 1190 -21.48 -50.54 4.72
CA THR B 1190 -22.41 -50.98 5.81
C THR B 1190 -22.14 -50.23 7.12
N ASP B 1191 -21.09 -49.41 7.21
CA ASP B 1191 -20.71 -48.71 8.47
C ASP B 1191 -21.56 -47.46 8.71
N VAL B 1192 -22.04 -46.85 7.61
CA VAL B 1192 -22.86 -45.61 7.58
C VAL B 1192 -24.05 -45.89 6.66
N SER B 1193 -25.00 -44.96 6.55
CA SER B 1193 -26.22 -45.10 5.71
C SER B 1193 -26.18 -44.18 4.47
N HIS B 1194 -25.13 -43.37 4.30
CA HIS B 1194 -25.11 -42.28 3.28
C HIS B 1194 -24.97 -42.89 1.87
N TYR B 1195 -24.07 -43.83 1.66
CA TYR B 1195 -23.87 -44.44 0.31
C TYR B 1195 -25.21 -44.95 -0.23
N PHE B 1196 -25.99 -45.65 0.59
CA PHE B 1196 -27.25 -46.28 0.13
C PHE B 1196 -28.31 -45.20 -0.09
N ASP B 1197 -28.33 -44.18 0.77
CA ASP B 1197 -29.25 -43.01 0.66
C ASP B 1197 -29.07 -42.35 -0.72
N SER B 1198 -27.85 -42.31 -1.27
CA SER B 1198 -27.55 -41.61 -2.55
C SER B 1198 -27.60 -42.58 -3.76
N ASP B 1199 -27.78 -43.88 -3.51
CA ASP B 1199 -27.79 -44.95 -4.54
C ASP B 1199 -29.00 -44.85 -5.48
N PRO B 1200 -28.82 -44.56 -6.79
CA PRO B 1200 -29.94 -44.54 -7.74
C PRO B 1200 -30.18 -45.83 -8.55
N THR B 1201 -29.58 -46.95 -8.15
CA THR B 1201 -29.57 -48.21 -8.94
C THR B 1201 -31.00 -48.67 -9.29
N LYS B 1202 -31.84 -48.98 -8.31
CA LYS B 1202 -33.19 -49.48 -8.65
C LYS B 1202 -34.01 -48.32 -9.24
N LEU B 1203 -33.79 -47.08 -8.78
CA LEU B 1203 -34.46 -45.90 -9.37
C LEU B 1203 -34.31 -45.96 -10.88
N ILE B 1204 -33.10 -46.26 -11.36
CA ILE B 1204 -32.76 -46.19 -12.81
C ILE B 1204 -33.52 -47.32 -13.51
N SER B 1205 -33.65 -48.51 -12.92
CA SER B 1205 -34.37 -49.67 -13.51
C SER B 1205 -35.87 -49.37 -13.69
N THR B 1206 -36.44 -48.58 -12.77
CA THR B 1206 -37.82 -47.97 -12.78
C THR B 1206 -38.04 -46.99 -13.95
N LEU B 1207 -37.06 -46.14 -14.25
CA LEU B 1207 -37.19 -44.98 -15.17
C LEU B 1207 -36.93 -45.39 -16.62
N ARG B 1208 -35.96 -46.29 -16.81
CA ARG B 1208 -35.60 -46.89 -18.13
C ARG B 1208 -36.86 -47.55 -18.70
N ASP B 1209 -37.22 -47.18 -19.94
CA ASP B 1209 -38.30 -47.82 -20.75
C ASP B 1209 -38.11 -49.35 -20.78
N ASP B 1210 -36.87 -49.83 -20.96
CA ASP B 1210 -36.54 -51.28 -21.05
C ASP B 1210 -36.44 -51.94 -19.67
N GLY B 1211 -36.62 -51.20 -18.57
CA GLY B 1211 -36.67 -51.76 -17.20
C GLY B 1211 -35.36 -52.40 -16.72
N LYS B 1212 -34.25 -52.30 -17.47
CA LYS B 1212 -32.98 -52.99 -17.07
C LYS B 1212 -32.28 -52.24 -15.93
N ALA B 1213 -31.88 -53.00 -14.90
CA ALA B 1213 -31.01 -52.55 -13.80
C ALA B 1213 -29.65 -52.15 -14.39
N PRO B 1214 -29.07 -51.01 -13.97
CA PRO B 1214 -27.69 -50.70 -14.32
C PRO B 1214 -26.78 -51.60 -13.47
N ALA B 1215 -25.64 -51.95 -14.06
CA ALA B 1215 -24.47 -52.55 -13.37
C ALA B 1215 -24.03 -51.51 -12.34
N ALA B 1216 -23.89 -51.92 -11.07
CA ALA B 1216 -23.43 -51.08 -9.94
C ALA B 1216 -21.97 -51.38 -9.60
N TYR B 1217 -21.07 -50.40 -9.69
CA TYR B 1217 -19.63 -50.56 -9.32
C TYR B 1217 -19.26 -49.64 -8.16
N ILE B 1218 -18.24 -50.03 -7.40
CA ILE B 1218 -17.66 -49.22 -6.28
C ILE B 1218 -16.13 -49.32 -6.34
N ALA B 1219 -15.46 -48.24 -6.72
CA ALA B 1219 -13.98 -48.13 -6.70
C ALA B 1219 -13.46 -48.08 -5.25
N ASP B 1220 -12.30 -48.69 -5.03
CA ASP B 1220 -11.51 -48.64 -3.78
C ASP B 1220 -10.05 -48.31 -4.14
N THR B 1221 -9.55 -47.17 -3.66
CA THR B 1221 -8.15 -46.72 -3.83
C THR B 1221 -7.53 -46.48 -2.45
N THR B 1222 -7.98 -47.20 -1.42
CA THR B 1222 -7.53 -47.06 -0.01
C THR B 1222 -6.10 -47.60 0.14
N THR B 1223 -5.77 -48.71 -0.53
CA THR B 1223 -4.39 -49.28 -0.59
C THR B 1223 -3.74 -48.90 -1.93
N ALA B 1224 -2.49 -49.32 -2.14
CA ALA B 1224 -1.71 -49.10 -3.39
C ALA B 1224 -2.32 -49.88 -4.55
N ASN B 1225 -3.20 -50.85 -4.24
CA ASN B 1225 -3.82 -51.82 -5.19
C ASN B 1225 -5.27 -51.43 -5.50
N ALA B 1226 -5.48 -50.46 -6.40
CA ALA B 1226 -6.80 -49.95 -6.83
C ALA B 1226 -7.67 -51.09 -7.39
N GLN B 1227 -8.74 -51.43 -6.67
CA GLN B 1227 -9.82 -52.33 -7.15
C GLN B 1227 -10.99 -51.50 -7.66
N VAL B 1228 -11.66 -51.96 -8.71
CA VAL B 1228 -13.04 -51.50 -9.05
C VAL B 1228 -13.98 -52.70 -8.92
N ARG B 1229 -14.73 -52.77 -7.82
CA ARG B 1229 -15.58 -53.94 -7.47
C ARG B 1229 -17.00 -53.63 -7.93
N THR B 1230 -17.81 -54.68 -8.08
CA THR B 1230 -19.29 -54.59 -8.17
C THR B 1230 -19.78 -54.17 -6.77
N LEU B 1231 -20.92 -53.47 -6.71
CA LEU B 1231 -21.60 -53.14 -5.43
C LEU B 1231 -21.81 -54.43 -4.61
N SER B 1232 -22.17 -55.52 -5.29
CA SER B 1232 -22.41 -56.87 -4.68
C SER B 1232 -21.12 -57.39 -4.04
N GLU B 1233 -20.05 -57.46 -4.83
CA GLU B 1233 -18.67 -57.78 -4.34
C GLU B 1233 -18.42 -56.97 -3.07
N THR B 1234 -18.63 -55.66 -3.13
CA THR B 1234 -18.33 -54.73 -2.02
C THR B 1234 -19.25 -55.06 -0.82
N VAL B 1235 -20.53 -55.37 -1.04
CA VAL B 1235 -21.43 -55.64 0.11
C VAL B 1235 -20.94 -56.95 0.73
N ARG B 1236 -20.69 -57.97 -0.09
CA ARG B 1236 -20.13 -59.27 0.39
C ARG B 1236 -18.90 -59.00 1.25
N LEU B 1237 -17.91 -58.29 0.72
CA LEU B 1237 -16.61 -58.03 1.39
C LEU B 1237 -16.82 -57.31 2.74
N ASP B 1238 -17.82 -56.45 2.88
CA ASP B 1238 -18.19 -55.83 4.18
C ASP B 1238 -18.78 -56.92 5.10
N ALA B 1239 -19.68 -57.76 4.58
CA ALA B 1239 -20.32 -58.85 5.37
C ALA B 1239 -19.23 -59.78 5.90
N ARG B 1240 -18.28 -60.14 5.05
CA ARG B 1240 -17.27 -61.17 5.36
C ARG B 1240 -16.25 -60.62 6.38
N THR B 1241 -15.97 -59.31 6.37
CA THR B 1241 -14.92 -58.65 7.18
C THR B 1241 -15.52 -58.01 8.43
N LYS B 1242 -16.80 -57.64 8.42
CA LYS B 1242 -17.43 -56.90 9.54
C LYS B 1242 -18.49 -57.80 10.21
N LEU B 1243 -19.75 -57.71 9.80
CA LEU B 1243 -20.95 -58.26 10.53
C LEU B 1243 -20.74 -59.73 10.88
N LEU B 1244 -20.28 -60.55 9.92
CA LEU B 1244 -20.26 -62.05 9.98
C LEU B 1244 -18.85 -62.56 10.35
N ASN B 1245 -17.93 -61.63 10.61
CA ASN B 1245 -16.53 -61.89 11.04
C ASN B 1245 -16.49 -61.94 12.57
N PRO B 1246 -16.12 -63.08 13.20
CA PRO B 1246 -15.93 -63.15 14.65
C PRO B 1246 -15.00 -62.06 15.21
N LYS B 1247 -13.82 -61.89 14.62
CA LYS B 1247 -12.84 -60.88 15.10
C LYS B 1247 -13.55 -59.52 15.17
N TRP B 1248 -14.35 -59.20 14.15
CA TRP B 1248 -15.09 -57.91 14.11
C TRP B 1248 -16.20 -57.90 15.17
N TYR B 1249 -17.06 -58.93 15.26
CA TYR B 1249 -18.23 -58.83 16.19
C TYR B 1249 -17.77 -59.07 17.64
N GLU B 1250 -16.78 -59.94 17.89
CA GLU B 1250 -16.32 -60.25 19.28
C GLU B 1250 -15.57 -59.02 19.82
N GLY B 1251 -14.80 -58.37 18.94
CA GLY B 1251 -14.11 -57.10 19.25
C GLY B 1251 -15.10 -56.04 19.70
N MET B 1252 -16.24 -55.95 19.03
CA MET B 1252 -17.29 -54.94 19.31
C MET B 1252 -18.04 -55.35 20.57
N LEU B 1253 -18.30 -56.64 20.75
CA LEU B 1253 -19.09 -57.13 21.91
C LEU B 1253 -18.23 -57.09 23.18
N SER B 1254 -16.90 -57.02 23.05
CA SER B 1254 -15.97 -56.94 24.22
C SER B 1254 -16.10 -55.56 24.89
N HIS B 1255 -16.88 -54.63 24.31
CA HIS B 1255 -17.19 -53.28 24.85
C HIS B 1255 -18.61 -53.24 25.40
N GLY B 1256 -19.33 -54.37 25.40
CA GLY B 1256 -20.66 -54.45 26.05
C GLY B 1256 -21.72 -53.65 25.32
N TYR B 1257 -22.56 -52.93 26.07
CA TYR B 1257 -23.81 -52.28 25.60
C TYR B 1257 -23.64 -51.77 24.17
N GLU B 1258 -22.72 -50.82 23.98
CA GLU B 1258 -22.52 -50.03 22.74
C GLU B 1258 -21.98 -50.94 21.63
N GLY B 1259 -21.41 -52.09 22.00
CA GLY B 1259 -21.01 -53.14 21.03
C GLY B 1259 -22.19 -53.58 20.18
N VAL B 1260 -23.28 -53.95 20.83
CA VAL B 1260 -24.54 -54.42 20.17
C VAL B 1260 -24.97 -53.35 19.16
N ARG B 1261 -24.94 -52.08 19.57
CA ARG B 1261 -25.32 -50.93 18.71
C ARG B 1261 -24.56 -51.01 17.37
N GLU B 1262 -23.26 -51.30 17.39
CA GLU B 1262 -22.43 -51.35 16.16
C GLU B 1262 -22.91 -52.48 15.25
N LEU B 1263 -23.31 -53.61 15.85
CA LEU B 1263 -23.78 -54.80 15.10
C LEU B 1263 -25.04 -54.43 14.33
N SER B 1264 -26.06 -53.90 15.01
CA SER B 1264 -27.38 -53.59 14.40
C SER B 1264 -27.22 -52.52 13.31
N LYS B 1265 -26.28 -51.59 13.50
CA LYS B 1265 -25.91 -50.57 12.49
C LYS B 1265 -25.60 -51.28 11.15
N ARG B 1266 -24.62 -52.19 11.11
CA ARG B 1266 -24.21 -52.92 9.87
C ARG B 1266 -25.41 -53.65 9.23
N LEU B 1267 -26.31 -54.18 10.04
CA LEU B 1267 -27.48 -55.00 9.61
C LEU B 1267 -28.56 -54.06 9.05
N VAL B 1268 -28.80 -52.94 9.73
CA VAL B 1268 -29.74 -51.87 9.23
C VAL B 1268 -29.23 -51.31 7.91
N ASN B 1269 -27.92 -51.07 7.79
CA ASN B 1269 -27.34 -50.44 6.58
C ASN B 1269 -27.37 -51.50 5.47
N THR B 1270 -27.25 -52.78 5.84
CA THR B 1270 -27.37 -53.91 4.88
C THR B 1270 -28.79 -53.94 4.30
N MET B 1271 -29.84 -53.88 5.13
CA MET B 1271 -31.25 -53.73 4.68
C MET B 1271 -31.35 -52.59 3.64
N GLY B 1272 -30.93 -51.38 3.99
CA GLY B 1272 -30.79 -50.24 3.05
C GLY B 1272 -30.43 -50.67 1.63
N TRP B 1273 -29.38 -51.48 1.46
CA TRP B 1273 -28.85 -51.88 0.13
C TRP B 1273 -29.86 -52.76 -0.59
N SER B 1274 -30.55 -53.63 0.14
CA SER B 1274 -31.67 -54.42 -0.40
C SER B 1274 -32.69 -53.45 -1.02
N ALA B 1275 -33.01 -52.36 -0.34
CA ALA B 1275 -34.10 -51.43 -0.75
C ALA B 1275 -33.68 -50.61 -2.00
N THR B 1276 -32.41 -50.24 -2.12
CA THR B 1276 -31.97 -49.22 -3.12
C THR B 1276 -31.38 -49.89 -4.36
N ALA B 1277 -30.73 -51.04 -4.16
CA ALA B 1277 -29.95 -51.77 -5.19
C ALA B 1277 -30.47 -53.21 -5.38
N GLY B 1278 -30.93 -53.85 -4.30
CA GLY B 1278 -31.03 -55.33 -4.22
C GLY B 1278 -29.66 -55.96 -4.40
N ALA B 1279 -28.63 -55.37 -3.81
CA ALA B 1279 -27.21 -55.81 -3.95
C ALA B 1279 -26.82 -56.83 -2.87
N VAL B 1280 -27.75 -57.24 -2.00
CA VAL B 1280 -27.48 -58.16 -0.84
C VAL B 1280 -27.81 -59.62 -1.17
N ASP B 1281 -26.79 -60.50 -1.16
CA ASP B 1281 -26.97 -61.98 -1.28
C ASP B 1281 -27.78 -62.49 -0.10
N ASN B 1282 -28.70 -63.43 -0.36
CA ASN B 1282 -29.62 -64.02 0.66
C ASN B 1282 -28.80 -64.63 1.81
N TRP B 1283 -27.61 -65.15 1.51
CA TRP B 1283 -26.78 -65.86 2.51
C TRP B 1283 -26.34 -64.92 3.62
N VAL B 1284 -26.23 -63.62 3.33
CA VAL B 1284 -25.74 -62.59 4.29
C VAL B 1284 -26.74 -62.54 5.44
N TYR B 1285 -28.03 -62.34 5.11
CA TYR B 1285 -29.15 -62.42 6.07
C TYR B 1285 -29.17 -63.79 6.77
N GLU B 1286 -29.14 -64.94 6.04
CA GLU B 1286 -29.17 -66.31 6.66
C GLU B 1286 -28.10 -66.39 7.76
N ASP B 1287 -26.86 -66.04 7.41
CA ASP B 1287 -25.65 -66.22 8.26
C ASP B 1287 -25.76 -65.29 9.48
N ALA B 1288 -26.37 -64.11 9.29
CA ALA B 1288 -26.59 -63.13 10.37
C ALA B 1288 -27.51 -63.79 11.41
N ASN B 1289 -28.67 -64.28 10.94
CA ASN B 1289 -29.66 -65.05 11.75
C ASN B 1289 -28.97 -66.24 12.43
N SER B 1290 -28.19 -67.02 11.68
CA SER B 1290 -27.42 -68.19 12.20
C SER B 1290 -26.50 -67.76 13.34
N THR B 1291 -25.56 -66.84 13.06
CA THR B 1291 -24.51 -66.41 14.02
C THR B 1291 -25.11 -65.81 15.30
N PHE B 1292 -26.11 -64.95 15.19
CA PHE B 1292 -26.55 -64.03 16.28
C PHE B 1292 -27.86 -64.46 16.92
N ILE B 1293 -28.65 -65.34 16.28
CA ILE B 1293 -30.06 -65.64 16.71
C ILE B 1293 -30.25 -67.14 17.01
N LYS B 1294 -29.87 -68.04 16.10
CA LYS B 1294 -30.03 -69.52 16.26
C LYS B 1294 -29.03 -70.06 17.30
N ASP B 1295 -27.90 -69.38 17.51
CA ASP B 1295 -26.97 -69.66 18.63
C ASP B 1295 -27.64 -69.09 19.90
N GLU B 1296 -28.24 -69.98 20.72
CA GLU B 1296 -29.08 -69.61 21.90
C GLU B 1296 -28.19 -68.87 22.92
N GLU B 1297 -26.89 -69.20 22.95
CA GLU B 1297 -25.86 -68.52 23.78
C GLU B 1297 -25.73 -67.05 23.34
N MET B 1298 -25.24 -66.83 22.11
CA MET B 1298 -25.03 -65.48 21.51
C MET B 1298 -26.32 -64.65 21.60
N CYS B 1299 -27.48 -65.27 21.36
CA CYS B 1299 -28.78 -64.57 21.32
C CYS B 1299 -29.08 -63.98 22.70
N LYS B 1300 -29.23 -64.83 23.71
CA LYS B 1300 -29.45 -64.45 25.14
C LYS B 1300 -28.35 -63.46 25.56
N ARG B 1301 -27.10 -63.67 25.13
CA ARG B 1301 -25.95 -62.79 25.46
C ARG B 1301 -26.27 -61.36 24.97
N LEU B 1302 -26.56 -61.23 23.67
CA LEU B 1302 -26.87 -59.92 23.02
C LEU B 1302 -28.05 -59.27 23.76
N MET B 1303 -29.16 -59.99 23.97
CA MET B 1303 -30.37 -59.46 24.64
C MET B 1303 -30.03 -58.94 26.05
N ASP B 1304 -29.26 -59.73 26.81
CA ASP B 1304 -28.87 -59.40 28.21
C ASP B 1304 -27.97 -58.15 28.16
N LEU B 1305 -27.04 -58.10 27.19
CA LEU B 1305 -26.06 -56.99 26.96
C LEU B 1305 -26.72 -55.67 26.53
N ASN B 1306 -27.80 -55.71 25.75
CA ASN B 1306 -28.47 -54.50 25.18
C ASN B 1306 -29.80 -54.92 24.58
N PRO B 1307 -30.94 -54.68 25.25
CA PRO B 1307 -32.24 -55.02 24.69
C PRO B 1307 -32.57 -54.16 23.47
N ASN B 1308 -32.33 -52.84 23.60
CA ASN B 1308 -32.79 -51.83 22.61
C ASN B 1308 -32.17 -52.12 21.24
N SER B 1309 -30.87 -52.39 21.20
CA SER B 1309 -30.11 -52.70 19.97
C SER B 1309 -30.46 -54.11 19.46
N PHE B 1310 -30.67 -55.07 20.36
CA PHE B 1310 -31.05 -56.48 20.02
C PHE B 1310 -32.45 -56.50 19.42
N ARG B 1311 -33.40 -55.79 20.04
CA ARG B 1311 -34.74 -55.57 19.44
C ARG B 1311 -34.58 -55.07 17.99
N ARG B 1312 -33.65 -54.13 17.76
CA ARG B 1312 -33.42 -53.56 16.40
C ARG B 1312 -32.85 -54.64 15.47
N MET B 1313 -31.99 -55.54 15.96
CA MET B 1313 -31.39 -56.64 15.15
C MET B 1313 -32.51 -57.58 14.68
N VAL B 1314 -33.52 -57.77 15.51
CA VAL B 1314 -34.61 -58.77 15.26
C VAL B 1314 -35.57 -58.15 14.25
N SER B 1315 -36.07 -56.94 14.52
CA SER B 1315 -36.86 -56.08 13.59
C SER B 1315 -36.26 -56.15 12.18
N THR B 1316 -34.95 -55.91 12.08
CA THR B 1316 -34.24 -55.80 10.79
C THR B 1316 -34.41 -57.13 10.05
N LEU B 1317 -34.17 -58.27 10.70
CA LEU B 1317 -34.25 -59.61 10.06
C LEU B 1317 -35.71 -59.96 9.73
N LEU B 1318 -36.66 -59.67 10.62
CA LEU B 1318 -38.10 -59.86 10.31
C LEU B 1318 -38.49 -58.94 9.14
N GLU B 1319 -37.93 -57.74 9.07
CA GLU B 1319 -38.27 -56.74 8.02
C GLU B 1319 -37.77 -57.24 6.66
N VAL B 1320 -36.48 -57.60 6.53
CA VAL B 1320 -35.89 -57.96 5.21
C VAL B 1320 -36.64 -59.18 4.67
N ASN B 1321 -37.19 -60.01 5.55
CA ASN B 1321 -38.05 -61.15 5.15
C ASN B 1321 -39.40 -60.56 4.73
N GLY B 1322 -39.98 -59.78 5.64
CA GLY B 1322 -41.34 -59.22 5.51
C GLY B 1322 -41.55 -58.51 4.17
N ARG B 1323 -40.47 -57.97 3.59
CA ARG B 1323 -40.45 -57.06 2.41
C ARG B 1323 -40.05 -57.83 1.14
N GLY B 1324 -39.36 -58.96 1.29
CA GLY B 1324 -39.08 -59.92 0.22
C GLY B 1324 -37.61 -60.08 -0.11
N TYR B 1325 -36.69 -59.69 0.78
CA TYR B 1325 -35.22 -59.66 0.51
C TYR B 1325 -34.54 -60.88 1.13
N TRP B 1326 -35.25 -61.55 2.06
CA TRP B 1326 -34.75 -62.74 2.81
C TRP B 1326 -35.80 -63.86 2.75
N GLU B 1327 -35.48 -64.92 2.01
CA GLU B 1327 -36.22 -66.20 2.10
C GLU B 1327 -35.42 -67.10 3.06
N THR B 1328 -36.14 -67.76 3.98
CA THR B 1328 -35.61 -68.55 5.12
C THR B 1328 -36.75 -69.41 5.67
N SER B 1329 -36.43 -70.39 6.53
CA SER B 1329 -37.38 -71.38 7.09
C SER B 1329 -38.47 -70.66 7.91
N ASP B 1330 -39.70 -71.17 7.88
CA ASP B 1330 -40.82 -70.76 8.78
C ASP B 1330 -40.35 -70.82 10.24
N GLU B 1331 -39.46 -71.75 10.57
CA GLU B 1331 -38.97 -71.95 11.97
C GLU B 1331 -38.17 -70.71 12.41
N ASN B 1332 -37.24 -70.25 11.56
CA ASN B 1332 -36.37 -69.06 11.81
C ASN B 1332 -37.24 -67.82 12.08
N LEU B 1333 -38.33 -67.66 11.32
CA LEU B 1333 -39.27 -66.51 11.44
C LEU B 1333 -40.08 -66.62 12.73
N GLU B 1334 -40.40 -67.83 13.17
CA GLU B 1334 -41.19 -68.04 14.42
C GLU B 1334 -40.30 -67.63 15.60
N ARG B 1335 -39.03 -68.04 15.60
CA ARG B 1335 -38.07 -67.73 16.69
C ARG B 1335 -37.98 -66.20 16.81
N LEU B 1336 -37.63 -65.52 15.70
CA LEU B 1336 -37.45 -64.04 15.69
C LEU B 1336 -38.74 -63.38 16.22
N GLN B 1337 -39.90 -63.88 15.80
CA GLN B 1337 -41.21 -63.28 16.15
C GLN B 1337 -41.42 -63.39 17.68
N GLU B 1338 -41.03 -64.51 18.31
CA GLU B 1338 -41.03 -64.67 19.80
C GLU B 1338 -40.01 -63.72 20.43
N LEU B 1339 -38.77 -63.79 19.95
CA LEU B 1339 -37.62 -63.01 20.49
C LEU B 1339 -37.99 -61.52 20.53
N TYR B 1340 -38.73 -61.02 19.53
CA TYR B 1340 -39.21 -59.61 19.44
C TYR B 1340 -40.24 -59.35 20.55
N GLN B 1341 -41.11 -60.31 20.81
CA GLN B 1341 -42.10 -60.24 21.92
C GLN B 1341 -41.34 -60.31 23.26
N GLU B 1342 -40.39 -61.26 23.41
CA GLU B 1342 -39.58 -61.42 24.64
C GLU B 1342 -38.98 -60.05 25.00
N VAL B 1343 -38.37 -59.38 24.04
CA VAL B 1343 -37.52 -58.17 24.28
C VAL B 1343 -38.39 -56.89 24.33
N GLU B 1344 -39.52 -56.80 23.61
CA GLU B 1344 -40.52 -55.72 23.83
C GLU B 1344 -41.00 -55.75 25.30
N ASP B 1345 -41.35 -56.94 25.81
CA ASP B 1345 -41.74 -57.15 27.22
C ASP B 1345 -40.67 -56.53 28.14
N ARG B 1346 -39.42 -57.01 28.03
CA ARG B 1346 -38.27 -56.48 28.82
C ARG B 1346 -38.23 -54.95 28.80
N ILE B 1347 -38.33 -54.32 27.62
CA ILE B 1347 -38.12 -52.85 27.43
C ILE B 1347 -39.34 -52.06 27.93
N GLU B 1348 -40.56 -52.51 27.63
CA GLU B 1348 -41.81 -51.69 27.75
C GLU B 1348 -42.66 -52.09 28.96
N GLY B 1349 -42.23 -53.10 29.74
CA GLY B 1349 -43.04 -53.76 30.78
C GLY B 1349 -44.09 -54.69 30.18
N VAL B 1350 -45.05 -55.16 30.98
CA VAL B 1350 -46.26 -55.92 30.50
C VAL B 1350 -47.49 -55.39 31.24
C1 CIT C . -20.46 47.12 5.71
O1 CIT C . -20.16 46.67 6.85
O2 CIT C . -20.56 46.38 4.70
C2 CIT C . -20.82 48.61 5.57
C3 CIT C . -19.71 49.69 5.45
O7 CIT C . -20.19 50.84 6.12
C4 CIT C . -18.39 49.23 6.13
C5 CIT C . -17.64 50.18 7.08
O3 CIT C . -17.58 51.43 6.82
O4 CIT C . -17.05 49.65 8.08
C6 CIT C . -19.45 50.04 3.94
O5 CIT C . -19.00 51.18 3.68
O6 CIT C . -19.71 49.19 3.04
#